data_5G4Z
# 
_entry.id   5G4Z 
# 
_audit_conform.dict_name       mmcif_pdbx.dic 
_audit_conform.dict_version    5.383 
_audit_conform.dict_location   http://mmcif.pdb.org/dictionaries/ascii/mmcif_pdbx.dic 
# 
loop_
_database_2.database_id 
_database_2.database_code 
_database_2.pdbx_database_accession 
_database_2.pdbx_DOI 
PDB   5G4Z         pdb_00005g4z 10.2210/pdb5g4z/pdb 
PDBE  EBI-66875    ?            ?                   
WWPDB D_1290066875 ?            ?                   
# 
loop_
_pdbx_audit_revision_history.ordinal 
_pdbx_audit_revision_history.data_content_type 
_pdbx_audit_revision_history.major_revision 
_pdbx_audit_revision_history.minor_revision 
_pdbx_audit_revision_history.revision_date 
1 'Structure model' 1 0 2017-03-29 
2 'Structure model' 1 1 2017-04-05 
3 'Structure model' 1 2 2019-05-08 
4 'Structure model' 1 3 2019-09-25 
5 'Structure model' 1 4 2024-01-10 
# 
_pdbx_audit_revision_details.ordinal             1 
_pdbx_audit_revision_details.revision_ordinal    1 
_pdbx_audit_revision_details.data_content_type   'Structure model' 
_pdbx_audit_revision_details.provider            repository 
_pdbx_audit_revision_details.type                'Initial release' 
_pdbx_audit_revision_details.description         ? 
_pdbx_audit_revision_details.details             ? 
# 
loop_
_pdbx_audit_revision_group.ordinal 
_pdbx_audit_revision_group.revision_ordinal 
_pdbx_audit_revision_group.data_content_type 
_pdbx_audit_revision_group.group 
1  2 'Structure model' 'Database references'      
2  3 'Structure model' 'Data collection'          
3  3 'Structure model' 'Experimental preparation' 
4  4 'Structure model' 'Data collection'          
5  4 'Structure model' 'Database references'      
6  4 'Structure model' Other                      
7  4 'Structure model' 'Source and taxonomy'      
8  4 'Structure model' 'Structure summary'        
9  5 'Structure model' 'Data collection'          
10 5 'Structure model' 'Database references'      
11 5 'Structure model' 'Refinement description'   
# 
loop_
_pdbx_audit_revision_category.ordinal 
_pdbx_audit_revision_category.revision_ordinal 
_pdbx_audit_revision_category.data_content_type 
_pdbx_audit_revision_category.category 
1  3 'Structure model' database_PDB_rev              
2  3 'Structure model' database_PDB_rev_record       
3  3 'Structure model' exptl_crystal_grow            
4  4 'Structure model' entity                        
5  4 'Structure model' entity_src_gen                
6  4 'Structure model' pdbx_database_status          
7  4 'Structure model' struct_ref                    
8  4 'Structure model' struct_ref_seq                
9  4 'Structure model' struct_ref_seq_dif            
10 5 'Structure model' chem_comp_atom                
11 5 'Structure model' chem_comp_bond                
12 5 'Structure model' database_2                    
13 5 'Structure model' pdbx_initial_refinement_model 
# 
loop_
_pdbx_audit_revision_item.ordinal 
_pdbx_audit_revision_item.revision_ordinal 
_pdbx_audit_revision_item.data_content_type 
_pdbx_audit_revision_item.item 
1  3 'Structure model' '_exptl_crystal_grow.method'                    
2  3 'Structure model' '_exptl_crystal_grow.temp'                      
3  4 'Structure model' '_entity.pdbx_description'                      
4  4 'Structure model' '_entity_src_gen.pdbx_beg_seq_num'              
5  4 'Structure model' '_entity_src_gen.pdbx_end_seq_num'              
6  4 'Structure model' '_entity_src_gen.pdbx_gene_src_gene'            
7  4 'Structure model' '_entity_src_gen.pdbx_gene_src_scientific_name' 
8  4 'Structure model' '_entity_src_gen.pdbx_seq_type'                 
9  4 'Structure model' '_pdbx_database_status.status_code_sf'          
10 4 'Structure model' '_struct_ref.db_code'                           
11 4 'Structure model' '_struct_ref.pdbx_align_begin'                  
12 4 'Structure model' '_struct_ref.pdbx_db_accession'                 
13 4 'Structure model' '_struct_ref.pdbx_seq_one_letter_code'          
14 4 'Structure model' '_struct_ref_seq.db_align_beg'                  
15 4 'Structure model' '_struct_ref_seq.db_align_end'                  
16 4 'Structure model' '_struct_ref_seq.pdbx_db_accession'             
17 5 'Structure model' '_database_2.pdbx_DOI'                          
18 5 'Structure model' '_database_2.pdbx_database_accession'           
# 
_pdbx_database_status.status_code                     REL 
_pdbx_database_status.entry_id                        5G4Z 
_pdbx_database_status.deposit_site                    PDBE 
_pdbx_database_status.process_site                    PDBE 
_pdbx_database_status.SG_entry                        . 
_pdbx_database_status.recvd_initial_deposition_date   2016-05-18 
_pdbx_database_status.pdb_format_compatible           Y 
_pdbx_database_status.status_code_sf                  REL 
_pdbx_database_status.status_code_mr                  ? 
_pdbx_database_status.status_code_cs                  ? 
_pdbx_database_status.methods_development_category    ? 
_pdbx_database_status.status_code_nmr_data            ? 
# 
_pdbx_database_related.db_name        PDB 
_pdbx_database_related.db_id          5G4Y 
_pdbx_database_related.content_type   unspecified 
_pdbx_database_related.details        'STRUCTURAL BASIS FOR CARBOXYLIC ACID RECOGNITION BY A CACHE CHEMOSENSORY DOMAIN.' 
# 
loop_
_audit_author.name 
_audit_author.pdbx_ordinal 
'Brewster, J.'     1 
'McKellar, J.L.O.' 2 
'Newman, J.'       3 
'Peat, T.S.'       4 
'Gerth, M.L.'      5 
# 
_citation.id                        primary 
_citation.title                     
'Structural basis for ligand recognition by a Cache chemosensory domain that mediates carboxylate sensing in Pseudomonas syringae.' 
_citation.journal_abbrev            'Sci Rep' 
_citation.journal_volume            6 
_citation.page_first                35198 
_citation.page_last                 35198 
_citation.year                      2016 
_citation.journal_id_ASTM           ? 
_citation.country                   UK 
_citation.journal_id_ISSN           2045-2322 
_citation.journal_id_CSD            ? 
_citation.book_publisher            ? 
_citation.pdbx_database_id_PubMed   27734909 
_citation.pdbx_database_id_DOI      10.1038/srep35198 
# 
loop_
_citation_author.citation_id 
_citation_author.name 
_citation_author.ordinal 
_citation_author.identifier_ORCID 
primary 'Brewster, J.L.' 1 ? 
primary 'McKellar, J.L.' 2 ? 
primary 'Finn, T.J.'     3 ? 
primary 'Newman, J.'     4 ? 
primary 'Peat, T.S.'     5 ? 
primary 'Gerth, M.L.'    6 ? 
# 
loop_
_entity.id 
_entity.type 
_entity.src_method 
_entity.pdbx_description 
_entity.formula_weight 
_entity.pdbx_number_of_molecules 
_entity.pdbx_ec 
_entity.pdbx_mutation 
_entity.pdbx_fragment 
_entity.details 
1 polymer     man 'Methyl-accepting chemotaxis sensory transducer with Cache sensor' 20182.893 1  ? ? 
'C2-CHEMORECEPTOR SENSOR DOMAIN RESIDUES 34-191' 
'N-TERMINAL DOMAIN (33 RESIDUES) AND C- TERMINAL DOMAIN (353 RESIDUES) REMOVED. JUST THE C2 CACHE SENSOR DOMAIN IS CRYSTALLIZED.' 
2 non-polymer syn 'UNKNOWN LIGAND'                                                   ?         1  ? ? ? ? 
3 non-polymer syn 'TRIETHYLENE GLYCOL'                                               150.173   1  ? ? ? ? 
4 water       nat water                                                              18.015    59 ? ? ? ? 
# 
_entity_poly.entity_id                      1 
_entity_poly.type                           'polypeptide(L)' 
_entity_poly.nstd_linkage                   no 
_entity_poly.nstd_monomer                   no 
_entity_poly.pdbx_seq_one_letter_code       
;MGSSHHHHHHSSGLVPRGSHMQTHEDLYRAKSEKTMHVVQTASGILTFYQGLEAAGSMTREAAQQQALKEIKGLRYSQND
YFWINDLRPVMIMHPTNPKLEGQDISTIKDPDGFAVFNEMVALVKSKGAGMVNYRWPKPGASEPVKKTSYVQLFQPWGWI
LGSGVYVDDVAAEFKTQLW
;
_entity_poly.pdbx_seq_one_letter_code_can   
;MGSSHHHHHHSSGLVPRGSHMQTHEDLYRAKSEKTMHVVQTASGILTFYQGLEAAGSMTREAAQQQALKEIKGLRYSQND
YFWINDLRPVMIMHPTNPKLEGQDISTIKDPDGFAVFNEMVALVKSKGAGMVNYRWPKPGASEPVKKTSYVQLFQPWGWI
LGSGVYVDDVAAEFKTQLW
;
_entity_poly.pdbx_strand_id                 A 
_entity_poly.pdbx_target_identifier         ? 
# 
loop_
_pdbx_entity_nonpoly.entity_id 
_pdbx_entity_nonpoly.name 
_pdbx_entity_nonpoly.comp_id 
2 'UNKNOWN LIGAND'     UNL 
3 'TRIETHYLENE GLYCOL' PGE 
4 water                HOH 
# 
loop_
_entity_poly_seq.entity_id 
_entity_poly_seq.num 
_entity_poly_seq.mon_id 
_entity_poly_seq.hetero 
1 1   MET n 
1 2   GLY n 
1 3   SER n 
1 4   SER n 
1 5   HIS n 
1 6   HIS n 
1 7   HIS n 
1 8   HIS n 
1 9   HIS n 
1 10  HIS n 
1 11  SER n 
1 12  SER n 
1 13  GLY n 
1 14  LEU n 
1 15  VAL n 
1 16  PRO n 
1 17  ARG n 
1 18  GLY n 
1 19  SER n 
1 20  HIS n 
1 21  MET n 
1 22  GLN n 
1 23  THR n 
1 24  HIS n 
1 25  GLU n 
1 26  ASP n 
1 27  LEU n 
1 28  TYR n 
1 29  ARG n 
1 30  ALA n 
1 31  LYS n 
1 32  SER n 
1 33  GLU n 
1 34  LYS n 
1 35  THR n 
1 36  MET n 
1 37  HIS n 
1 38  VAL n 
1 39  VAL n 
1 40  GLN n 
1 41  THR n 
1 42  ALA n 
1 43  SER n 
1 44  GLY n 
1 45  ILE n 
1 46  LEU n 
1 47  THR n 
1 48  PHE n 
1 49  TYR n 
1 50  GLN n 
1 51  GLY n 
1 52  LEU n 
1 53  GLU n 
1 54  ALA n 
1 55  ALA n 
1 56  GLY n 
1 57  SER n 
1 58  MET n 
1 59  THR n 
1 60  ARG n 
1 61  GLU n 
1 62  ALA n 
1 63  ALA n 
1 64  GLN n 
1 65  GLN n 
1 66  GLN n 
1 67  ALA n 
1 68  LEU n 
1 69  LYS n 
1 70  GLU n 
1 71  ILE n 
1 72  LYS n 
1 73  GLY n 
1 74  LEU n 
1 75  ARG n 
1 76  TYR n 
1 77  SER n 
1 78  GLN n 
1 79  ASN n 
1 80  ASP n 
1 81  TYR n 
1 82  PHE n 
1 83  TRP n 
1 84  ILE n 
1 85  ASN n 
1 86  ASP n 
1 87  LEU n 
1 88  ARG n 
1 89  PRO n 
1 90  VAL n 
1 91  MET n 
1 92  ILE n 
1 93  MET n 
1 94  HIS n 
1 95  PRO n 
1 96  THR n 
1 97  ASN n 
1 98  PRO n 
1 99  LYS n 
1 100 LEU n 
1 101 GLU n 
1 102 GLY n 
1 103 GLN n 
1 104 ASP n 
1 105 ILE n 
1 106 SER n 
1 107 THR n 
1 108 ILE n 
1 109 LYS n 
1 110 ASP n 
1 111 PRO n 
1 112 ASP n 
1 113 GLY n 
1 114 PHE n 
1 115 ALA n 
1 116 VAL n 
1 117 PHE n 
1 118 ASN n 
1 119 GLU n 
1 120 MET n 
1 121 VAL n 
1 122 ALA n 
1 123 LEU n 
1 124 VAL n 
1 125 LYS n 
1 126 SER n 
1 127 LYS n 
1 128 GLY n 
1 129 ALA n 
1 130 GLY n 
1 131 MET n 
1 132 VAL n 
1 133 ASN n 
1 134 TYR n 
1 135 ARG n 
1 136 TRP n 
1 137 PRO n 
1 138 LYS n 
1 139 PRO n 
1 140 GLY n 
1 141 ALA n 
1 142 SER n 
1 143 GLU n 
1 144 PRO n 
1 145 VAL n 
1 146 LYS n 
1 147 LYS n 
1 148 THR n 
1 149 SER n 
1 150 TYR n 
1 151 VAL n 
1 152 GLN n 
1 153 LEU n 
1 154 PHE n 
1 155 GLN n 
1 156 PRO n 
1 157 TRP n 
1 158 GLY n 
1 159 TRP n 
1 160 ILE n 
1 161 LEU n 
1 162 GLY n 
1 163 SER n 
1 164 GLY n 
1 165 VAL n 
1 166 TYR n 
1 167 VAL n 
1 168 ASP n 
1 169 ASP n 
1 170 VAL n 
1 171 ALA n 
1 172 ALA n 
1 173 GLU n 
1 174 PHE n 
1 175 LYS n 
1 176 THR n 
1 177 GLN n 
1 178 LEU n 
1 179 TRP n 
# 
_entity_src_gen.entity_id                          1 
_entity_src_gen.pdbx_src_id                        1 
_entity_src_gen.pdbx_alt_source_flag               sample 
_entity_src_gen.pdbx_seq_type                      'Biological sequence' 
_entity_src_gen.pdbx_beg_seq_num                   1 
_entity_src_gen.pdbx_end_seq_num                   179 
_entity_src_gen.gene_src_common_name               ? 
_entity_src_gen.gene_src_genus                     ? 
_entity_src_gen.pdbx_gene_src_gene                 BCD74_10458 
_entity_src_gen.gene_src_species                   ? 
_entity_src_gen.gene_src_strain                    ? 
_entity_src_gen.gene_src_tissue                    ? 
_entity_src_gen.gene_src_tissue_fraction           ? 
_entity_src_gen.gene_src_details                   ? 
_entity_src_gen.pdbx_gene_src_fragment             ? 
_entity_src_gen.pdbx_gene_src_scientific_name      'Pseudomonas syringae' 
_entity_src_gen.pdbx_gene_src_ncbi_taxonomy_id     317 
_entity_src_gen.pdbx_gene_src_variant              ? 
_entity_src_gen.pdbx_gene_src_cell_line            ? 
_entity_src_gen.pdbx_gene_src_atcc                 ? 
_entity_src_gen.pdbx_gene_src_organ                ? 
_entity_src_gen.pdbx_gene_src_organelle            ? 
_entity_src_gen.pdbx_gene_src_cell                 ? 
_entity_src_gen.pdbx_gene_src_cellular_location    ? 
_entity_src_gen.host_org_common_name               ? 
_entity_src_gen.pdbx_host_org_scientific_name      'ESCHERICHIA COLI' 
_entity_src_gen.pdbx_host_org_ncbi_taxonomy_id     469008 
_entity_src_gen.host_org_genus                     ? 
_entity_src_gen.pdbx_host_org_gene                 ? 
_entity_src_gen.pdbx_host_org_organ                ? 
_entity_src_gen.host_org_species                   ? 
_entity_src_gen.pdbx_host_org_tissue               ? 
_entity_src_gen.pdbx_host_org_tissue_fraction      ? 
_entity_src_gen.pdbx_host_org_strain               'BL21(DE3)' 
_entity_src_gen.pdbx_host_org_variant              ? 
_entity_src_gen.pdbx_host_org_cell_line            ? 
_entity_src_gen.pdbx_host_org_atcc                 ? 
_entity_src_gen.pdbx_host_org_culture_collection   ? 
_entity_src_gen.pdbx_host_org_cell                 ? 
_entity_src_gen.pdbx_host_org_organelle            ? 
_entity_src_gen.pdbx_host_org_cellular_location    ? 
_entity_src_gen.pdbx_host_org_vector_type          PLASMID 
_entity_src_gen.pdbx_host_org_vector               PET28 
_entity_src_gen.host_org_details                   ? 
_entity_src_gen.expression_system_id               ? 
_entity_src_gen.plasmid_name                       ? 
_entity_src_gen.plasmid_details                    ? 
_entity_src_gen.pdbx_description                   ? 
# 
loop_
_chem_comp.id 
_chem_comp.type 
_chem_comp.mon_nstd_flag 
_chem_comp.name 
_chem_comp.pdbx_synonyms 
_chem_comp.formula 
_chem_comp.formula_weight 
ALA 'L-peptide linking' y ALANINE              ? 'C3 H7 N O2'     89.093  
ARG 'L-peptide linking' y ARGININE             ? 'C6 H15 N4 O2 1' 175.209 
ASN 'L-peptide linking' y ASPARAGINE           ? 'C4 H8 N2 O3'    132.118 
ASP 'L-peptide linking' y 'ASPARTIC ACID'      ? 'C4 H7 N O4'     133.103 
GLN 'L-peptide linking' y GLUTAMINE            ? 'C5 H10 N2 O3'   146.144 
GLU 'L-peptide linking' y 'GLUTAMIC ACID'      ? 'C5 H9 N O4'     147.129 
GLY 'peptide linking'   y GLYCINE              ? 'C2 H5 N O2'     75.067  
HIS 'L-peptide linking' y HISTIDINE            ? 'C6 H10 N3 O2 1' 156.162 
HOH non-polymer         . WATER                ? 'H2 O'           18.015  
ILE 'L-peptide linking' y ISOLEUCINE           ? 'C6 H13 N O2'    131.173 
LEU 'L-peptide linking' y LEUCINE              ? 'C6 H13 N O2'    131.173 
LYS 'L-peptide linking' y LYSINE               ? 'C6 H15 N2 O2 1' 147.195 
MET 'L-peptide linking' y METHIONINE           ? 'C5 H11 N O2 S'  149.211 
PGE non-polymer         . 'TRIETHYLENE GLYCOL' ? 'C6 H14 O4'      150.173 
PHE 'L-peptide linking' y PHENYLALANINE        ? 'C9 H11 N O2'    165.189 
PRO 'L-peptide linking' y PROLINE              ? 'C5 H9 N O2'     115.130 
SER 'L-peptide linking' y SERINE               ? 'C3 H7 N O3'     105.093 
THR 'L-peptide linking' y THREONINE            ? 'C4 H9 N O3'     119.119 
TRP 'L-peptide linking' y TRYPTOPHAN           ? 'C11 H12 N2 O2'  204.225 
TYR 'L-peptide linking' y TYROSINE             ? 'C9 H11 N O3'    181.189 
UNL non-polymer         . 'UNKNOWN LIGAND'     ? ?                ?       
VAL 'L-peptide linking' y VALINE               ? 'C5 H11 N O2'    117.146 
# 
loop_
_pdbx_poly_seq_scheme.asym_id 
_pdbx_poly_seq_scheme.entity_id 
_pdbx_poly_seq_scheme.seq_id 
_pdbx_poly_seq_scheme.mon_id 
_pdbx_poly_seq_scheme.ndb_seq_num 
_pdbx_poly_seq_scheme.pdb_seq_num 
_pdbx_poly_seq_scheme.auth_seq_num 
_pdbx_poly_seq_scheme.pdb_mon_id 
_pdbx_poly_seq_scheme.auth_mon_id 
_pdbx_poly_seq_scheme.pdb_strand_id 
_pdbx_poly_seq_scheme.pdb_ins_code 
_pdbx_poly_seq_scheme.hetero 
A 1 1   MET 1   11  ?   ?   ?   A . n 
A 1 2   GLY 2   12  ?   ?   ?   A . n 
A 1 3   SER 3   13  ?   ?   ?   A . n 
A 1 4   SER 4   14  ?   ?   ?   A . n 
A 1 5   HIS 5   15  ?   ?   ?   A . n 
A 1 6   HIS 6   16  ?   ?   ?   A . n 
A 1 7   HIS 7   17  ?   ?   ?   A . n 
A 1 8   HIS 8   18  ?   ?   ?   A . n 
A 1 9   HIS 9   19  ?   ?   ?   A . n 
A 1 10  HIS 10  20  ?   ?   ?   A . n 
A 1 11  SER 11  21  ?   ?   ?   A . n 
A 1 12  SER 12  22  ?   ?   ?   A . n 
A 1 13  GLY 13  23  ?   ?   ?   A . n 
A 1 14  LEU 14  24  ?   ?   ?   A . n 
A 1 15  VAL 15  25  ?   ?   ?   A . n 
A 1 16  PRO 16  26  ?   ?   ?   A . n 
A 1 17  ARG 17  27  ?   ?   ?   A . n 
A 1 18  GLY 18  28  ?   ?   ?   A . n 
A 1 19  SER 19  29  ?   ?   ?   A . n 
A 1 20  HIS 20  30  ?   ?   ?   A . n 
A 1 21  MET 21  31  ?   ?   ?   A . n 
A 1 22  GLN 22  32  32  GLN GLN A . n 
A 1 23  THR 23  33  33  THR THR A . n 
A 1 24  HIS 24  34  34  HIS HIS A . n 
A 1 25  GLU 25  35  35  GLU GLU A . n 
A 1 26  ASP 26  36  36  ASP ASP A . n 
A 1 27  LEU 27  37  37  LEU LEU A . n 
A 1 28  TYR 28  38  38  TYR TYR A . n 
A 1 29  ARG 29  39  39  ARG ARG A . n 
A 1 30  ALA 30  40  40  ALA ALA A . n 
A 1 31  LYS 31  41  41  LYS LYS A . n 
A 1 32  SER 32  42  42  SER SER A . n 
A 1 33  GLU 33  43  43  GLU GLU A . n 
A 1 34  LYS 34  44  44  LYS LYS A . n 
A 1 35  THR 35  45  45  THR THR A . n 
A 1 36  MET 36  46  46  MET MET A . n 
A 1 37  HIS 37  47  47  HIS HIS A . n 
A 1 38  VAL 38  48  48  VAL VAL A . n 
A 1 39  VAL 39  49  49  VAL VAL A . n 
A 1 40  GLN 40  50  50  GLN GLN A . n 
A 1 41  THR 41  51  51  THR THR A . n 
A 1 42  ALA 42  52  52  ALA ALA A . n 
A 1 43  SER 43  53  53  SER SER A . n 
A 1 44  GLY 44  54  54  GLY GLY A . n 
A 1 45  ILE 45  55  55  ILE ILE A . n 
A 1 46  LEU 46  56  56  LEU LEU A . n 
A 1 47  THR 47  57  57  THR THR A . n 
A 1 48  PHE 48  58  58  PHE PHE A . n 
A 1 49  TYR 49  59  59  TYR TYR A . n 
A 1 50  GLN 50  60  60  GLN GLN A . n 
A 1 51  GLY 51  61  61  GLY GLY A . n 
A 1 52  LEU 52  62  62  LEU LEU A . n 
A 1 53  GLU 53  63  63  GLU GLU A . n 
A 1 54  ALA 54  64  64  ALA ALA A . n 
A 1 55  ALA 55  65  65  ALA ALA A . n 
A 1 56  GLY 56  66  66  GLY GLY A . n 
A 1 57  SER 57  67  67  SER SER A . n 
A 1 58  MET 58  68  68  MET MET A . n 
A 1 59  THR 59  69  69  THR THR A . n 
A 1 60  ARG 60  70  70  ARG ARG A . n 
A 1 61  GLU 61  71  71  GLU GLU A . n 
A 1 62  ALA 62  72  72  ALA ALA A . n 
A 1 63  ALA 63  73  73  ALA ALA A . n 
A 1 64  GLN 64  74  74  GLN GLN A . n 
A 1 65  GLN 65  75  75  GLN GLN A . n 
A 1 66  GLN 66  76  76  GLN GLN A . n 
A 1 67  ALA 67  77  77  ALA ALA A . n 
A 1 68  LEU 68  78  78  LEU LEU A . n 
A 1 69  LYS 69  79  79  LYS LYS A . n 
A 1 70  GLU 70  80  80  GLU GLU A . n 
A 1 71  ILE 71  81  81  ILE ILE A . n 
A 1 72  LYS 72  82  82  LYS LYS A . n 
A 1 73  GLY 73  83  83  GLY GLY A . n 
A 1 74  LEU 74  84  84  LEU LEU A . n 
A 1 75  ARG 75  85  85  ARG ARG A . n 
A 1 76  TYR 76  86  86  TYR TYR A . n 
A 1 77  SER 77  87  87  SER SER A . n 
A 1 78  GLN 78  88  88  GLN GLN A . n 
A 1 79  ASN 79  89  89  ASN ASN A . n 
A 1 80  ASP 80  90  90  ASP ASP A . n 
A 1 81  TYR 81  91  91  TYR TYR A . n 
A 1 82  PHE 82  92  92  PHE PHE A . n 
A 1 83  TRP 83  93  93  TRP TRP A . n 
A 1 84  ILE 84  94  94  ILE ILE A . n 
A 1 85  ASN 85  95  95  ASN ASN A . n 
A 1 86  ASP 86  96  96  ASP ASP A . n 
A 1 87  LEU 87  97  97  LEU LEU A . n 
A 1 88  ARG 88  98  98  ARG ARG A . n 
A 1 89  PRO 89  99  99  PRO PRO A . n 
A 1 90  VAL 90  100 100 VAL VAL A . n 
A 1 91  MET 91  101 101 MET MET A . n 
A 1 92  ILE 92  102 102 ILE ILE A . n 
A 1 93  MET 93  103 103 MET MET A . n 
A 1 94  HIS 94  104 104 HIS HIS A . n 
A 1 95  PRO 95  105 105 PRO PRO A . n 
A 1 96  THR 96  106 106 THR THR A . n 
A 1 97  ASN 97  107 107 ASN ASN A . n 
A 1 98  PRO 98  108 108 PRO PRO A . n 
A 1 99  LYS 99  109 109 LYS LYS A . n 
A 1 100 LEU 100 110 110 LEU LEU A . n 
A 1 101 GLU 101 111 111 GLU GLU A . n 
A 1 102 GLY 102 112 112 GLY GLY A . n 
A 1 103 GLN 103 113 113 GLN GLN A . n 
A 1 104 ASP 104 114 114 ASP ASP A . n 
A 1 105 ILE 105 115 115 ILE ILE A . n 
A 1 106 SER 106 116 116 SER SER A . n 
A 1 107 THR 107 117 117 THR THR A . n 
A 1 108 ILE 108 118 118 ILE ILE A . n 
A 1 109 LYS 109 119 119 LYS LYS A . n 
A 1 110 ASP 110 120 120 ASP ASP A . n 
A 1 111 PRO 111 121 121 PRO PRO A . n 
A 1 112 ASP 112 122 122 ASP ASP A . n 
A 1 113 GLY 113 123 123 GLY GLY A . n 
A 1 114 PHE 114 124 124 PHE PHE A . n 
A 1 115 ALA 115 125 125 ALA ALA A . n 
A 1 116 VAL 116 126 126 VAL VAL A . n 
A 1 117 PHE 117 127 127 PHE PHE A . n 
A 1 118 ASN 118 128 128 ASN ASN A . n 
A 1 119 GLU 119 129 129 GLU GLU A . n 
A 1 120 MET 120 130 130 MET MET A . n 
A 1 121 VAL 121 131 131 VAL VAL A . n 
A 1 122 ALA 122 132 132 ALA ALA A . n 
A 1 123 LEU 123 133 133 LEU LEU A . n 
A 1 124 VAL 124 134 134 VAL VAL A . n 
A 1 125 LYS 125 135 135 LYS LYS A . n 
A 1 126 SER 126 136 136 SER SER A . n 
A 1 127 LYS 127 137 137 LYS LYS A . n 
A 1 128 GLY 128 138 138 GLY GLY A . n 
A 1 129 ALA 129 139 139 ALA ALA A . n 
A 1 130 GLY 130 140 140 GLY GLY A . n 
A 1 131 MET 131 141 141 MET MET A . n 
A 1 132 VAL 132 142 142 VAL VAL A . n 
A 1 133 ASN 133 143 143 ASN ASN A . n 
A 1 134 TYR 134 144 144 TYR TYR A . n 
A 1 135 ARG 135 145 145 ARG ARG A . n 
A 1 136 TRP 136 146 146 TRP TRP A . n 
A 1 137 PRO 137 147 147 PRO PRO A . n 
A 1 138 LYS 138 148 148 LYS LYS A . n 
A 1 139 PRO 139 149 149 PRO PRO A . n 
A 1 140 GLY 140 150 150 GLY GLY A . n 
A 1 141 ALA 141 151 151 ALA ALA A . n 
A 1 142 SER 142 152 152 SER SER A . n 
A 1 143 GLU 143 153 153 GLU GLU A . n 
A 1 144 PRO 144 154 154 PRO PRO A . n 
A 1 145 VAL 145 155 155 VAL VAL A . n 
A 1 146 LYS 146 156 156 LYS LYS A . n 
A 1 147 LYS 147 157 157 LYS LYS A . n 
A 1 148 THR 148 158 158 THR THR A . n 
A 1 149 SER 149 159 159 SER SER A . n 
A 1 150 TYR 150 160 160 TYR TYR A . n 
A 1 151 VAL 151 161 161 VAL VAL A . n 
A 1 152 GLN 152 162 162 GLN GLN A . n 
A 1 153 LEU 153 163 163 LEU LEU A . n 
A 1 154 PHE 154 164 164 PHE PHE A . n 
A 1 155 GLN 155 165 165 GLN GLN A . n 
A 1 156 PRO 156 166 166 PRO PRO A . n 
A 1 157 TRP 157 167 167 TRP TRP A . n 
A 1 158 GLY 158 168 168 GLY GLY A . n 
A 1 159 TRP 159 169 169 TRP TRP A . n 
A 1 160 ILE 160 170 170 ILE ILE A . n 
A 1 161 LEU 161 171 171 LEU LEU A . n 
A 1 162 GLY 162 172 172 GLY GLY A . n 
A 1 163 SER 163 173 173 SER SER A . n 
A 1 164 GLY 164 174 174 GLY GLY A . n 
A 1 165 VAL 165 175 175 VAL VAL A . n 
A 1 166 TYR 166 176 176 TYR TYR A . n 
A 1 167 VAL 167 177 177 VAL VAL A . n 
A 1 168 ASP 168 178 178 ASP ASP A . n 
A 1 169 ASP 169 179 ?   ?   ?   A . n 
A 1 170 VAL 170 180 ?   ?   ?   A . n 
A 1 171 ALA 171 181 ?   ?   ?   A . n 
A 1 172 ALA 172 182 ?   ?   ?   A . n 
A 1 173 GLU 173 183 ?   ?   ?   A . n 
A 1 174 PHE 174 184 ?   ?   ?   A . n 
A 1 175 LYS 175 185 ?   ?   ?   A . n 
A 1 176 THR 176 186 ?   ?   ?   A . n 
A 1 177 GLN 177 187 ?   ?   ?   A . n 
A 1 178 LEU 178 188 ?   ?   ?   A . n 
A 1 179 TRP 179 189 ?   ?   ?   A . n 
# 
loop_
_pdbx_nonpoly_scheme.asym_id 
_pdbx_nonpoly_scheme.entity_id 
_pdbx_nonpoly_scheme.mon_id 
_pdbx_nonpoly_scheme.ndb_seq_num 
_pdbx_nonpoly_scheme.pdb_seq_num 
_pdbx_nonpoly_scheme.auth_seq_num 
_pdbx_nonpoly_scheme.pdb_mon_id 
_pdbx_nonpoly_scheme.auth_mon_id 
_pdbx_nonpoly_scheme.pdb_strand_id 
_pdbx_nonpoly_scheme.pdb_ins_code 
B 2 UNL 1  1179 1179 UNL UNL A . 
C 3 PGE 1  1180 1180 PGE PGE A . 
D 4 HOH 1  2001 2001 HOH HOH A . 
D 4 HOH 2  2002 2002 HOH HOH A . 
D 4 HOH 3  2003 2003 HOH HOH A . 
D 4 HOH 4  2004 2004 HOH HOH A . 
D 4 HOH 5  2005 2005 HOH HOH A . 
D 4 HOH 6  2006 2006 HOH HOH A . 
D 4 HOH 7  2007 2007 HOH HOH A . 
D 4 HOH 8  2008 2008 HOH HOH A . 
D 4 HOH 9  2009 2009 HOH HOH A . 
D 4 HOH 10 2010 2010 HOH HOH A . 
D 4 HOH 11 2011 2011 HOH HOH A . 
D 4 HOH 12 2012 2012 HOH HOH A . 
D 4 HOH 13 2013 2013 HOH HOH A . 
D 4 HOH 14 2014 2014 HOH HOH A . 
D 4 HOH 15 2015 2015 HOH HOH A . 
D 4 HOH 16 2016 2016 HOH HOH A . 
D 4 HOH 17 2017 2017 HOH HOH A . 
D 4 HOH 18 2018 2018 HOH HOH A . 
D 4 HOH 19 2019 2019 HOH HOH A . 
D 4 HOH 20 2020 2020 HOH HOH A . 
D 4 HOH 21 2021 2021 HOH HOH A . 
D 4 HOH 22 2022 2022 HOH HOH A . 
D 4 HOH 23 2023 2023 HOH HOH A . 
D 4 HOH 24 2024 2024 HOH HOH A . 
D 4 HOH 25 2025 2025 HOH HOH A . 
D 4 HOH 26 2026 2026 HOH HOH A . 
D 4 HOH 27 2027 2027 HOH HOH A . 
D 4 HOH 28 2028 2028 HOH HOH A . 
D 4 HOH 29 2029 2029 HOH HOH A . 
D 4 HOH 30 2030 2030 HOH HOH A . 
D 4 HOH 31 2031 2031 HOH HOH A . 
D 4 HOH 32 2032 2032 HOH HOH A . 
D 4 HOH 33 2033 2033 HOH HOH A . 
D 4 HOH 34 2034 2034 HOH HOH A . 
D 4 HOH 35 2035 2035 HOH HOH A . 
D 4 HOH 36 2036 2036 HOH HOH A . 
D 4 HOH 37 2037 2037 HOH HOH A . 
D 4 HOH 38 2038 2038 HOH HOH A . 
D 4 HOH 39 2039 2039 HOH HOH A . 
D 4 HOH 40 2040 2040 HOH HOH A . 
D 4 HOH 41 2041 2041 HOH HOH A . 
D 4 HOH 42 2042 2042 HOH HOH A . 
D 4 HOH 43 2043 2043 HOH HOH A . 
D 4 HOH 44 2044 2044 HOH HOH A . 
D 4 HOH 45 2045 2045 HOH HOH A . 
D 4 HOH 46 2046 2046 HOH HOH A . 
D 4 HOH 47 2047 2047 HOH HOH A . 
D 4 HOH 48 2048 2048 HOH HOH A . 
D 4 HOH 49 2049 2049 HOH HOH A . 
D 4 HOH 50 2050 2050 HOH HOH A . 
D 4 HOH 51 2051 2051 HOH HOH A . 
D 4 HOH 52 2052 2052 HOH HOH A . 
D 4 HOH 53 2053 2053 HOH HOH A . 
D 4 HOH 54 2054 2054 HOH HOH A . 
D 4 HOH 55 2055 2055 HOH HOH A . 
D 4 HOH 56 2056 2056 HOH HOH A . 
D 4 HOH 57 2057 2057 HOH HOH A . 
D 4 HOH 58 2058 2058 HOH HOH A . 
D 4 HOH 59 2059 2059 HOH HOH A . 
# 
loop_
_software.name 
_software.classification 
_software.version 
_software.citation_id 
_software.pdbx_ordinal 
REFMAC  refinement       5.8.0135 ? 1 
XDS     'data reduction' .        ? 2 
Aimless 'data scaling'   .        ? 3 
PHASER  phasing          .        ? 4 
# 
_cell.entry_id           5G4Z 
_cell.length_a           73.428 
_cell.length_b           73.428 
_cell.length_c           74.923 
_cell.angle_alpha        90.00 
_cell.angle_beta         90.00 
_cell.angle_gamma        120.00 
_cell.Z_PDB              6 
_cell.pdbx_unique_axis   ? 
# 
_symmetry.entry_id                         5G4Z 
_symmetry.space_group_name_H-M             'P 64' 
_symmetry.pdbx_full_space_group_name_H-M   ? 
_symmetry.cell_setting                     ? 
_symmetry.Int_Tables_number                172 
# 
_exptl.entry_id          5G4Z 
_exptl.method            'X-RAY DIFFRACTION' 
_exptl.crystals_number   1 
# 
_exptl_crystal.id                    1 
_exptl_crystal.density_meas          ? 
_exptl_crystal.density_Matthews      3.53 
_exptl_crystal.density_percent_sol   65.1 
_exptl_crystal.description           NONE 
# 
_exptl_crystal_grow.crystal_id      1 
_exptl_crystal_grow.method          'VAPOR DIFFUSION, SITTING DROP' 
_exptl_crystal_grow.temp            293 
_exptl_crystal_grow.temp_details    ? 
_exptl_crystal_grow.pH              6.5 
_exptl_crystal_grow.pdbx_pH_range   ? 
_exptl_crystal_grow.pdbx_details    
;PROTEIN AT 8.5 MG/ML IN 50 MM BISTRIS CHLORIDE, PH 6.5, 50 MM SODIUM CHLORIDE IN EQUAL VOLUME WITH 27% PEG 4000 AND 3% SUCROSE AT 20 C IN SITTING DROP PLATES. CRYSTALS WERE LATER SOAKED IN RESERVOIR SOLUTION WITH 40 MM NEUTRALIZED PROPIONATE.
;
# 
_diffrn.id                     1 
_diffrn.ambient_temp           100 
_diffrn.ambient_temp_details   ? 
_diffrn.crystal_id             1 
# 
_diffrn_detector.diffrn_id              1 
_diffrn_detector.detector               CCD 
_diffrn_detector.type                   'ADSC CCD' 
_diffrn_detector.pdbx_collection_date   2016-02-19 
_diffrn_detector.details                ? 
# 
_diffrn_radiation.diffrn_id                        1 
_diffrn_radiation.wavelength_id                    1 
_diffrn_radiation.pdbx_monochromatic_or_laue_m_l   M 
_diffrn_radiation.monochromator                    ? 
_diffrn_radiation.pdbx_diffrn_protocol             'SINGLE WAVELENGTH' 
_diffrn_radiation.pdbx_scattering_type             x-ray 
# 
_diffrn_radiation_wavelength.id           1 
_diffrn_radiation_wavelength.wavelength   0.9537 
_diffrn_radiation_wavelength.wt           1.0 
# 
_diffrn_source.diffrn_id                   1 
_diffrn_source.source                      SYNCHROTRON 
_diffrn_source.type                        'AUSTRALIAN SYNCHROTRON BEAMLINE MX2' 
_diffrn_source.pdbx_synchrotron_site       'Australian Synchrotron' 
_diffrn_source.pdbx_synchrotron_beamline   MX2 
_diffrn_source.pdbx_wavelength             0.9537 
_diffrn_source.pdbx_wavelength_list        ? 
# 
_reflns.pdbx_diffrn_id               1 
_reflns.pdbx_ordinal                 1 
_reflns.entry_id                     5G4Z 
_reflns.observed_criterion_sigma_I   0.0 
_reflns.observed_criterion_sigma_F   ? 
_reflns.d_resolution_low             48.50 
_reflns.d_resolution_high            1.98 
_reflns.number_obs                   16058 
_reflns.number_all                   ? 
_reflns.percent_possible_obs         100.0 
_reflns.pdbx_Rmerge_I_obs            0.09 
_reflns.pdbx_Rsym_value              ? 
_reflns.pdbx_netI_over_sigmaI        18.70 
_reflns.B_iso_Wilson_estimate        ? 
_reflns.pdbx_redundancy              11.1 
# 
_reflns_shell.pdbx_diffrn_id         1 
_reflns_shell.pdbx_ordinal           1 
_reflns_shell.d_res_high             1.98 
_reflns_shell.d_res_low              2.03 
_reflns_shell.percent_possible_all   100.0 
_reflns_shell.Rmerge_I_obs           0.88 
_reflns_shell.pdbx_Rsym_value        ? 
_reflns_shell.meanI_over_sigI_obs    3.30 
_reflns_shell.pdbx_redundancy        11.2 
# 
_refine.pdbx_refine_id                           'X-RAY DIFFRACTION' 
_refine.entry_id                                 5G4Z 
_refine.pdbx_diffrn_id                           1 
_refine.pdbx_TLS_residual_ADP_flag               ? 
_refine.ls_number_reflns_obs                     15189 
_refine.ls_number_reflns_all                     ? 
_refine.pdbx_ls_sigma_I                          ? 
_refine.pdbx_ls_sigma_F                          . 
_refine.pdbx_data_cutoff_high_absF               ? 
_refine.pdbx_data_cutoff_low_absF                ? 
_refine.pdbx_data_cutoff_high_rms_absF           ? 
_refine.ls_d_res_low                             63.59 
_refine.ls_d_res_high                            1.98 
_refine.ls_percent_reflns_obs                    99.97 
_refine.ls_R_factor_obs                          0.15785 
_refine.ls_R_factor_all                          ? 
_refine.ls_R_factor_R_work                       0.15669 
_refine.ls_R_factor_R_free                       0.17741 
_refine.ls_R_factor_R_free_error                 ? 
_refine.ls_R_factor_R_free_error_details         ? 
_refine.ls_percent_reflns_R_free                 5.3 
_refine.ls_number_reflns_R_free                  842 
_refine.ls_number_parameters                     ? 
_refine.ls_number_restraints                     ? 
_refine.occupancy_min                            ? 
_refine.occupancy_max                            ? 
_refine.correlation_coeff_Fo_to_Fc               0.970 
_refine.correlation_coeff_Fo_to_Fc_free          0.962 
_refine.B_iso_mean                               37.333 
_refine.aniso_B[1][1]                            1.48 
_refine.aniso_B[2][2]                            1.48 
_refine.aniso_B[3][3]                            -4.80 
_refine.aniso_B[1][2]                            0.74 
_refine.aniso_B[1][3]                            0.00 
_refine.aniso_B[2][3]                            0.00 
_refine.solvent_model_details                    MASK 
_refine.solvent_model_param_ksol                 ? 
_refine.solvent_model_param_bsol                 ? 
_refine.pdbx_solvent_vdw_probe_radii             1.20 
_refine.pdbx_solvent_ion_probe_radii             0.80 
_refine.pdbx_solvent_shrinkage_radii             0.80 
_refine.pdbx_ls_cross_valid_method               THROUGHOUT 
_refine.details                                  'HYDROGENS HAVE BEEN ADDED IN THE RIDING POSITIONS. U VALUES REFINED INDIVIDUALLY' 
_refine.pdbx_starting_model                      'PDB ENTRY 5G4Y' 
_refine.pdbx_method_to_determine_struct          'MOLECULAR REPLACEMENT' 
_refine.pdbx_isotropic_thermal_model             ? 
_refine.pdbx_stereochemistry_target_values       'MAXIMUM LIKELIHOOD' 
_refine.pdbx_stereochem_target_val_spec_case     ? 
_refine.pdbx_R_Free_selection_details            RANDOM 
_refine.pdbx_overall_ESU_R                       0.112 
_refine.pdbx_overall_ESU_R_Free                  0.103 
_refine.overall_SU_ML                            0.084 
_refine.pdbx_overall_phase_error                 ? 
_refine.overall_SU_B                             3.109 
_refine.overall_SU_R_Cruickshank_DPI             ? 
_refine.pdbx_overall_SU_R_free_Cruickshank_DPI   ? 
_refine.pdbx_overall_SU_R_Blow_DPI               ? 
_refine.pdbx_overall_SU_R_free_Blow_DPI          ? 
# 
_refine_hist.pdbx_refine_id                   'X-RAY DIFFRACTION' 
_refine_hist.cycle_id                         LAST 
_refine_hist.pdbx_number_atoms_protein        1167 
_refine_hist.pdbx_number_atoms_nucleic_acid   0 
_refine_hist.pdbx_number_atoms_ligand         15 
_refine_hist.number_atoms_solvent             59 
_refine_hist.number_atoms_total               1241 
_refine_hist.d_res_high                       1.98 
_refine_hist.d_res_low                        63.59 
# 
loop_
_refine_ls_restr.type 
_refine_ls_restr.dev_ideal 
_refine_ls_restr.dev_ideal_target 
_refine_ls_restr.weight 
_refine_ls_restr.number 
_refine_ls_restr.pdbx_refine_id 
_refine_ls_restr.pdbx_restraint_function 
r_bond_refined_d             0.020  0.019  ? 1238 'X-RAY DIFFRACTION' ? 
r_bond_other_d               0.002  0.020  ? 1173 'X-RAY DIFFRACTION' ? 
r_angle_refined_deg          1.972  1.953  ? 1676 'X-RAY DIFFRACTION' ? 
r_angle_other_deg            1.043  3.000  ? 2707 'X-RAY DIFFRACTION' ? 
r_dihedral_angle_1_deg       6.491  5.000  ? 152  'X-RAY DIFFRACTION' ? 
r_dihedral_angle_2_deg       35.759 24.821 ? 56   'X-RAY DIFFRACTION' ? 
r_dihedral_angle_3_deg       14.462 15.000 ? 211  'X-RAY DIFFRACTION' ? 
r_dihedral_angle_4_deg       17.944 15.000 ? 5    'X-RAY DIFFRACTION' ? 
r_chiral_restr               0.123  0.200  ? 175  'X-RAY DIFFRACTION' ? 
r_gen_planes_refined         0.011  0.021  ? 1407 'X-RAY DIFFRACTION' ? 
r_gen_planes_other           0.002  0.020  ? 284  'X-RAY DIFFRACTION' ? 
r_nbd_refined                ?      ?      ? ?    'X-RAY DIFFRACTION' ? 
r_nbd_other                  ?      ?      ? ?    'X-RAY DIFFRACTION' ? 
r_nbtor_refined              ?      ?      ? ?    'X-RAY DIFFRACTION' ? 
r_nbtor_other                ?      ?      ? ?    'X-RAY DIFFRACTION' ? 
r_xyhbond_nbd_refined        ?      ?      ? ?    'X-RAY DIFFRACTION' ? 
r_xyhbond_nbd_other          ?      ?      ? ?    'X-RAY DIFFRACTION' ? 
r_metal_ion_refined          ?      ?      ? ?    'X-RAY DIFFRACTION' ? 
r_metal_ion_other            ?      ?      ? ?    'X-RAY DIFFRACTION' ? 
r_symmetry_vdw_refined       ?      ?      ? ?    'X-RAY DIFFRACTION' ? 
r_symmetry_vdw_other         ?      ?      ? ?    'X-RAY DIFFRACTION' ? 
r_symmetry_hbond_refined     ?      ?      ? ?    'X-RAY DIFFRACTION' ? 
r_symmetry_hbond_other       ?      ?      ? ?    'X-RAY DIFFRACTION' ? 
r_symmetry_metal_ion_refined ?      ?      ? ?    'X-RAY DIFFRACTION' ? 
r_symmetry_metal_ion_other   ?      ?      ? ?    'X-RAY DIFFRACTION' ? 
r_mcbond_it                  3.194  3.426  ? 602  'X-RAY DIFFRACTION' ? 
r_mcbond_other               3.190  3.420  ? 601  'X-RAY DIFFRACTION' ? 
r_mcangle_it                 4.224  5.101  ? 756  'X-RAY DIFFRACTION' ? 
r_mcangle_other              ?      ?      ? ?    'X-RAY DIFFRACTION' ? 
r_scbond_it                  4.175  3.841  ? 636  'X-RAY DIFFRACTION' ? 
r_scbond_other               ?      ?      ? ?    'X-RAY DIFFRACTION' ? 
r_scangle_it                 ?      ?      ? ?    'X-RAY DIFFRACTION' ? 
r_scangle_other              ?      ?      ? ?    'X-RAY DIFFRACTION' ? 
r_long_range_B_refined       ?      ?      ? ?    'X-RAY DIFFRACTION' ? 
r_long_range_B_other         ?      ?      ? ?    'X-RAY DIFFRACTION' ? 
r_rigid_bond_restr           ?      ?      ? ?    'X-RAY DIFFRACTION' ? 
r_sphericity_free            ?      ?      ? ?    'X-RAY DIFFRACTION' ? 
r_sphericity_bonded          ?      ?      ? ?    'X-RAY DIFFRACTION' ? 
# 
_refine_ls_shell.pdbx_refine_id                   'X-RAY DIFFRACTION' 
_refine_ls_shell.pdbx_total_number_of_bins_used   20 
_refine_ls_shell.d_res_high                       1.980 
_refine_ls_shell.d_res_low                        2.031 
_refine_ls_shell.number_reflns_R_work             1117 
_refine_ls_shell.R_factor_R_work                  0.237 
_refine_ls_shell.percent_reflns_obs               99.83 
_refine_ls_shell.R_factor_R_free                  0.183 
_refine_ls_shell.R_factor_R_free_error            ? 
_refine_ls_shell.percent_reflns_R_free            ? 
_refine_ls_shell.number_reflns_R_free             39 
_refine_ls_shell.number_reflns_all                ? 
_refine_ls_shell.R_factor_all                     ? 
# 
_struct.entry_id                  5G4Z 
_struct.title                     'Structural basis for carboxylic acid recognition by a Cache chemosensory domain.' 
_struct.pdbx_model_details        ? 
_struct.pdbx_CASP_flag            ? 
_struct.pdbx_model_type_details   ? 
# 
_struct_keywords.entry_id        5G4Z 
_struct_keywords.pdbx_keywords   'SIGNALING PROTEIN' 
_struct_keywords.text            
;SIGNALING PROTEIN, CHEMOTAXIS, CHEMORECEPTORS, LIGAND BINDING DOMAINS, METHYL- ACCEPTING CHEMOTAXIS PROTEINS, PSEUDOMONAS SYRINGAE PV. ACTINIDIAE
;
# 
loop_
_struct_asym.id 
_struct_asym.pdbx_blank_PDB_chainid_flag 
_struct_asym.pdbx_modified 
_struct_asym.entity_id 
_struct_asym.details 
A N N 1 ? 
B N N 2 ? 
C N N 3 ? 
D N N 4 ? 
# 
_struct_ref.id                         1 
_struct_ref.db_name                    UNP 
_struct_ref.db_code                    A0A2S3VA52_PSESX 
_struct_ref.pdbx_db_accession          A0A2S3VA52 
_struct_ref.pdbx_db_isoform            ? 
_struct_ref.entity_id                  1 
_struct_ref.pdbx_seq_one_letter_code   
;QTHEDLYRAKSEKTMHVVQTASGILTFYQGLEAAGSMTREAAQQQALKEIKGLRYSQNDYFWINDLRPVMIMHPTNPKLE
GQDISTIRDPDGFAVFNEMVALVKSKGAGMVNYRWPKPGASEPVKKTSYVQLFQPWGWILGSGVYVDDVAAEFKTQLW
;
_struct_ref.pdbx_align_begin           31 
# 
_struct_ref_seq.align_id                      1 
_struct_ref_seq.ref_id                        1 
_struct_ref_seq.pdbx_PDB_id_code              5G4Z 
_struct_ref_seq.pdbx_strand_id                A 
_struct_ref_seq.seq_align_beg                 22 
_struct_ref_seq.pdbx_seq_align_beg_ins_code   ? 
_struct_ref_seq.seq_align_end                 179 
_struct_ref_seq.pdbx_seq_align_end_ins_code   ? 
_struct_ref_seq.pdbx_db_accession             A0A2S3VA52 
_struct_ref_seq.db_align_beg                  31 
_struct_ref_seq.pdbx_db_align_beg_ins_code    ? 
_struct_ref_seq.db_align_end                  188 
_struct_ref_seq.pdbx_db_align_end_ins_code    ? 
_struct_ref_seq.pdbx_auth_seq_align_beg       32 
_struct_ref_seq.pdbx_auth_seq_align_end       189 
# 
loop_
_struct_ref_seq_dif.align_id 
_struct_ref_seq_dif.pdbx_pdb_id_code 
_struct_ref_seq_dif.mon_id 
_struct_ref_seq_dif.pdbx_pdb_strand_id 
_struct_ref_seq_dif.seq_num 
_struct_ref_seq_dif.pdbx_pdb_ins_code 
_struct_ref_seq_dif.pdbx_seq_db_name 
_struct_ref_seq_dif.pdbx_seq_db_accession_code 
_struct_ref_seq_dif.db_mon_id 
_struct_ref_seq_dif.pdbx_seq_db_seq_num 
_struct_ref_seq_dif.details 
_struct_ref_seq_dif.pdbx_auth_seq_num 
_struct_ref_seq_dif.pdbx_ordinal 
1 5G4Z MET A 1   ? UNP A0A2S3VA52 ?   ?   'initiating methionine' 11  1  
1 5G4Z GLY A 2   ? UNP A0A2S3VA52 ?   ?   'expression tag'        12  2  
1 5G4Z SER A 3   ? UNP A0A2S3VA52 ?   ?   'expression tag'        13  3  
1 5G4Z SER A 4   ? UNP A0A2S3VA52 ?   ?   'expression tag'        14  4  
1 5G4Z HIS A 5   ? UNP A0A2S3VA52 ?   ?   'expression tag'        15  5  
1 5G4Z HIS A 6   ? UNP A0A2S3VA52 ?   ?   'expression tag'        16  6  
1 5G4Z HIS A 7   ? UNP A0A2S3VA52 ?   ?   'expression tag'        17  7  
1 5G4Z HIS A 8   ? UNP A0A2S3VA52 ?   ?   'expression tag'        18  8  
1 5G4Z HIS A 9   ? UNP A0A2S3VA52 ?   ?   'expression tag'        19  9  
1 5G4Z HIS A 10  ? UNP A0A2S3VA52 ?   ?   'expression tag'        20  10 
1 5G4Z SER A 11  ? UNP A0A2S3VA52 ?   ?   'expression tag'        21  11 
1 5G4Z SER A 12  ? UNP A0A2S3VA52 ?   ?   'expression tag'        22  12 
1 5G4Z GLY A 13  ? UNP A0A2S3VA52 ?   ?   'expression tag'        23  13 
1 5G4Z LEU A 14  ? UNP A0A2S3VA52 ?   ?   'expression tag'        24  14 
1 5G4Z VAL A 15  ? UNP A0A2S3VA52 ?   ?   'expression tag'        25  15 
1 5G4Z PRO A 16  ? UNP A0A2S3VA52 ?   ?   'expression tag'        26  16 
1 5G4Z ARG A 17  ? UNP A0A2S3VA52 ?   ?   'expression tag'        27  17 
1 5G4Z GLY A 18  ? UNP A0A2S3VA52 ?   ?   'expression tag'        28  18 
1 5G4Z SER A 19  ? UNP A0A2S3VA52 ?   ?   'expression tag'        29  19 
1 5G4Z HIS A 20  ? UNP A0A2S3VA52 ?   ?   'expression tag'        30  20 
1 5G4Z MET A 21  ? UNP A0A2S3VA52 ?   ?   'expression tag'        31  21 
1 5G4Z LYS A 109 ? UNP A0A2S3VA52 ARG 118 conflict                119 22 
# 
_pdbx_struct_assembly.id                   1 
_pdbx_struct_assembly.details              software_defined_assembly 
_pdbx_struct_assembly.method_details       PISA 
_pdbx_struct_assembly.oligomeric_details   monomeric 
_pdbx_struct_assembly.oligomeric_count     1 
# 
_pdbx_struct_assembly_gen.assembly_id       1 
_pdbx_struct_assembly_gen.oper_expression   1 
_pdbx_struct_assembly_gen.asym_id_list      A,B,C,D 
# 
_pdbx_struct_oper_list.id                   1 
_pdbx_struct_oper_list.type                 'identity operation' 
_pdbx_struct_oper_list.name                 1_555 
_pdbx_struct_oper_list.symmetry_operation   x,y,z 
_pdbx_struct_oper_list.matrix[1][1]         1.0000000000 
_pdbx_struct_oper_list.matrix[1][2]         0.0000000000 
_pdbx_struct_oper_list.matrix[1][3]         0.0000000000 
_pdbx_struct_oper_list.vector[1]            0.0000000000 
_pdbx_struct_oper_list.matrix[2][1]         0.0000000000 
_pdbx_struct_oper_list.matrix[2][2]         1.0000000000 
_pdbx_struct_oper_list.matrix[2][3]         0.0000000000 
_pdbx_struct_oper_list.vector[2]            0.0000000000 
_pdbx_struct_oper_list.matrix[3][1]         0.0000000000 
_pdbx_struct_oper_list.matrix[3][2]         0.0000000000 
_pdbx_struct_oper_list.matrix[3][3]         1.0000000000 
_pdbx_struct_oper_list.vector[3]            0.0000000000 
# 
_struct_biol.id   1 
# 
loop_
_struct_conf.conf_type_id 
_struct_conf.id 
_struct_conf.pdbx_PDB_helix_id 
_struct_conf.beg_label_comp_id 
_struct_conf.beg_label_asym_id 
_struct_conf.beg_label_seq_id 
_struct_conf.pdbx_beg_PDB_ins_code 
_struct_conf.end_label_comp_id 
_struct_conf.end_label_asym_id 
_struct_conf.end_label_seq_id 
_struct_conf.pdbx_end_PDB_ins_code 
_struct_conf.beg_auth_comp_id 
_struct_conf.beg_auth_asym_id 
_struct_conf.beg_auth_seq_id 
_struct_conf.end_auth_comp_id 
_struct_conf.end_auth_asym_id 
_struct_conf.end_auth_seq_id 
_struct_conf.pdbx_PDB_helix_class 
_struct_conf.details 
_struct_conf.pdbx_PDB_helix_length 
HELX_P HELX_P1 1 THR A 23  ? ALA A 55  ? THR A 33  ALA A 65  1 ? 33 
HELX_P HELX_P2 2 THR A 59  ? LEU A 74  ? THR A 69  LEU A 84  1 ? 16 
HELX_P HELX_P3 3 ASN A 97  ? LEU A 100 ? ASN A 107 LEU A 110 5 ? 4  
HELX_P HELX_P4 4 ALA A 115 ? GLY A 128 ? ALA A 125 GLY A 138 1 ? 14 
HELX_P HELX_P5 5 GLN A 155 ? TRP A 157 ? GLN A 165 TRP A 167 5 ? 3  
# 
_struct_conf_type.id          HELX_P 
_struct_conf_type.criteria    ? 
_struct_conf_type.reference   ? 
# 
_struct_mon_prot_cis.pdbx_id                1 
_struct_mon_prot_cis.label_comp_id          ARG 
_struct_mon_prot_cis.label_seq_id           88 
_struct_mon_prot_cis.label_asym_id          A 
_struct_mon_prot_cis.label_alt_id           . 
_struct_mon_prot_cis.pdbx_PDB_ins_code      ? 
_struct_mon_prot_cis.auth_comp_id           ARG 
_struct_mon_prot_cis.auth_seq_id            98 
_struct_mon_prot_cis.auth_asym_id           A 
_struct_mon_prot_cis.pdbx_label_comp_id_2   PRO 
_struct_mon_prot_cis.pdbx_label_seq_id_2    89 
_struct_mon_prot_cis.pdbx_label_asym_id_2   A 
_struct_mon_prot_cis.pdbx_PDB_ins_code_2    ? 
_struct_mon_prot_cis.pdbx_auth_comp_id_2    PRO 
_struct_mon_prot_cis.pdbx_auth_seq_id_2     99 
_struct_mon_prot_cis.pdbx_auth_asym_id_2    A 
_struct_mon_prot_cis.pdbx_PDB_model_num     1 
_struct_mon_prot_cis.pdbx_omega_angle       -2.01 
# 
_struct_sheet.id               AA 
_struct_sheet.type             ? 
_struct_sheet.number_strands   5 
_struct_sheet.details          ? 
# 
loop_
_struct_sheet_order.sheet_id 
_struct_sheet_order.range_id_1 
_struct_sheet_order.range_id_2 
_struct_sheet_order.offset 
_struct_sheet_order.sense 
AA 1 2 ? anti-parallel 
AA 2 3 ? anti-parallel 
AA 3 4 ? anti-parallel 
AA 4 5 ? anti-parallel 
# 
loop_
_struct_sheet_range.sheet_id 
_struct_sheet_range.id 
_struct_sheet_range.beg_label_comp_id 
_struct_sheet_range.beg_label_asym_id 
_struct_sheet_range.beg_label_seq_id 
_struct_sheet_range.pdbx_beg_PDB_ins_code 
_struct_sheet_range.end_label_comp_id 
_struct_sheet_range.end_label_asym_id 
_struct_sheet_range.end_label_seq_id 
_struct_sheet_range.pdbx_end_PDB_ins_code 
_struct_sheet_range.beg_auth_comp_id 
_struct_sheet_range.beg_auth_asym_id 
_struct_sheet_range.beg_auth_seq_id 
_struct_sheet_range.end_auth_comp_id 
_struct_sheet_range.end_auth_asym_id 
_struct_sheet_range.end_auth_seq_id 
AA 1 MET A 91  ? MET A 93  ? MET A 101 MET A 103 
AA 2 PHE A 82  ? ASP A 86  ? PHE A 92  ASP A 96  
AA 3 TRP A 159 ? TYR A 166 ? TRP A 169 TYR A 176 
AA 4 PRO A 144 ? PHE A 154 ? PRO A 154 PHE A 164 
AA 5 ALA A 129 ? PRO A 137 ? ALA A 139 PRO A 147 
# 
loop_
_pdbx_struct_sheet_hbond.sheet_id 
_pdbx_struct_sheet_hbond.range_id_1 
_pdbx_struct_sheet_hbond.range_id_2 
_pdbx_struct_sheet_hbond.range_1_label_atom_id 
_pdbx_struct_sheet_hbond.range_1_label_comp_id 
_pdbx_struct_sheet_hbond.range_1_label_asym_id 
_pdbx_struct_sheet_hbond.range_1_label_seq_id 
_pdbx_struct_sheet_hbond.range_1_PDB_ins_code 
_pdbx_struct_sheet_hbond.range_1_auth_atom_id 
_pdbx_struct_sheet_hbond.range_1_auth_comp_id 
_pdbx_struct_sheet_hbond.range_1_auth_asym_id 
_pdbx_struct_sheet_hbond.range_1_auth_seq_id 
_pdbx_struct_sheet_hbond.range_2_label_atom_id 
_pdbx_struct_sheet_hbond.range_2_label_comp_id 
_pdbx_struct_sheet_hbond.range_2_label_asym_id 
_pdbx_struct_sheet_hbond.range_2_label_seq_id 
_pdbx_struct_sheet_hbond.range_2_PDB_ins_code 
_pdbx_struct_sheet_hbond.range_2_auth_atom_id 
_pdbx_struct_sheet_hbond.range_2_auth_comp_id 
_pdbx_struct_sheet_hbond.range_2_auth_asym_id 
_pdbx_struct_sheet_hbond.range_2_auth_seq_id 
AA 1 2 N ILE A 92  ? N ILE A 102 O ILE A 84  ? O ILE A 94  
AA 2 3 N ASN A 85  ? N ASN A 95  O ILE A 160 ? O ILE A 170 
AA 3 4 N VAL A 165 ? N VAL A 175 O THR A 148 ? O THR A 158 
AA 4 5 N VAL A 151 ? N VAL A 161 O GLY A 130 ? O GLY A 140 
# 
_pdbx_validate_torsion.id              1 
_pdbx_validate_torsion.PDB_model_num   1 
_pdbx_validate_torsion.auth_comp_id    SER 
_pdbx_validate_torsion.auth_asym_id    A 
_pdbx_validate_torsion.auth_seq_id     87 
_pdbx_validate_torsion.PDB_ins_code    ? 
_pdbx_validate_torsion.label_alt_id    ? 
_pdbx_validate_torsion.phi             52.39 
_pdbx_validate_torsion.psi             -131.20 
# 
_pdbx_entry_details.entry_id                 5G4Z 
_pdbx_entry_details.compound_details         ? 
_pdbx_entry_details.source_details           ? 
_pdbx_entry_details.nonpolymer_details       ? 
_pdbx_entry_details.sequence_details         
;N-TERMINAL HIS-TAG IN PLACE OF THE NATIVE N-TERMINAL 33
AMINO ACIDS AND THE C-TERMINAL DOMAIN (OF 353 RESIDUES) IS
REMOVED LEAVING JUST THE C2 CACHE CHEMOSENSOR DOMAIN
;
_pdbx_entry_details.has_ligand_of_interest   ? 
# 
loop_
_pdbx_unobs_or_zero_occ_residues.id 
_pdbx_unobs_or_zero_occ_residues.PDB_model_num 
_pdbx_unobs_or_zero_occ_residues.polymer_flag 
_pdbx_unobs_or_zero_occ_residues.occupancy_flag 
_pdbx_unobs_or_zero_occ_residues.auth_asym_id 
_pdbx_unobs_or_zero_occ_residues.auth_comp_id 
_pdbx_unobs_or_zero_occ_residues.auth_seq_id 
_pdbx_unobs_or_zero_occ_residues.PDB_ins_code 
_pdbx_unobs_or_zero_occ_residues.label_asym_id 
_pdbx_unobs_or_zero_occ_residues.label_comp_id 
_pdbx_unobs_or_zero_occ_residues.label_seq_id 
1  1 Y 1 A MET 11  ? A MET 1   
2  1 Y 1 A GLY 12  ? A GLY 2   
3  1 Y 1 A SER 13  ? A SER 3   
4  1 Y 1 A SER 14  ? A SER 4   
5  1 Y 1 A HIS 15  ? A HIS 5   
6  1 Y 1 A HIS 16  ? A HIS 6   
7  1 Y 1 A HIS 17  ? A HIS 7   
8  1 Y 1 A HIS 18  ? A HIS 8   
9  1 Y 1 A HIS 19  ? A HIS 9   
10 1 Y 1 A HIS 20  ? A HIS 10  
11 1 Y 1 A SER 21  ? A SER 11  
12 1 Y 1 A SER 22  ? A SER 12  
13 1 Y 1 A GLY 23  ? A GLY 13  
14 1 Y 1 A LEU 24  ? A LEU 14  
15 1 Y 1 A VAL 25  ? A VAL 15  
16 1 Y 1 A PRO 26  ? A PRO 16  
17 1 Y 1 A ARG 27  ? A ARG 17  
18 1 Y 1 A GLY 28  ? A GLY 18  
19 1 Y 1 A SER 29  ? A SER 19  
20 1 Y 1 A HIS 30  ? A HIS 20  
21 1 Y 1 A MET 31  ? A MET 21  
22 1 Y 1 A ASP 179 ? A ASP 169 
23 1 Y 1 A VAL 180 ? A VAL 170 
24 1 Y 1 A ALA 181 ? A ALA 171 
25 1 Y 1 A ALA 182 ? A ALA 172 
26 1 Y 1 A GLU 183 ? A GLU 173 
27 1 Y 1 A PHE 184 ? A PHE 174 
28 1 Y 1 A LYS 185 ? A LYS 175 
29 1 Y 1 A THR 186 ? A THR 176 
30 1 Y 1 A GLN 187 ? A GLN 177 
31 1 Y 1 A LEU 188 ? A LEU 178 
32 1 Y 1 A TRP 189 ? A TRP 179 
# 
loop_
_chem_comp_atom.comp_id 
_chem_comp_atom.atom_id 
_chem_comp_atom.type_symbol 
_chem_comp_atom.pdbx_aromatic_flag 
_chem_comp_atom.pdbx_stereo_config 
_chem_comp_atom.pdbx_ordinal 
ALA N    N N N 1   
ALA CA   C N S 2   
ALA C    C N N 3   
ALA O    O N N 4   
ALA CB   C N N 5   
ALA OXT  O N N 6   
ALA H    H N N 7   
ALA H2   H N N 8   
ALA HA   H N N 9   
ALA HB1  H N N 10  
ALA HB2  H N N 11  
ALA HB3  H N N 12  
ALA HXT  H N N 13  
ARG N    N N N 14  
ARG CA   C N S 15  
ARG C    C N N 16  
ARG O    O N N 17  
ARG CB   C N N 18  
ARG CG   C N N 19  
ARG CD   C N N 20  
ARG NE   N N N 21  
ARG CZ   C N N 22  
ARG NH1  N N N 23  
ARG NH2  N N N 24  
ARG OXT  O N N 25  
ARG H    H N N 26  
ARG H2   H N N 27  
ARG HA   H N N 28  
ARG HB2  H N N 29  
ARG HB3  H N N 30  
ARG HG2  H N N 31  
ARG HG3  H N N 32  
ARG HD2  H N N 33  
ARG HD3  H N N 34  
ARG HE   H N N 35  
ARG HH11 H N N 36  
ARG HH12 H N N 37  
ARG HH21 H N N 38  
ARG HH22 H N N 39  
ARG HXT  H N N 40  
ASN N    N N N 41  
ASN CA   C N S 42  
ASN C    C N N 43  
ASN O    O N N 44  
ASN CB   C N N 45  
ASN CG   C N N 46  
ASN OD1  O N N 47  
ASN ND2  N N N 48  
ASN OXT  O N N 49  
ASN H    H N N 50  
ASN H2   H N N 51  
ASN HA   H N N 52  
ASN HB2  H N N 53  
ASN HB3  H N N 54  
ASN HD21 H N N 55  
ASN HD22 H N N 56  
ASN HXT  H N N 57  
ASP N    N N N 58  
ASP CA   C N S 59  
ASP C    C N N 60  
ASP O    O N N 61  
ASP CB   C N N 62  
ASP CG   C N N 63  
ASP OD1  O N N 64  
ASP OD2  O N N 65  
ASP OXT  O N N 66  
ASP H    H N N 67  
ASP H2   H N N 68  
ASP HA   H N N 69  
ASP HB2  H N N 70  
ASP HB3  H N N 71  
ASP HD2  H N N 72  
ASP HXT  H N N 73  
GLN N    N N N 74  
GLN CA   C N S 75  
GLN C    C N N 76  
GLN O    O N N 77  
GLN CB   C N N 78  
GLN CG   C N N 79  
GLN CD   C N N 80  
GLN OE1  O N N 81  
GLN NE2  N N N 82  
GLN OXT  O N N 83  
GLN H    H N N 84  
GLN H2   H N N 85  
GLN HA   H N N 86  
GLN HB2  H N N 87  
GLN HB3  H N N 88  
GLN HG2  H N N 89  
GLN HG3  H N N 90  
GLN HE21 H N N 91  
GLN HE22 H N N 92  
GLN HXT  H N N 93  
GLU N    N N N 94  
GLU CA   C N S 95  
GLU C    C N N 96  
GLU O    O N N 97  
GLU CB   C N N 98  
GLU CG   C N N 99  
GLU CD   C N N 100 
GLU OE1  O N N 101 
GLU OE2  O N N 102 
GLU OXT  O N N 103 
GLU H    H N N 104 
GLU H2   H N N 105 
GLU HA   H N N 106 
GLU HB2  H N N 107 
GLU HB3  H N N 108 
GLU HG2  H N N 109 
GLU HG3  H N N 110 
GLU HE2  H N N 111 
GLU HXT  H N N 112 
GLY N    N N N 113 
GLY CA   C N N 114 
GLY C    C N N 115 
GLY O    O N N 116 
GLY OXT  O N N 117 
GLY H    H N N 118 
GLY H2   H N N 119 
GLY HA2  H N N 120 
GLY HA3  H N N 121 
GLY HXT  H N N 122 
HIS N    N N N 123 
HIS CA   C N S 124 
HIS C    C N N 125 
HIS O    O N N 126 
HIS CB   C N N 127 
HIS CG   C Y N 128 
HIS ND1  N Y N 129 
HIS CD2  C Y N 130 
HIS CE1  C Y N 131 
HIS NE2  N Y N 132 
HIS OXT  O N N 133 
HIS H    H N N 134 
HIS H2   H N N 135 
HIS HA   H N N 136 
HIS HB2  H N N 137 
HIS HB3  H N N 138 
HIS HD1  H N N 139 
HIS HD2  H N N 140 
HIS HE1  H N N 141 
HIS HE2  H N N 142 
HIS HXT  H N N 143 
HOH O    O N N 144 
HOH H1   H N N 145 
HOH H2   H N N 146 
ILE N    N N N 147 
ILE CA   C N S 148 
ILE C    C N N 149 
ILE O    O N N 150 
ILE CB   C N S 151 
ILE CG1  C N N 152 
ILE CG2  C N N 153 
ILE CD1  C N N 154 
ILE OXT  O N N 155 
ILE H    H N N 156 
ILE H2   H N N 157 
ILE HA   H N N 158 
ILE HB   H N N 159 
ILE HG12 H N N 160 
ILE HG13 H N N 161 
ILE HG21 H N N 162 
ILE HG22 H N N 163 
ILE HG23 H N N 164 
ILE HD11 H N N 165 
ILE HD12 H N N 166 
ILE HD13 H N N 167 
ILE HXT  H N N 168 
LEU N    N N N 169 
LEU CA   C N S 170 
LEU C    C N N 171 
LEU O    O N N 172 
LEU CB   C N N 173 
LEU CG   C N N 174 
LEU CD1  C N N 175 
LEU CD2  C N N 176 
LEU OXT  O N N 177 
LEU H    H N N 178 
LEU H2   H N N 179 
LEU HA   H N N 180 
LEU HB2  H N N 181 
LEU HB3  H N N 182 
LEU HG   H N N 183 
LEU HD11 H N N 184 
LEU HD12 H N N 185 
LEU HD13 H N N 186 
LEU HD21 H N N 187 
LEU HD22 H N N 188 
LEU HD23 H N N 189 
LEU HXT  H N N 190 
LYS N    N N N 191 
LYS CA   C N S 192 
LYS C    C N N 193 
LYS O    O N N 194 
LYS CB   C N N 195 
LYS CG   C N N 196 
LYS CD   C N N 197 
LYS CE   C N N 198 
LYS NZ   N N N 199 
LYS OXT  O N N 200 
LYS H    H N N 201 
LYS H2   H N N 202 
LYS HA   H N N 203 
LYS HB2  H N N 204 
LYS HB3  H N N 205 
LYS HG2  H N N 206 
LYS HG3  H N N 207 
LYS HD2  H N N 208 
LYS HD3  H N N 209 
LYS HE2  H N N 210 
LYS HE3  H N N 211 
LYS HZ1  H N N 212 
LYS HZ2  H N N 213 
LYS HZ3  H N N 214 
LYS HXT  H N N 215 
MET N    N N N 216 
MET CA   C N S 217 
MET C    C N N 218 
MET O    O N N 219 
MET CB   C N N 220 
MET CG   C N N 221 
MET SD   S N N 222 
MET CE   C N N 223 
MET OXT  O N N 224 
MET H    H N N 225 
MET H2   H N N 226 
MET HA   H N N 227 
MET HB2  H N N 228 
MET HB3  H N N 229 
MET HG2  H N N 230 
MET HG3  H N N 231 
MET HE1  H N N 232 
MET HE2  H N N 233 
MET HE3  H N N 234 
MET HXT  H N N 235 
PGE C1   C N N 236 
PGE O1   O N N 237 
PGE C2   C N N 238 
PGE O2   O N N 239 
PGE C3   C N N 240 
PGE C4   C N N 241 
PGE O4   O N N 242 
PGE C6   C N N 243 
PGE C5   C N N 244 
PGE O3   O N N 245 
PGE H1   H N N 246 
PGE H12  H N N 247 
PGE HO1  H N N 248 
PGE H2   H N N 249 
PGE H22  H N N 250 
PGE H3   H N N 251 
PGE H32  H N N 252 
PGE H4   H N N 253 
PGE H42  H N N 254 
PGE HO4  H N N 255 
PGE H6   H N N 256 
PGE H62  H N N 257 
PGE H5   H N N 258 
PGE H52  H N N 259 
PHE N    N N N 260 
PHE CA   C N S 261 
PHE C    C N N 262 
PHE O    O N N 263 
PHE CB   C N N 264 
PHE CG   C Y N 265 
PHE CD1  C Y N 266 
PHE CD2  C Y N 267 
PHE CE1  C Y N 268 
PHE CE2  C Y N 269 
PHE CZ   C Y N 270 
PHE OXT  O N N 271 
PHE H    H N N 272 
PHE H2   H N N 273 
PHE HA   H N N 274 
PHE HB2  H N N 275 
PHE HB3  H N N 276 
PHE HD1  H N N 277 
PHE HD2  H N N 278 
PHE HE1  H N N 279 
PHE HE2  H N N 280 
PHE HZ   H N N 281 
PHE HXT  H N N 282 
PRO N    N N N 283 
PRO CA   C N S 284 
PRO C    C N N 285 
PRO O    O N N 286 
PRO CB   C N N 287 
PRO CG   C N N 288 
PRO CD   C N N 289 
PRO OXT  O N N 290 
PRO H    H N N 291 
PRO HA   H N N 292 
PRO HB2  H N N 293 
PRO HB3  H N N 294 
PRO HG2  H N N 295 
PRO HG3  H N N 296 
PRO HD2  H N N 297 
PRO HD3  H N N 298 
PRO HXT  H N N 299 
SER N    N N N 300 
SER CA   C N S 301 
SER C    C N N 302 
SER O    O N N 303 
SER CB   C N N 304 
SER OG   O N N 305 
SER OXT  O N N 306 
SER H    H N N 307 
SER H2   H N N 308 
SER HA   H N N 309 
SER HB2  H N N 310 
SER HB3  H N N 311 
SER HG   H N N 312 
SER HXT  H N N 313 
THR N    N N N 314 
THR CA   C N S 315 
THR C    C N N 316 
THR O    O N N 317 
THR CB   C N R 318 
THR OG1  O N N 319 
THR CG2  C N N 320 
THR OXT  O N N 321 
THR H    H N N 322 
THR H2   H N N 323 
THR HA   H N N 324 
THR HB   H N N 325 
THR HG1  H N N 326 
THR HG21 H N N 327 
THR HG22 H N N 328 
THR HG23 H N N 329 
THR HXT  H N N 330 
TRP N    N N N 331 
TRP CA   C N S 332 
TRP C    C N N 333 
TRP O    O N N 334 
TRP CB   C N N 335 
TRP CG   C Y N 336 
TRP CD1  C Y N 337 
TRP CD2  C Y N 338 
TRP NE1  N Y N 339 
TRP CE2  C Y N 340 
TRP CE3  C Y N 341 
TRP CZ2  C Y N 342 
TRP CZ3  C Y N 343 
TRP CH2  C Y N 344 
TRP OXT  O N N 345 
TRP H    H N N 346 
TRP H2   H N N 347 
TRP HA   H N N 348 
TRP HB2  H N N 349 
TRP HB3  H N N 350 
TRP HD1  H N N 351 
TRP HE1  H N N 352 
TRP HE3  H N N 353 
TRP HZ2  H N N 354 
TRP HZ3  H N N 355 
TRP HH2  H N N 356 
TRP HXT  H N N 357 
TYR N    N N N 358 
TYR CA   C N S 359 
TYR C    C N N 360 
TYR O    O N N 361 
TYR CB   C N N 362 
TYR CG   C Y N 363 
TYR CD1  C Y N 364 
TYR CD2  C Y N 365 
TYR CE1  C Y N 366 
TYR CE2  C Y N 367 
TYR CZ   C Y N 368 
TYR OH   O N N 369 
TYR OXT  O N N 370 
TYR H    H N N 371 
TYR H2   H N N 372 
TYR HA   H N N 373 
TYR HB2  H N N 374 
TYR HB3  H N N 375 
TYR HD1  H N N 376 
TYR HD2  H N N 377 
TYR HE1  H N N 378 
TYR HE2  H N N 379 
TYR HH   H N N 380 
TYR HXT  H N N 381 
VAL N    N N N 382 
VAL CA   C N S 383 
VAL C    C N N 384 
VAL O    O N N 385 
VAL CB   C N N 386 
VAL CG1  C N N 387 
VAL CG2  C N N 388 
VAL OXT  O N N 389 
VAL H    H N N 390 
VAL H2   H N N 391 
VAL HA   H N N 392 
VAL HB   H N N 393 
VAL HG11 H N N 394 
VAL HG12 H N N 395 
VAL HG13 H N N 396 
VAL HG21 H N N 397 
VAL HG22 H N N 398 
VAL HG23 H N N 399 
VAL HXT  H N N 400 
# 
loop_
_chem_comp_bond.comp_id 
_chem_comp_bond.atom_id_1 
_chem_comp_bond.atom_id_2 
_chem_comp_bond.value_order 
_chem_comp_bond.pdbx_aromatic_flag 
_chem_comp_bond.pdbx_stereo_config 
_chem_comp_bond.pdbx_ordinal 
ALA N   CA   sing N N 1   
ALA N   H    sing N N 2   
ALA N   H2   sing N N 3   
ALA CA  C    sing N N 4   
ALA CA  CB   sing N N 5   
ALA CA  HA   sing N N 6   
ALA C   O    doub N N 7   
ALA C   OXT  sing N N 8   
ALA CB  HB1  sing N N 9   
ALA CB  HB2  sing N N 10  
ALA CB  HB3  sing N N 11  
ALA OXT HXT  sing N N 12  
ARG N   CA   sing N N 13  
ARG N   H    sing N N 14  
ARG N   H2   sing N N 15  
ARG CA  C    sing N N 16  
ARG CA  CB   sing N N 17  
ARG CA  HA   sing N N 18  
ARG C   O    doub N N 19  
ARG C   OXT  sing N N 20  
ARG CB  CG   sing N N 21  
ARG CB  HB2  sing N N 22  
ARG CB  HB3  sing N N 23  
ARG CG  CD   sing N N 24  
ARG CG  HG2  sing N N 25  
ARG CG  HG3  sing N N 26  
ARG CD  NE   sing N N 27  
ARG CD  HD2  sing N N 28  
ARG CD  HD3  sing N N 29  
ARG NE  CZ   sing N N 30  
ARG NE  HE   sing N N 31  
ARG CZ  NH1  sing N N 32  
ARG CZ  NH2  doub N N 33  
ARG NH1 HH11 sing N N 34  
ARG NH1 HH12 sing N N 35  
ARG NH2 HH21 sing N N 36  
ARG NH2 HH22 sing N N 37  
ARG OXT HXT  sing N N 38  
ASN N   CA   sing N N 39  
ASN N   H    sing N N 40  
ASN N   H2   sing N N 41  
ASN CA  C    sing N N 42  
ASN CA  CB   sing N N 43  
ASN CA  HA   sing N N 44  
ASN C   O    doub N N 45  
ASN C   OXT  sing N N 46  
ASN CB  CG   sing N N 47  
ASN CB  HB2  sing N N 48  
ASN CB  HB3  sing N N 49  
ASN CG  OD1  doub N N 50  
ASN CG  ND2  sing N N 51  
ASN ND2 HD21 sing N N 52  
ASN ND2 HD22 sing N N 53  
ASN OXT HXT  sing N N 54  
ASP N   CA   sing N N 55  
ASP N   H    sing N N 56  
ASP N   H2   sing N N 57  
ASP CA  C    sing N N 58  
ASP CA  CB   sing N N 59  
ASP CA  HA   sing N N 60  
ASP C   O    doub N N 61  
ASP C   OXT  sing N N 62  
ASP CB  CG   sing N N 63  
ASP CB  HB2  sing N N 64  
ASP CB  HB3  sing N N 65  
ASP CG  OD1  doub N N 66  
ASP CG  OD2  sing N N 67  
ASP OD2 HD2  sing N N 68  
ASP OXT HXT  sing N N 69  
GLN N   CA   sing N N 70  
GLN N   H    sing N N 71  
GLN N   H2   sing N N 72  
GLN CA  C    sing N N 73  
GLN CA  CB   sing N N 74  
GLN CA  HA   sing N N 75  
GLN C   O    doub N N 76  
GLN C   OXT  sing N N 77  
GLN CB  CG   sing N N 78  
GLN CB  HB2  sing N N 79  
GLN CB  HB3  sing N N 80  
GLN CG  CD   sing N N 81  
GLN CG  HG2  sing N N 82  
GLN CG  HG3  sing N N 83  
GLN CD  OE1  doub N N 84  
GLN CD  NE2  sing N N 85  
GLN NE2 HE21 sing N N 86  
GLN NE2 HE22 sing N N 87  
GLN OXT HXT  sing N N 88  
GLU N   CA   sing N N 89  
GLU N   H    sing N N 90  
GLU N   H2   sing N N 91  
GLU CA  C    sing N N 92  
GLU CA  CB   sing N N 93  
GLU CA  HA   sing N N 94  
GLU C   O    doub N N 95  
GLU C   OXT  sing N N 96  
GLU CB  CG   sing N N 97  
GLU CB  HB2  sing N N 98  
GLU CB  HB3  sing N N 99  
GLU CG  CD   sing N N 100 
GLU CG  HG2  sing N N 101 
GLU CG  HG3  sing N N 102 
GLU CD  OE1  doub N N 103 
GLU CD  OE2  sing N N 104 
GLU OE2 HE2  sing N N 105 
GLU OXT HXT  sing N N 106 
GLY N   CA   sing N N 107 
GLY N   H    sing N N 108 
GLY N   H2   sing N N 109 
GLY CA  C    sing N N 110 
GLY CA  HA2  sing N N 111 
GLY CA  HA3  sing N N 112 
GLY C   O    doub N N 113 
GLY C   OXT  sing N N 114 
GLY OXT HXT  sing N N 115 
HIS N   CA   sing N N 116 
HIS N   H    sing N N 117 
HIS N   H2   sing N N 118 
HIS CA  C    sing N N 119 
HIS CA  CB   sing N N 120 
HIS CA  HA   sing N N 121 
HIS C   O    doub N N 122 
HIS C   OXT  sing N N 123 
HIS CB  CG   sing N N 124 
HIS CB  HB2  sing N N 125 
HIS CB  HB3  sing N N 126 
HIS CG  ND1  sing Y N 127 
HIS CG  CD2  doub Y N 128 
HIS ND1 CE1  doub Y N 129 
HIS ND1 HD1  sing N N 130 
HIS CD2 NE2  sing Y N 131 
HIS CD2 HD2  sing N N 132 
HIS CE1 NE2  sing Y N 133 
HIS CE1 HE1  sing N N 134 
HIS NE2 HE2  sing N N 135 
HIS OXT HXT  sing N N 136 
HOH O   H1   sing N N 137 
HOH O   H2   sing N N 138 
ILE N   CA   sing N N 139 
ILE N   H    sing N N 140 
ILE N   H2   sing N N 141 
ILE CA  C    sing N N 142 
ILE CA  CB   sing N N 143 
ILE CA  HA   sing N N 144 
ILE C   O    doub N N 145 
ILE C   OXT  sing N N 146 
ILE CB  CG1  sing N N 147 
ILE CB  CG2  sing N N 148 
ILE CB  HB   sing N N 149 
ILE CG1 CD1  sing N N 150 
ILE CG1 HG12 sing N N 151 
ILE CG1 HG13 sing N N 152 
ILE CG2 HG21 sing N N 153 
ILE CG2 HG22 sing N N 154 
ILE CG2 HG23 sing N N 155 
ILE CD1 HD11 sing N N 156 
ILE CD1 HD12 sing N N 157 
ILE CD1 HD13 sing N N 158 
ILE OXT HXT  sing N N 159 
LEU N   CA   sing N N 160 
LEU N   H    sing N N 161 
LEU N   H2   sing N N 162 
LEU CA  C    sing N N 163 
LEU CA  CB   sing N N 164 
LEU CA  HA   sing N N 165 
LEU C   O    doub N N 166 
LEU C   OXT  sing N N 167 
LEU CB  CG   sing N N 168 
LEU CB  HB2  sing N N 169 
LEU CB  HB3  sing N N 170 
LEU CG  CD1  sing N N 171 
LEU CG  CD2  sing N N 172 
LEU CG  HG   sing N N 173 
LEU CD1 HD11 sing N N 174 
LEU CD1 HD12 sing N N 175 
LEU CD1 HD13 sing N N 176 
LEU CD2 HD21 sing N N 177 
LEU CD2 HD22 sing N N 178 
LEU CD2 HD23 sing N N 179 
LEU OXT HXT  sing N N 180 
LYS N   CA   sing N N 181 
LYS N   H    sing N N 182 
LYS N   H2   sing N N 183 
LYS CA  C    sing N N 184 
LYS CA  CB   sing N N 185 
LYS CA  HA   sing N N 186 
LYS C   O    doub N N 187 
LYS C   OXT  sing N N 188 
LYS CB  CG   sing N N 189 
LYS CB  HB2  sing N N 190 
LYS CB  HB3  sing N N 191 
LYS CG  CD   sing N N 192 
LYS CG  HG2  sing N N 193 
LYS CG  HG3  sing N N 194 
LYS CD  CE   sing N N 195 
LYS CD  HD2  sing N N 196 
LYS CD  HD3  sing N N 197 
LYS CE  NZ   sing N N 198 
LYS CE  HE2  sing N N 199 
LYS CE  HE3  sing N N 200 
LYS NZ  HZ1  sing N N 201 
LYS NZ  HZ2  sing N N 202 
LYS NZ  HZ3  sing N N 203 
LYS OXT HXT  sing N N 204 
MET N   CA   sing N N 205 
MET N   H    sing N N 206 
MET N   H2   sing N N 207 
MET CA  C    sing N N 208 
MET CA  CB   sing N N 209 
MET CA  HA   sing N N 210 
MET C   O    doub N N 211 
MET C   OXT  sing N N 212 
MET CB  CG   sing N N 213 
MET CB  HB2  sing N N 214 
MET CB  HB3  sing N N 215 
MET CG  SD   sing N N 216 
MET CG  HG2  sing N N 217 
MET CG  HG3  sing N N 218 
MET SD  CE   sing N N 219 
MET CE  HE1  sing N N 220 
MET CE  HE2  sing N N 221 
MET CE  HE3  sing N N 222 
MET OXT HXT  sing N N 223 
PGE C1  O1   sing N N 224 
PGE C1  C2   sing N N 225 
PGE C1  H1   sing N N 226 
PGE C1  H12  sing N N 227 
PGE O1  HO1  sing N N 228 
PGE C2  O2   sing N N 229 
PGE C2  H2   sing N N 230 
PGE C2  H22  sing N N 231 
PGE O2  C3   sing N N 232 
PGE C3  C4   sing N N 233 
PGE C3  H3   sing N N 234 
PGE C3  H32  sing N N 235 
PGE C4  O3   sing N N 236 
PGE C4  H4   sing N N 237 
PGE C4  H42  sing N N 238 
PGE O4  C6   sing N N 239 
PGE O4  HO4  sing N N 240 
PGE C6  C5   sing N N 241 
PGE C6  H6   sing N N 242 
PGE C6  H62  sing N N 243 
PGE C5  O3   sing N N 244 
PGE C5  H5   sing N N 245 
PGE C5  H52  sing N N 246 
PHE N   CA   sing N N 247 
PHE N   H    sing N N 248 
PHE N   H2   sing N N 249 
PHE CA  C    sing N N 250 
PHE CA  CB   sing N N 251 
PHE CA  HA   sing N N 252 
PHE C   O    doub N N 253 
PHE C   OXT  sing N N 254 
PHE CB  CG   sing N N 255 
PHE CB  HB2  sing N N 256 
PHE CB  HB3  sing N N 257 
PHE CG  CD1  doub Y N 258 
PHE CG  CD2  sing Y N 259 
PHE CD1 CE1  sing Y N 260 
PHE CD1 HD1  sing N N 261 
PHE CD2 CE2  doub Y N 262 
PHE CD2 HD2  sing N N 263 
PHE CE1 CZ   doub Y N 264 
PHE CE1 HE1  sing N N 265 
PHE CE2 CZ   sing Y N 266 
PHE CE2 HE2  sing N N 267 
PHE CZ  HZ   sing N N 268 
PHE OXT HXT  sing N N 269 
PRO N   CA   sing N N 270 
PRO N   CD   sing N N 271 
PRO N   H    sing N N 272 
PRO CA  C    sing N N 273 
PRO CA  CB   sing N N 274 
PRO CA  HA   sing N N 275 
PRO C   O    doub N N 276 
PRO C   OXT  sing N N 277 
PRO CB  CG   sing N N 278 
PRO CB  HB2  sing N N 279 
PRO CB  HB3  sing N N 280 
PRO CG  CD   sing N N 281 
PRO CG  HG2  sing N N 282 
PRO CG  HG3  sing N N 283 
PRO CD  HD2  sing N N 284 
PRO CD  HD3  sing N N 285 
PRO OXT HXT  sing N N 286 
SER N   CA   sing N N 287 
SER N   H    sing N N 288 
SER N   H2   sing N N 289 
SER CA  C    sing N N 290 
SER CA  CB   sing N N 291 
SER CA  HA   sing N N 292 
SER C   O    doub N N 293 
SER C   OXT  sing N N 294 
SER CB  OG   sing N N 295 
SER CB  HB2  sing N N 296 
SER CB  HB3  sing N N 297 
SER OG  HG   sing N N 298 
SER OXT HXT  sing N N 299 
THR N   CA   sing N N 300 
THR N   H    sing N N 301 
THR N   H2   sing N N 302 
THR CA  C    sing N N 303 
THR CA  CB   sing N N 304 
THR CA  HA   sing N N 305 
THR C   O    doub N N 306 
THR C   OXT  sing N N 307 
THR CB  OG1  sing N N 308 
THR CB  CG2  sing N N 309 
THR CB  HB   sing N N 310 
THR OG1 HG1  sing N N 311 
THR CG2 HG21 sing N N 312 
THR CG2 HG22 sing N N 313 
THR CG2 HG23 sing N N 314 
THR OXT HXT  sing N N 315 
TRP N   CA   sing N N 316 
TRP N   H    sing N N 317 
TRP N   H2   sing N N 318 
TRP CA  C    sing N N 319 
TRP CA  CB   sing N N 320 
TRP CA  HA   sing N N 321 
TRP C   O    doub N N 322 
TRP C   OXT  sing N N 323 
TRP CB  CG   sing N N 324 
TRP CB  HB2  sing N N 325 
TRP CB  HB3  sing N N 326 
TRP CG  CD1  doub Y N 327 
TRP CG  CD2  sing Y N 328 
TRP CD1 NE1  sing Y N 329 
TRP CD1 HD1  sing N N 330 
TRP CD2 CE2  doub Y N 331 
TRP CD2 CE3  sing Y N 332 
TRP NE1 CE2  sing Y N 333 
TRP NE1 HE1  sing N N 334 
TRP CE2 CZ2  sing Y N 335 
TRP CE3 CZ3  doub Y N 336 
TRP CE3 HE3  sing N N 337 
TRP CZ2 CH2  doub Y N 338 
TRP CZ2 HZ2  sing N N 339 
TRP CZ3 CH2  sing Y N 340 
TRP CZ3 HZ3  sing N N 341 
TRP CH2 HH2  sing N N 342 
TRP OXT HXT  sing N N 343 
TYR N   CA   sing N N 344 
TYR N   H    sing N N 345 
TYR N   H2   sing N N 346 
TYR CA  C    sing N N 347 
TYR CA  CB   sing N N 348 
TYR CA  HA   sing N N 349 
TYR C   O    doub N N 350 
TYR C   OXT  sing N N 351 
TYR CB  CG   sing N N 352 
TYR CB  HB2  sing N N 353 
TYR CB  HB3  sing N N 354 
TYR CG  CD1  doub Y N 355 
TYR CG  CD2  sing Y N 356 
TYR CD1 CE1  sing Y N 357 
TYR CD1 HD1  sing N N 358 
TYR CD2 CE2  doub Y N 359 
TYR CD2 HD2  sing N N 360 
TYR CE1 CZ   doub Y N 361 
TYR CE1 HE1  sing N N 362 
TYR CE2 CZ   sing Y N 363 
TYR CE2 HE2  sing N N 364 
TYR CZ  OH   sing N N 365 
TYR OH  HH   sing N N 366 
TYR OXT HXT  sing N N 367 
VAL N   CA   sing N N 368 
VAL N   H    sing N N 369 
VAL N   H2   sing N N 370 
VAL CA  C    sing N N 371 
VAL CA  CB   sing N N 372 
VAL CA  HA   sing N N 373 
VAL C   O    doub N N 374 
VAL C   OXT  sing N N 375 
VAL CB  CG1  sing N N 376 
VAL CB  CG2  sing N N 377 
VAL CB  HB   sing N N 378 
VAL CG1 HG11 sing N N 379 
VAL CG1 HG12 sing N N 380 
VAL CG1 HG13 sing N N 381 
VAL CG2 HG21 sing N N 382 
VAL CG2 HG22 sing N N 383 
VAL CG2 HG23 sing N N 384 
VAL OXT HXT  sing N N 385 
# 
_pdbx_initial_refinement_model.id               1 
_pdbx_initial_refinement_model.entity_id_list   ? 
_pdbx_initial_refinement_model.type             'experimental model' 
_pdbx_initial_refinement_model.source_name      PDB 
_pdbx_initial_refinement_model.accession_code   5G4Y 
_pdbx_initial_refinement_model.details          'PDB ENTRY 5G4Y' 
# 
_atom_sites.entry_id                    5G4Z 
_atom_sites.fract_transf_matrix[1][1]   -0.00797537 
_atom_sites.fract_transf_matrix[1][2]   -0.00164400 
_atom_sites.fract_transf_matrix[1][3]   0.01345343 
_atom_sites.fract_transf_matrix[2][1]   -0.01486841 
_atom_sites.fract_transf_matrix[2][2]   -0.00511623 
_atom_sites.fract_transf_matrix[2][3]   -0.00024816 
_atom_sites.fract_transf_matrix[3][1]   0.00431489 
_atom_sites.fract_transf_matrix[3][2]   -0.01258907 
_atom_sites.fract_transf_matrix[3][3]   0.00101954 
_atom_sites.fract_transf_vector[1]      1.607307 
_atom_sites.fract_transf_vector[2]      0.197210 
_atom_sites.fract_transf_vector[3]      -0.090116 
# 
loop_
_atom_type.symbol 
C 
N 
O 
S 
# 
loop_
_atom_site.group_PDB 
_atom_site.id 
_atom_site.type_symbol 
_atom_site.label_atom_id 
_atom_site.label_alt_id 
_atom_site.label_comp_id 
_atom_site.label_asym_id 
_atom_site.label_entity_id 
_atom_site.label_seq_id 
_atom_site.pdbx_PDB_ins_code 
_atom_site.Cartn_x 
_atom_site.Cartn_y 
_atom_site.Cartn_z 
_atom_site.occupancy 
_atom_site.B_iso_or_equiv 
_atom_site.pdbx_formal_charge 
_atom_site.auth_seq_id 
_atom_site.auth_comp_id 
_atom_site.auth_asym_id 
_atom_site.auth_atom_id 
_atom_site.pdbx_PDB_model_num 
ATOM   1    N N   . GLN A 1 22  ? 1.022   29.181  -11.023 1.00 65.37  ? 32   GLN A N   1 
ATOM   2    C CA  . GLN A 1 22  ? 1.046   28.186  -9.897  1.00 77.36  ? 32   GLN A CA  1 
ATOM   3    C C   . GLN A 1 22  ? -0.385  27.786  -9.413  1.00 70.18  ? 32   GLN A C   1 
ATOM   4    O O   . GLN A 1 22  ? -1.070  28.554  -8.745  1.00 67.80  ? 32   GLN A O   1 
ATOM   5    C CB  . GLN A 1 22  ? 1.915   28.732  -8.739  1.00 85.65  ? 32   GLN A CB  1 
ATOM   6    C CG  . GLN A 1 22  ? 1.886   27.949  -7.411  1.00 96.39  ? 32   GLN A CG  1 
ATOM   7    C CD  . GLN A 1 22  ? 2.895   26.790  -7.285  1.00 102.69 ? 32   GLN A CD  1 
ATOM   8    O OE1 . GLN A 1 22  ? 3.785   26.593  -8.126  1.00 99.94  ? 32   GLN A OE1 1 
ATOM   9    N NE2 . GLN A 1 22  ? 2.749   26.015  -6.208  1.00 105.30 ? 32   GLN A NE2 1 
ATOM   10   N N   . THR A 1 23  ? -0.827  26.580  -9.742  1.00 63.30  ? 33   THR A N   1 
ATOM   11   C CA  . THR A 1 23  ? -2.226  26.156  -9.467  1.00 58.31  ? 33   THR A CA  1 
ATOM   12   C C   . THR A 1 23  ? -2.442  25.350  -8.148  1.00 57.17  ? 33   THR A C   1 
ATOM   13   O O   . THR A 1 23  ? -1.466  24.925  -7.510  1.00 49.11  ? 33   THR A O   1 
ATOM   14   C CB  . THR A 1 23  ? -2.772  25.375  -10.694 1.00 60.16  ? 33   THR A CB  1 
ATOM   15   O OG1 . THR A 1 23  ? -2.028  24.161  -10.897 1.00 53.56  ? 33   THR A OG1 1 
ATOM   16   C CG2 . THR A 1 23  ? -2.655  26.251  -11.971 1.00 60.91  ? 33   THR A CG2 1 
ATOM   17   N N   . HIS A 1 24  ? -3.712  25.128  -7.747  1.00 43.59  ? 34   HIS A N   1 
ATOM   18   C CA  . HIS A 1 24  ? -4.032  24.114  -6.708  1.00 46.30  ? 34   HIS A CA  1 
ATOM   19   C C   . HIS A 1 24  ? -3.494  22.733  -7.094  1.00 44.87  ? 34   HIS A C   1 
ATOM   20   O O   . HIS A 1 24  ? -2.897  22.030  -6.275  1.00 46.56  ? 34   HIS A O   1 
ATOM   21   C CB  . HIS A 1 24  ? -5.537  24.106  -6.410  1.00 43.96  ? 34   HIS A CB  1 
ATOM   22   C CG  . HIS A 1 24  ? -5.949  25.301  -5.586  1.00 47.79  ? 34   HIS A CG  1 
ATOM   23   N ND1 . HIS A 1 24  ? -6.708  26.343  -6.089  1.00 44.74  ? 34   HIS A ND1 1 
ATOM   24   C CD2 . HIS A 1 24  ? -5.593  25.667  -4.324  1.00 49.00  ? 34   HIS A CD2 1 
ATOM   25   C CE1 . HIS A 1 24  ? -6.866  27.258  -5.147  1.00 47.59  ? 34   HIS A CE1 1 
ATOM   26   N NE2 . HIS A 1 24  ? -6.218  26.864  -4.057  1.00 50.60  ? 34   HIS A NE2 1 
ATOM   27   N N   . GLU A 1 25  ? -3.672  22.392  -8.365  1.00 45.00  ? 35   GLU A N   1 
ATOM   28   C CA  . GLU A 1 25  ? -3.201  21.143  -8.913  1.00 51.29  ? 35   GLU A CA  1 
ATOM   29   C C   . GLU A 1 25  ? -1.675  20.967  -8.724  1.00 50.76  ? 35   GLU A C   1 
ATOM   30   O O   . GLU A 1 25  ? -1.214  19.903  -8.312  1.00 48.06  ? 35   GLU A O   1 
ATOM   31   C CB  . GLU A 1 25  ? -3.618  21.026  -10.390 1.00 51.58  ? 35   GLU A CB  1 
ATOM   32   C CG  . GLU A 1 25  ? -3.774  19.564  -10.765 1.00 53.34  ? 35   GLU A CG  1 
ATOM   33   C CD  . GLU A 1 25  ? -3.634  19.296  -12.229 1.00 48.10  ? 35   GLU A CD  1 
ATOM   34   O OE1 . GLU A 1 25  ? -3.530  20.267  -13.020 1.00 49.44  ? 35   GLU A OE1 1 
ATOM   35   O OE2 . GLU A 1 25  ? -3.629  18.099  -12.577 1.00 43.19  ? 35   GLU A OE2 1 
ATOM   36   N N   . ASP A 1 26  ? -0.917  22.038  -8.976  1.00 55.34  ? 36   ASP A N   1 
ATOM   37   C CA  . ASP A 1 26  ? 0.552   22.091  -8.714  1.00 54.58  ? 36   ASP A CA  1 
ATOM   38   C C   . ASP A 1 26  ? 0.940   21.805  -7.273  1.00 49.13  ? 36   ASP A C   1 
ATOM   39   O O   . ASP A 1 26  ? 1.850   20.978  -7.050  1.00 46.52  ? 36   ASP A O   1 
ATOM   40   C CB  . ASP A 1 26  ? 1.179   23.461  -9.106  1.00 60.14  ? 36   ASP A CB  1 
ATOM   41   C CG  . ASP A 1 26  ? 1.086   23.767  -10.605 1.00 60.83  ? 36   ASP A CG  1 
ATOM   42   O OD1 . ASP A 1 26  ? 1.047   22.835  -11.441 1.00 58.85  ? 36   ASP A OD1 1 
ATOM   43   O OD2 . ASP A 1 26  ? 1.064   24.975  -10.938 1.00 66.44  ? 36   ASP A OD2 1 
ATOM   44   N N   A LEU A 1 27  ? 0.272   22.461  -6.323  0.50 44.84  ? 37   LEU A N   1 
ATOM   45   N N   B LEU A 1 27  ? 0.279   22.459  -6.298  0.50 46.78  ? 37   LEU A N   1 
ATOM   46   C CA  A LEU A 1 27  ? 0.516   22.227  -4.904  0.50 47.60  ? 37   LEU A CA  1 
ATOM   47   C CA  B LEU A 1 27  ? 0.536   22.196  -4.859  0.50 51.01  ? 37   LEU A CA  1 
ATOM   48   C C   A LEU A 1 27  ? 0.283   20.739  -4.499  0.50 52.53  ? 37   LEU A C   1 
ATOM   49   C C   B LEU A 1 27  ? 0.279   20.728  -4.475  0.50 54.78  ? 37   LEU A C   1 
ATOM   50   O O   A LEU A 1 27  ? 1.057   20.144  -3.731  0.50 50.17  ? 37   LEU A O   1 
ATOM   51   O O   B LEU A 1 27  ? 1.012   20.144  -3.666  0.50 52.64  ? 37   LEU A O   1 
ATOM   52   C CB  A LEU A 1 27  ? -0.384  23.180  -4.093  0.50 48.22  ? 37   LEU A CB  1 
ATOM   53   C CB  B LEU A 1 27  ? -0.333  23.100  -3.951  0.50 54.07  ? 37   LEU A CB  1 
ATOM   54   C CG  A LEU A 1 27  ? 0.027   24.669  -4.132  0.50 48.78  ? 37   LEU A CG  1 
ATOM   55   C CG  B LEU A 1 27  ? -0.213  22.874  -2.419  0.50 55.27  ? 37   LEU A CG  1 
ATOM   56   C CD1 A LEU A 1 27  ? -1.012  25.611  -3.517  0.50 42.77  ? 37   LEU A CD1 1 
ATOM   57   C CD1 B LEU A 1 27  ? 1.248   23.023  -1.974  0.50 59.22  ? 37   LEU A CD1 1 
ATOM   58   C CD2 A LEU A 1 27  ? 1.370   24.789  -3.417  0.50 49.27  ? 37   LEU A CD2 1 
ATOM   59   C CD2 B LEU A 1 27  ? -1.133  23.779  -1.588  0.50 54.51  ? 37   LEU A CD2 1 
ATOM   60   N N   . TYR A 1 28  ? -0.777  20.145  -5.052  1.00 54.23  ? 38   TYR A N   1 
ATOM   61   C CA  . TYR A 1 28  ? -1.184  18.766  -4.696  1.00 53.78  ? 38   TYR A CA  1 
ATOM   62   C C   . TYR A 1 28  ? -0.322  17.758  -5.435  1.00 50.45  ? 38   TYR A C   1 
ATOM   63   O O   . TYR A 1 28  ? 0.057   16.742  -4.845  1.00 45.91  ? 38   TYR A O   1 
ATOM   64   C CB  . TYR A 1 28  ? -2.640  18.494  -5.020  1.00 49.46  ? 38   TYR A CB  1 
ATOM   65   C CG  . TYR A 1 28  ? -3.608  19.017  -3.986  1.00 48.45  ? 38   TYR A CG  1 
ATOM   66   C CD1 . TYR A 1 28  ? -3.876  20.365  -3.871  1.00 43.41  ? 38   TYR A CD1 1 
ATOM   67   C CD2 . TYR A 1 28  ? -4.254  18.161  -3.143  1.00 52.49  ? 38   TYR A CD2 1 
ATOM   68   C CE1 . TYR A 1 28  ? -4.788  20.839  -2.950  1.00 48.43  ? 38   TYR A CE1 1 
ATOM   69   C CE2 . TYR A 1 28  ? -5.145  18.621  -2.207  1.00 53.68  ? 38   TYR A CE2 1 
ATOM   70   C CZ  . TYR A 1 28  ? -5.427  19.961  -2.148  1.00 49.84  ? 38   TYR A CZ  1 
ATOM   71   O OH  . TYR A 1 28  ? -6.321  20.380  -1.265  1.00 48.58  ? 38   TYR A OH  1 
ATOM   72   N N   . ARG A 1 29  ? -0.003  18.048  -6.689  1.00 47.56  ? 39   ARG A N   1 
ATOM   73   C CA  . ARG A 1 29  ? 1.000   17.260  -7.376  1.00 57.80  ? 39   ARG A CA  1 
ATOM   74   C C   . ARG A 1 29  ? 2.277   17.142  -6.540  1.00 55.20  ? 39   ARG A C   1 
ATOM   75   O O   . ARG A 1 29  ? 2.742   16.030  -6.343  1.00 50.26  ? 39   ARG A O   1 
ATOM   76   C CB  . ARG A 1 29  ? 1.361   17.805  -8.749  1.00 63.94  ? 39   ARG A CB  1 
ATOM   77   C CG  . ARG A 1 29  ? 2.298   16.854  -9.530  1.00 70.21  ? 39   ARG A CG  1 
ATOM   78   C CD  . ARG A 1 29  ? 2.354   17.209  -11.016 1.00 85.33  ? 39   ARG A CD  1 
ATOM   79   N NE  . ARG A 1 29  ? 2.607   18.646  -11.213 1.00 93.96  ? 39   ARG A NE  1 
ATOM   80   C CZ  . ARG A 1 29  ? 1.794   19.535  -11.814 1.00 97.52  ? 39   ARG A CZ  1 
ATOM   81   N NH1 . ARG A 1 29  ? 0.618   19.189  -12.364 1.00 91.43  ? 39   ARG A NH1 1 
ATOM   82   N NH2 . ARG A 1 29  ? 2.188   20.809  -11.874 1.00 101.77 ? 39   ARG A NH2 1 
ATOM   83   N N   . ALA A 1 30  ? 2.799   18.256  -6.032  1.00 51.22  ? 40   ALA A N   1 
ATOM   84   C CA  . ALA A 1 30  ? 4.051   18.236  -5.230  1.00 57.65  ? 40   ALA A CA  1 
ATOM   85   C C   . ALA A 1 30  ? 3.969   17.401  -3.955  1.00 56.48  ? 40   ALA A C   1 
ATOM   86   O O   . ALA A 1 30  ? 4.759   16.492  -3.782  1.00 64.34  ? 40   ALA A O   1 
ATOM   87   C CB  . ALA A 1 30  ? 4.517   19.649  -4.916  1.00 57.34  ? 40   ALA A CB  1 
ATOM   88   N N   . LYS A 1 31  ? 2.978   17.643  -3.107  1.00 69.93  ? 41   LYS A N   1 
ATOM   89   C CA  . LYS A 1 31  ? 2.844   16.902  -1.798  1.00 75.35  ? 41   LYS A CA  1 
ATOM   90   C C   . LYS A 1 31  ? 2.697   15.363  -1.901  1.00 62.98  ? 41   LYS A C   1 
ATOM   91   O O   . LYS A 1 31  ? 3.122   14.582  -1.062  1.00 62.26  ? 41   LYS A O   1 
ATOM   92   C CB  . LYS A 1 31  ? 1.640   17.439  -1.027  1.00 85.86  ? 41   LYS A CB  1 
ATOM   93   C CG  . LYS A 1 31  ? 1.976   18.503  0.014   1.00 86.98  ? 41   LYS A CG  1 
ATOM   94   C CD  . LYS A 1 31  ? 0.780   19.401  0.341   1.00 96.99  ? 41   LYS A CD  1 
ATOM   95   C CE  . LYS A 1 31  ? -0.560  18.651  0.420   1.00 99.20  ? 41   LYS A CE  1 
ATOM   96   N NZ  . LYS A 1 31  ? -1.620  19.429  1.101   1.00 95.42  ? 41   LYS A NZ  1 
ATOM   97   N N   . SER A 1 32  ? 2.044   14.948  -2.947  1.00 52.35  ? 42   SER A N   1 
ATOM   98   C CA  . SER A 1 32  ? 1.783   13.609  -3.145  1.00 53.03  ? 42   SER A CA  1 
ATOM   99   C C   . SER A 1 32  ? 2.884   12.923  -3.965  1.00 51.83  ? 42   SER A C   1 
ATOM   100  O O   . SER A 1 32  ? 2.950   11.683  -4.025  1.00 42.17  ? 42   SER A O   1 
ATOM   101  C CB  . SER A 1 32  ? 0.463   13.568  -3.867  1.00 57.48  ? 42   SER A CB  1 
ATOM   102  O OG  . SER A 1 32  ? 0.627   14.047  -5.140  1.00 57.47  ? 42   SER A OG  1 
ATOM   103  N N   . GLU A 1 33  ? 3.743   13.714  -4.608  1.00 45.63  ? 43   GLU A N   1 
ATOM   104  C CA  . GLU A 1 33  ? 4.902   13.143  -5.267  1.00 46.15  ? 43   GLU A CA  1 
ATOM   105  C C   . GLU A 1 33  ? 5.735   12.394  -4.264  1.00 37.65  ? 43   GLU A C   1 
ATOM   106  O O   . GLU A 1 33  ? 6.287   11.372  -4.574  1.00 37.48  ? 43   GLU A O   1 
ATOM   107  C CB  . GLU A 1 33  ? 5.770   14.177  -6.022  1.00 45.07  ? 43   GLU A CB  1 
ATOM   108  C CG  . GLU A 1 33  ? 5.333   14.172  -7.479  1.00 58.02  ? 43   GLU A CG  1 
ATOM   109  C CD  . GLU A 1 33  ? 6.047   15.191  -8.361  1.00 71.04  ? 43   GLU A CD  1 
ATOM   110  O OE1 . GLU A 1 33  ? 6.959   15.893  -7.848  1.00 62.72  ? 43   GLU A OE1 1 
ATOM   111  O OE2 . GLU A 1 33  ? 5.668   15.252  -9.566  1.00 70.68  ? 43   GLU A OE2 1 
ATOM   112  N N   . LYS A 1 34  ? 5.837   12.939  -3.074  1.00 34.91  ? 44   LYS A N   1 
ATOM   113  C CA  . LYS A 1 34  ? 6.634   12.339  -2.032  1.00 38.09  ? 44   LYS A CA  1 
ATOM   114  C C   . LYS A 1 34  ? 6.172   10.931  -1.709  1.00 37.34  ? 44   LYS A C   1 
ATOM   115  O O   . LYS A 1 34  ? 7.001   10.029  -1.564  1.00 34.32  ? 44   LYS A O   1 
ATOM   116  C CB  . LYS A 1 34  ? 6.495   13.192  -0.785  1.00 45.29  ? 44   LYS A CB  1 
ATOM   117  C CG  . LYS A 1 34  ? 7.313   12.706  0.369   1.00 57.98  ? 44   LYS A CG  1 
ATOM   118  C CD  . LYS A 1 34  ? 7.151   13.697  1.538   1.00 69.93  ? 44   LYS A CD  1 
ATOM   119  C CE  . LYS A 1 34  ? 5.970   13.349  2.459   1.00 63.94  ? 44   LYS A CE  1 
ATOM   120  N NZ  . LYS A 1 34  ? 6.101   12.056  3.192   1.00 53.24  ? 44   LYS A NZ  1 
ATOM   121  N N   . THR A 1 35  ? 4.852   10.780  -1.558  1.00 32.57  ? 45   THR A N   1 
ATOM   122  C CA  . THR A 1 35  ? 4.263   9.520   -1.299  1.00 29.79  ? 45   THR A CA  1 
ATOM   123  C C   . THR A 1 35  ? 4.439   8.548   -2.426  1.00 28.92  ? 45   THR A C   1 
ATOM   124  O O   . THR A 1 35  ? 4.771   7.341   -2.248  1.00 26.53  ? 45   THR A O   1 
ATOM   125  C CB  . THR A 1 35  ? 2.829   9.721   -0.903  1.00 32.96  ? 45   THR A CB  1 
ATOM   126  O OG1 . THR A 1 35  ? 2.812   10.683  0.160   1.00 28.93  ? 45   THR A OG1 1 
ATOM   127  C CG2 . THR A 1 35  ? 2.255   8.412   -0.366  1.00 35.36  ? 45   THR A CG2 1 
ATOM   128  N N   . MET A 1 36  ? 4.235   9.030   -3.613  1.00 28.61  ? 46   MET A N   1 
ATOM   129  C CA  . MET A 1 36  ? 4.526   8.233   -4.768  1.00 33.24  ? 46   MET A CA  1 
ATOM   130  C C   . MET A 1 36  ? 5.968   7.714   -4.821  1.00 30.71  ? 46   MET A C   1 
ATOM   131  O O   . MET A 1 36  ? 6.191   6.569   -5.119  1.00 27.59  ? 46   MET A O   1 
ATOM   132  C CB  . MET A 1 36  ? 4.187   9.038   -6.032  1.00 35.93  ? 46   MET A CB  1 
ATOM   133  C CG  . MET A 1 36  ? 4.535   8.396   -7.339  1.00 44.24  ? 46   MET A CG  1 
ATOM   134  S SD  . MET A 1 36  ? 3.865   9.251   -8.820  1.00 50.14  ? 46   MET A SD  1 
ATOM   135  C CE  . MET A 1 36  ? 2.618   10.345  -8.072  1.00 36.86  ? 46   MET A CE  1 
ATOM   136  N N   . HIS A 1 37  ? 6.930   8.568   -4.526  1.00 28.70  ? 47   HIS A N   1 
ATOM   137  C CA  . HIS A 1 37  ? 8.305   8.200   -4.630  1.00 28.01  ? 47   HIS A CA  1 
ATOM   138  C C   . HIS A 1 37  ? 8.758   7.184   -3.576  1.00 26.31  ? 47   HIS A C   1 
ATOM   139  O O   . HIS A 1 37  ? 9.581   6.343   -3.875  1.00 27.19  ? 47   HIS A O   1 
ATOM   140  C CB  . HIS A 1 37  ? 9.180   9.451   -4.590  1.00 28.06  ? 47   HIS A CB  1 
ATOM   141  C CG  . HIS A 1 37  ? 9.008   10.337  -5.765  1.00 31.83  ? 47   HIS A CG  1 
ATOM   142  N ND1 . HIS A 1 37  ? 8.246   10.002  -6.877  1.00 40.14  ? 47   HIS A ND1 1 
ATOM   143  C CD2 . HIS A 1 37  ? 9.455   11.581  -5.982  1.00 31.69  ? 47   HIS A CD2 1 
ATOM   144  C CE1 . HIS A 1 37  ? 8.299   10.992  -7.755  1.00 31.71  ? 47   HIS A CE1 1 
ATOM   145  N NE2 . HIS A 1 37  ? 8.994   11.972  -7.217  1.00 34.98  ? 47   HIS A NE2 1 
ATOM   146  N N   . VAL A 1 38  ? 8.268   7.301   -2.341  1.00 25.68  ? 48   VAL A N   1 
ATOM   147  C CA  . VAL A 1 38  ? 8.615   6.286   -1.344  1.00 26.45  ? 48   VAL A CA  1 
ATOM   148  C C   . VAL A 1 38  ? 8.031   4.935   -1.703  1.00 26.82  ? 48   VAL A C   1 
ATOM   149  O O   . VAL A 1 38  ? 8.655   3.902   -1.455  1.00 25.32  ? 48   VAL A O   1 
ATOM   150  C CB  . VAL A 1 38  ? 8.242   6.698   0.087   1.00 28.29  ? 48   VAL A CB  1 
ATOM   151  C CG1 . VAL A 1 38  ? 9.007   7.945   0.495   1.00 29.38  ? 48   VAL A CG1 1 
ATOM   152  C CG2 . VAL A 1 38  ? 6.731   6.932   0.292   1.00 27.35  ? 48   VAL A CG2 1 
ATOM   153  N N   . VAL A 1 39  ? 6.813   4.945   -2.291  1.00 25.31  ? 49   VAL A N   1 
ATOM   154  C CA  . VAL A 1 39  ? 6.167   3.683   -2.737  1.00 26.08  ? 49   VAL A CA  1 
ATOM   155  C C   . VAL A 1 39  ? 6.962   3.093   -3.928  1.00 27.67  ? 49   VAL A C   1 
ATOM   156  O O   . VAL A 1 39  ? 7.208   1.881   -3.982  1.00 25.41  ? 49   VAL A O   1 
ATOM   157  C CB  . VAL A 1 39  ? 4.676   3.842   -3.096  1.00 25.07  ? 49   VAL A CB  1 
ATOM   158  C CG1 . VAL A 1 39  ? 4.163   2.625   -3.838  1.00 26.55  ? 49   VAL A CG1 1 
ATOM   159  C CG2 . VAL A 1 39  ? 3.893   4.071   -1.848  1.00 25.24  ? 49   VAL A CG2 1 
ATOM   160  N N   . GLN A 1 40  ? 7.381   3.933   -4.863  1.00 26.66  ? 50   GLN A N   1 
ATOM   161  C CA  . GLN A 1 40  ? 8.166   3.448   -5.964  1.00 26.50  ? 50   GLN A CA  1 
ATOM   162  C C   . GLN A 1 40  ? 9.513   2.837   -5.467  1.00 26.98  ? 50   GLN A C   1 
ATOM   163  O O   . GLN A 1 40  ? 9.944   1.780   -5.962  1.00 27.58  ? 50   GLN A O   1 
ATOM   164  C CB  . GLN A 1 40  ? 8.415   4.518   -7.024  1.00 28.58  ? 50   GLN A CB  1 
ATOM   165  C CG  . GLN A 1 40  ? 7.195   5.027   -7.817  1.00 29.37  ? 50   GLN A CG  1 
ATOM   166  C CD  . GLN A 1 40  ? 7.536   6.289   -8.617  1.00 33.76  ? 50   GLN A CD  1 
ATOM   167  O OE1 . GLN A 1 40  ? 8.335   7.109   -8.241  1.00 33.42  ? 50   GLN A OE1 1 
ATOM   168  N NE2 . GLN A 1 40  ? 6.892   6.447   -9.683  1.00 39.17  ? 50   GLN A NE2 1 
ATOM   169  N N   . THR A 1 41  ? 10.140  3.541   -4.526  1.00 23.85  ? 51   THR A N   1 
ATOM   170  C CA  . THR A 1 41  ? 11.330  3.053   -3.825  1.00 25.98  ? 51   THR A CA  1 
ATOM   171  C C   . THR A 1 41  ? 11.087  1.669   -3.226  1.00 26.07  ? 51   THR A C   1 
ATOM   172  O O   . THR A 1 41  ? 11.816  0.695   -3.567  1.00 28.71  ? 51   THR A O   1 
ATOM   173  C CB  . THR A 1 41  ? 11.826  4.064   -2.784  1.00 26.99  ? 51   THR A CB  1 
ATOM   174  O OG1 . THR A 1 41  ? 12.158  5.300   -3.470  1.00 28.52  ? 51   THR A OG1 1 
ATOM   175  C CG2 . THR A 1 41  ? 13.042  3.521   -2.041  1.00 27.88  ? 51   THR A CG2 1 
ATOM   176  N N   . ALA A 1 42  ? 10.074  1.563   -2.371  1.00 26.64  ? 52   ALA A N   1 
ATOM   177  C CA  . ALA A 1 42  ? 9.803   0.294   -1.706  1.00 24.93  ? 52   ALA A CA  1 
ATOM   178  C C   . ALA A 1 42  ? 9.436   -0.820  -2.708  1.00 28.38  ? 52   ALA A C   1 
ATOM   179  O O   . ALA A 1 42  ? 9.812   -1.999  -2.495  1.00 27.17  ? 52   ALA A O   1 
ATOM   180  C CB  . ALA A 1 42  ? 8.739   0.504   -0.618  1.00 28.13  ? 52   ALA A CB  1 
ATOM   181  N N   . SER A 1 43  ? 8.753   -0.474  -3.809  1.00 27.11  ? 53   SER A N   1 
ATOM   182  C CA  . SER A 1 43  ? 8.359   -1.452  -4.820  1.00 27.94  ? 53   SER A CA  1 
ATOM   183  C C   . SER A 1 43  ? 9.541   -2.147  -5.550  1.00 27.50  ? 53   SER A C   1 
ATOM   184  O O   . SER A 1 43  ? 9.365   -3.216  -6.088  1.00 30.16  ? 53   SER A O   1 
ATOM   185  C CB  . SER A 1 43  ? 7.382   -0.868  -5.858  1.00 29.69  ? 53   SER A CB  1 
ATOM   186  O OG  . SER A 1 43  ? 8.171   -0.144  -6.862  1.00 36.65  ? 53   SER A OG  1 
ATOM   187  N N   . GLY A 1 44  ? 10.713  -1.558  -5.523  1.00 26.53  ? 54   GLY A N   1 
ATOM   188  C CA  . GLY A 1 44  ? 11.954  -2.155  -5.986  1.00 26.83  ? 54   GLY A CA  1 
ATOM   189  C C   . GLY A 1 44  ? 12.307  -3.433  -5.264  1.00 26.77  ? 54   GLY A C   1 
ATOM   190  O O   . GLY A 1 44  ? 12.972  -4.280  -5.793  1.00 26.73  ? 54   GLY A O   1 
ATOM   191  N N   . ILE A 1 45  ? 11.863  -3.595  -4.054  1.00 26.55  ? 55   ILE A N   1 
ATOM   192  C CA  . ILE A 1 45  ? 12.059  -4.858  -3.379  1.00 27.53  ? 55   ILE A CA  1 
ATOM   193  C C   . ILE A 1 45  ? 11.194  -5.981  -4.038  1.00 27.04  ? 55   ILE A C   1 
ATOM   194  O O   . ILE A 1 45  ? 11.625  -7.128  -4.119  1.00 24.92  ? 55   ILE A O   1 
ATOM   195  C CB  . ILE A 1 45  ? 11.731  -4.727  -1.894  1.00 25.79  ? 55   ILE A CB  1 
ATOM   196  C CG1 . ILE A 1 45  ? 12.727  -3.781  -1.248  1.00 27.26  ? 55   ILE A CG1 1 
ATOM   197  C CG2 . ILE A 1 45  ? 11.787  -6.097  -1.217  1.00 30.65  ? 55   ILE A CG2 1 
ATOM   198  C CD1 . ILE A 1 45  ? 12.377  -3.352  0.174   1.00 27.06  ? 55   ILE A CD1 1 
ATOM   199  N N   . LEU A 1 46  ? 9.967   -5.611  -4.463  1.00 27.80  ? 56   LEU A N   1 
ATOM   200  C CA  . LEU A 1 46  ? 9.089   -6.515  -5.168  1.00 27.14  ? 56   LEU A CA  1 
ATOM   201  C C   . LEU A 1 46  ? 9.771   -6.892  -6.454  1.00 30.04  ? 56   LEU A C   1 
ATOM   202  O O   . LEU A 1 46  ? 9.836   -8.083  -6.811  1.00 28.80  ? 56   LEU A O   1 
ATOM   203  C CB  . LEU A 1 46  ? 7.681   -5.964  -5.408  1.00 25.97  ? 56   LEU A CB  1 
ATOM   204  C CG  . LEU A 1 46  ? 6.924   -5.522  -4.146  1.00 30.05  ? 56   LEU A CG  1 
ATOM   205  C CD1 . LEU A 1 46  ? 5.587   -4.842  -4.443  1.00 31.02  ? 56   LEU A CD1 1 
ATOM   206  C CD2 . LEU A 1 46  ? 6.706   -6.678  -3.145  1.00 30.91  ? 56   LEU A CD2 1 
ATOM   207  N N   . THR A 1 47  ? 10.261  -5.880  -7.162  1.00 29.08  ? 57   THR A N   1 
ATOM   208  C CA  . THR A 1 47  ? 10.952  -6.087  -8.440  1.00 30.72  ? 57   THR A CA  1 
ATOM   209  C C   . THR A 1 47  ? 12.153  -7.035  -8.293  1.00 30.65  ? 57   THR A C   1 
ATOM   210  O O   . THR A 1 47  ? 12.310  -8.012  -9.067  1.00 27.80  ? 57   THR A O   1 
ATOM   211  C CB  . THR A 1 47  ? 11.409  -4.736  -9.029  1.00 33.85  ? 57   THR A CB  1 
ATOM   212  O OG1 . THR A 1 47  ? 10.283  -3.934  -9.274  1.00 30.60  ? 57   THR A OG1 1 
ATOM   213  C CG2 . THR A 1 47  ? 12.076  -4.913  -10.396 1.00 31.54  ? 57   THR A CG2 1 
ATOM   214  N N   . PHE A 1 48  ? 12.951  -6.795  -7.255  1.00 29.70  ? 58   PHE A N   1 
ATOM   215  C CA  . PHE A 1 48  ? 14.087  -7.613  -7.010  1.00 31.49  ? 58   PHE A CA  1 
ATOM   216  C C   . PHE A 1 48  ? 13.684  -9.100  -6.788  1.00 33.21  ? 58   PHE A C   1 
ATOM   217  O O   . PHE A 1 48  ? 14.270  -10.031 -7.409  1.00 30.93  ? 58   PHE A O   1 
ATOM   218  C CB  . PHE A 1 48  ? 14.903  -7.066  -5.849  1.00 32.26  ? 58   PHE A CB  1 
ATOM   219  C CG  . PHE A 1 48  ? 16.113  -7.885  -5.567  1.00 32.97  ? 58   PHE A CG  1 
ATOM   220  C CD1 . PHE A 1 48  ? 17.300  -7.629  -6.274  1.00 33.63  ? 58   PHE A CD1 1 
ATOM   221  C CD2 . PHE A 1 48  ? 16.042  -8.980  -4.714  1.00 30.61  ? 58   PHE A CD2 1 
ATOM   222  C CE1 . PHE A 1 48  ? 18.411  -8.411  -6.042  1.00 34.79  ? 58   PHE A CE1 1 
ATOM   223  C CE2 . PHE A 1 48  ? 17.153  -9.817  -4.523  1.00 30.98  ? 58   PHE A CE2 1 
ATOM   224  C CZ  . PHE A 1 48  ? 18.333  -9.538  -5.200  1.00 35.22  ? 58   PHE A CZ  1 
ATOM   225  N N   . TYR A 1 49  ? 12.744  -9.331  -5.874  1.00 29.27  ? 59   TYR A N   1 
ATOM   226  C CA  . TYR A 1 49  ? 12.307  -10.651 -5.574  1.00 27.98  ? 59   TYR A CA  1 
ATOM   227  C C   . TYR A 1 49  ? 11.571  -11.374 -6.712  1.00 33.00  ? 59   TYR A C   1 
ATOM   228  O O   . TYR A 1 49  ? 11.787  -12.580 -6.932  1.00 33.31  ? 59   TYR A O   1 
ATOM   229  C CB  . TYR A 1 49  ? 11.644  -10.746 -4.208  1.00 28.74  ? 59   TYR A CB  1 
ATOM   230  C CG  . TYR A 1 49  ? 12.713  -10.735 -3.137  1.00 31.76  ? 59   TYR A CG  1 
ATOM   231  C CD1 . TYR A 1 49  ? 13.532  -11.867 -2.936  1.00 31.04  ? 59   TYR A CD1 1 
ATOM   232  C CD2 . TYR A 1 49  ? 13.034  -9.553  -2.442  1.00 30.32  ? 59   TYR A CD2 1 
ATOM   233  C CE1 . TYR A 1 49  ? 14.538  -11.859 -2.013  1.00 31.07  ? 59   TYR A CE1 1 
ATOM   234  C CE2 . TYR A 1 49  ? 14.065  -9.520  -1.537  1.00 32.49  ? 59   TYR A CE2 1 
ATOM   235  C CZ  . TYR A 1 49  ? 14.839  -10.674 -1.353  1.00 33.41  ? 59   TYR A CZ  1 
ATOM   236  O OH  . TYR A 1 49  ? 15.848  -10.658 -0.457  1.00 32.83  ? 59   TYR A OH  1 
ATOM   237  N N   . GLN A 1 50  ? 10.749  -10.669 -7.457  1.00 32.77  ? 60   GLN A N   1 
ATOM   238  C CA  . GLN A 1 50  ? 10.139  -11.235 -8.660  1.00 35.51  ? 60   GLN A CA  1 
ATOM   239  C C   . GLN A 1 50  ? 11.202  -11.636 -9.724  1.00 39.36  ? 60   GLN A C   1 
ATOM   240  O O   . GLN A 1 50  ? 11.083  -12.665 -10.389 1.00 36.89  ? 60   GLN A O   1 
ATOM   241  C CB  . GLN A 1 50  ? 9.136   -10.248 -9.258  1.00 35.14  ? 60   GLN A CB  1 
ATOM   242  C CG  . GLN A 1 50  ? 8.210   -10.889 -10.283 1.00 36.52  ? 60   GLN A CG  1 
ATOM   243  C CD  . GLN A 1 50  ? 8.771   -10.994 -11.693 1.00 37.66  ? 60   GLN A CD  1 
ATOM   244  O OE1 . GLN A 1 50  ? 8.350   -11.798 -12.496 1.00 44.31  ? 60   GLN A OE1 1 
ATOM   245  N NE2 . GLN A 1 50  ? 9.664   -10.207 -11.985 1.00 37.56  ? 60   GLN A NE2 1 
ATOM   246  N N   . GLY A 1 51  ? 12.238  -10.824 -9.883  1.00 34.62  ? 61   GLY A N   1 
ATOM   247  C CA  . GLY A 1 51  ? 13.389  -11.227 -10.697 1.00 37.46  ? 61   GLY A CA  1 
ATOM   248  C C   . GLY A 1 51  ? 13.989  -12.562 -10.239 1.00 35.59  ? 61   GLY A C   1 
ATOM   249  O O   . GLY A 1 51  ? 14.308  -13.394 -11.065 1.00 35.89  ? 61   GLY A O   1 
ATOM   250  N N   . LEU A 1 52  ? 14.182  -12.769 -8.950  1.00 34.35  ? 62   LEU A N   1 
ATOM   251  C CA  . LEU A 1 52  ? 14.767  -14.031 -8.513  1.00 37.24  ? 62   LEU A CA  1 
ATOM   252  C C   . LEU A 1 52  ? 13.818  -15.206 -8.781  1.00 45.33  ? 62   LEU A C   1 
ATOM   253  O O   . LEU A 1 52  ? 14.274  -16.320 -9.113  1.00 37.95  ? 62   LEU A O   1 
ATOM   254  C CB  . LEU A 1 52  ? 15.183  -14.032 -7.064  1.00 34.61  ? 62   LEU A CB  1 
ATOM   255  C CG  . LEU A 1 52  ? 16.284  -13.066 -6.650  1.00 36.54  ? 62   LEU A CG  1 
ATOM   256  C CD1 . LEU A 1 52  ? 16.554  -13.295 -5.171  1.00 41.40  ? 62   LEU A CD1 1 
ATOM   257  C CD2 . LEU A 1 52  ? 17.541  -13.199 -7.490  1.00 42.35  ? 62   LEU A CD2 1 
ATOM   258  N N   . GLU A 1 53  ? 12.512  -14.963 -8.661  1.00 42.84  ? 63   GLU A N   1 
ATOM   259  C CA  . GLU A 1 53  ? 11.491  -15.955 -9.047  1.00 42.38  ? 63   GLU A CA  1 
ATOM   260  C C   . GLU A 1 53  ? 11.617  -16.227 -10.563 1.00 39.30  ? 63   GLU A C   1 
ATOM   261  O O   . GLU A 1 53  ? 11.755  -17.366 -10.963 1.00 44.54  ? 63   GLU A O   1 
ATOM   262  C CB  . GLU A 1 53  ? 10.068  -15.484 -8.705  1.00 41.81  ? 63   GLU A CB  1 
ATOM   263  C CG  . GLU A 1 53  ? 8.977   -16.346 -9.329  1.00 37.98  ? 63   GLU A CG  1 
ATOM   264  C CD  . GLU A 1 53  ? 7.694   -15.604 -9.542  1.00 41.24  ? 63   GLU A CD  1 
ATOM   265  O OE1 . GLU A 1 53  ? 7.564   -14.399 -9.178  1.00 35.76  ? 63   GLU A OE1 1 
ATOM   266  O OE2 . GLU A 1 53  ? 6.756   -16.275 -10.013 1.00 48.03  ? 63   GLU A OE2 1 
ATOM   267  N N   . ALA A 1 54  ? 11.590  -15.193 -11.386 1.00 39.34  ? 64   ALA A N   1 
ATOM   268  C CA  . ALA A 1 54  ? 11.634  -15.373 -12.833 1.00 44.27  ? 64   ALA A CA  1 
ATOM   269  C C   . ALA A 1 54  ? 12.919  -16.113 -13.285 1.00 49.10  ? 64   ALA A C   1 
ATOM   270  O O   . ALA A 1 54  ? 12.864  -16.867 -14.195 1.00 49.92  ? 64   ALA A O   1 
ATOM   271  C CB  . ALA A 1 54  ? 11.470  -14.057 -13.585 1.00 44.88  ? 64   ALA A CB  1 
ATOM   272  N N   . ALA A 1 55  ? 14.028  -15.934 -12.597 1.00 48.55  ? 65   ALA A N   1 
ATOM   273  C CA  . ALA A 1 55  ? 15.276  -16.600 -12.919 1.00 50.82  ? 65   ALA A CA  1 
ATOM   274  C C   . ALA A 1 55  ? 15.338  -18.006 -12.313 1.00 53.48  ? 65   ALA A C   1 
ATOM   275  O O   . ALA A 1 55  ? 16.275  -18.705 -12.581 1.00 62.19  ? 65   ALA A O   1 
ATOM   276  C CB  . ALA A 1 55  ? 16.474  -15.763 -12.403 1.00 46.21  ? 65   ALA A CB  1 
ATOM   277  N N   . GLY A 1 56  ? 14.417  -18.397 -11.432 1.00 52.02  ? 66   GLY A N   1 
ATOM   278  C CA  . GLY A 1 56  ? 14.381  -19.742 -10.914 1.00 46.22  ? 66   GLY A CA  1 
ATOM   279  C C   . GLY A 1 56  ? 15.237  -19.899 -9.703  1.00 51.44  ? 66   GLY A C   1 
ATOM   280  O O   . GLY A 1 56  ? 15.391  -20.985 -9.201  1.00 51.76  ? 66   GLY A O   1 
ATOM   281  N N   . SER A 1 57  ? 15.748  -18.803 -9.178  1.00 46.62  ? 67   SER A N   1 
ATOM   282  C CA  . SER A 1 57  ? 16.575  -18.806 -7.972  1.00 43.98  ? 67   SER A CA  1 
ATOM   283  C C   . SER A 1 57  ? 15.778  -18.973 -6.633  1.00 45.54  ? 67   SER A C   1 
ATOM   284  O O   . SER A 1 57  ? 16.307  -19.401 -5.616  1.00 45.27  ? 67   SER A O   1 
ATOM   285  C CB  . SER A 1 57  ? 17.448  -17.536 -8.047  1.00 50.14  ? 67   SER A CB  1 
ATOM   286  O OG  . SER A 1 57  ? 17.719  -17.030 -6.777  1.00 68.24  ? 67   SER A OG  1 
ATOM   287  N N   . MET A 1 58  ? 14.492  -18.645 -6.619  1.00 45.70  ? 68   MET A N   1 
ATOM   288  C CA  . MET A 1 58  ? 13.621  -18.908 -5.466  1.00 44.18  ? 68   MET A CA  1 
ATOM   289  C C   . MET A 1 58  ? 12.282  -19.274 -6.060  1.00 39.06  ? 68   MET A C   1 
ATOM   290  O O   . MET A 1 58  ? 11.928  -18.824 -7.157  1.00 34.00  ? 68   MET A O   1 
ATOM   291  C CB  . MET A 1 58  ? 13.359  -17.620 -4.597  1.00 42.19  ? 68   MET A CB  1 
ATOM   292  C CG  . MET A 1 58  ? 14.593  -16.927 -4.113  1.00 49.73  ? 68   MET A CG  1 
ATOM   293  S SD  . MET A 1 58  ? 14.294  -15.539 -2.966  1.00 41.49  ? 68   MET A SD  1 
ATOM   294  C CE  . MET A 1 58  ? 13.687  -16.258 -1.471  1.00 36.83  ? 68   MET A CE  1 
ATOM   295  N N   . THR A 1 59  ? 11.469  -19.948 -5.279  1.00 37.80  ? 69   THR A N   1 
ATOM   296  C CA  . THR A 1 59  ? 10.097  -20.125 -5.698  1.00 37.65  ? 69   THR A CA  1 
ATOM   297  C C   . THR A 1 59  ? 9.385   -18.773 -5.513  1.00 40.12  ? 69   THR A C   1 
ATOM   298  O O   . THR A 1 59  ? 9.853   -17.868 -4.760  1.00 32.93  ? 69   THR A O   1 
ATOM   299  C CB  . THR A 1 59  ? 9.415   -21.198 -4.845  1.00 38.70  ? 69   THR A CB  1 
ATOM   300  O OG1 . THR A 1 59  ? 9.268   -20.714 -3.511  1.00 38.90  ? 69   THR A OG1 1 
ATOM   301  C CG2 . THR A 1 59  ? 10.243  -22.562 -4.838  1.00 42.10  ? 69   THR A CG2 1 
ATOM   302  N N   . ARG A 1 60  ? 8.228   -18.671 -6.144  1.00 36.28  ? 70   ARG A N   1 
ATOM   303  C CA  . ARG A 1 60  ? 7.455   -17.448 -6.073  1.00 37.56  ? 70   ARG A CA  1 
ATOM   304  C C   . ARG A 1 60  ? 7.076   -17.130 -4.634  1.00 36.52  ? 70   ARG A C   1 
ATOM   305  O O   . ARG A 1 60  ? 7.145   -15.971 -4.199  1.00 30.85  ? 70   ARG A O   1 
ATOM   306  C CB  . ARG A 1 60  ? 6.191   -17.664 -6.891  1.00 38.72  ? 70   ARG A CB  1 
ATOM   307  C CG  . ARG A 1 60  ? 5.231   -16.508 -6.862  1.00 39.21  ? 70   ARG A CG  1 
ATOM   308  C CD  . ARG A 1 60  ? 4.134   -16.961 -7.707  1.00 46.84  ? 70   ARG A CD  1 
ATOM   309  N NE  . ARG A 1 60  ? 3.103   -15.999 -7.856  1.00 49.37  ? 70   ARG A NE  1 
ATOM   310  C CZ  . ARG A 1 60  ? 2.838   -15.327 -8.966  1.00 54.22  ? 70   ARG A CZ  1 
ATOM   311  N NH1 . ARG A 1 60  ? 3.652   -15.346 -10.027 1.00 52.21  ? 70   ARG A NH1 1 
ATOM   312  N NH2 . ARG A 1 60  ? 1.773   -14.551 -8.964  1.00 60.51  ? 70   ARG A NH2 1 
ATOM   313  N N   . GLU A 1 61  ? 6.600   -18.160 -3.925  1.00 30.79  ? 71   GLU A N   1 
ATOM   314  C CA  . GLU A 1 61  ? 6.068   -17.954 -2.595  1.00 33.50  ? 71   GLU A CA  1 
ATOM   315  C C   . GLU A 1 61  ? 7.157   -17.591 -1.586  1.00 32.64  ? 71   GLU A C   1 
ATOM   316  O O   . GLU A 1 61  ? 6.908   -16.779 -0.627  1.00 34.79  ? 71   GLU A O   1 
ATOM   317  C CB  . GLU A 1 61  ? 5.179   -19.113 -2.105  1.00 32.48  ? 71   GLU A CB  1 
ATOM   318  C CG  . GLU A 1 61  ? 3.941   -19.337 -2.955  1.00 35.32  ? 71   GLU A CG  1 
ATOM   319  C CD  . GLU A 1 61  ? 4.218   -20.084 -4.275  1.00 32.15  ? 71   GLU A CD  1 
ATOM   320  O OE1 . GLU A 1 61  ? 5.299   -20.663 -4.401  1.00 31.86  ? 71   GLU A OE1 1 
ATOM   321  O OE2 . GLU A 1 61  ? 3.356   -20.055 -5.173  1.00 37.49  ? 71   GLU A OE2 1 
ATOM   322  N N   . ALA A 1 62  ? 8.340   -18.117 -1.785  1.00 32.32  ? 72   ALA A N   1 
ATOM   323  C CA  . ALA A 1 62  ? 9.460   -17.786 -0.895  1.00 36.81  ? 72   ALA A CA  1 
ATOM   324  C C   . ALA A 1 62  ? 9.963   -16.345 -1.170  1.00 36.48  ? 72   ALA A C   1 
ATOM   325  O O   . ALA A 1 62  ? 10.277  -15.624 -0.251  1.00 34.00  ? 72   ALA A O   1 
ATOM   326  C CB  . ALA A 1 62  ? 10.641  -18.763 -1.089  1.00 36.47  ? 72   ALA A CB  1 
ATOM   327  N N   . ALA A 1 63  ? 10.137  -16.024 -2.448  1.00 33.42  ? 73   ALA A N   1 
ATOM   328  C CA  . ALA A 1 63  ? 10.399  -14.679 -2.894  1.00 31.86  ? 73   ALA A CA  1 
ATOM   329  C C   . ALA A 1 63  ? 9.353   -13.685 -2.315  1.00 32.84  ? 73   ALA A C   1 
ATOM   330  O O   . ALA A 1 63  ? 9.731   -12.648 -1.852  1.00 31.60  ? 73   ALA A O   1 
ATOM   331  C CB  . ALA A 1 63  ? 10.418  -14.630 -4.424  1.00 29.67  ? 73   ALA A CB  1 
ATOM   332  N N   . GLN A 1 64  ? 8.050   -14.026 -2.333  1.00 31.86  ? 74   GLN A N   1 
ATOM   333  C CA  . GLN A 1 64  ? 7.036   -13.172 -1.809  1.00 33.02  ? 74   GLN A CA  1 
ATOM   334  C C   . GLN A 1 64  ? 7.232   -12.947 -0.327  1.00 33.40  ? 74   GLN A C   1 
ATOM   335  O O   . GLN A 1 64  ? 7.180   -11.801 0.127   1.00 26.00  ? 74   GLN A O   1 
ATOM   336  C CB  . GLN A 1 64  ? 5.625   -13.714 -2.055  1.00 32.22  ? 74   GLN A CB  1 
ATOM   337  C CG  . GLN A 1 64  ? 5.173   -13.526 -3.489  1.00 34.09  ? 74   GLN A CG  1 
ATOM   338  C CD  . GLN A 1 64  ? 3.840   -14.219 -3.783  1.00 32.12  ? 74   GLN A CD  1 
ATOM   339  O OE1 . GLN A 1 64  ? 3.353   -15.047 -3.009  1.00 35.01  ? 74   GLN A OE1 1 
ATOM   340  N NE2 . GLN A 1 64  ? 3.291   -13.911 -4.927  1.00 28.78  ? 74   GLN A NE2 1 
ATOM   341  N N   . GLN A 1 65  ? 7.459   -14.020 0.423   1.00 31.93  ? 75   GLN A N   1 
ATOM   342  C CA  . GLN A 1 65  ? 7.569   -13.879 1.873   1.00 32.56  ? 75   GLN A CA  1 
ATOM   343  C C   . GLN A 1 65  ? 8.809   -13.035 2.258   1.00 32.22  ? 75   GLN A C   1 
ATOM   344  O O   . GLN A 1 65  ? 8.777   -12.301 3.204   1.00 33.52  ? 75   GLN A O   1 
ATOM   345  C CB  . GLN A 1 65  ? 7.725   -15.242 2.573   1.00 35.29  ? 75   GLN A CB  1 
ATOM   346  C CG  . GLN A 1 65  ? 6.493   -16.072 2.573   1.00 37.61  ? 75   GLN A CG  1 
ATOM   347  C CD  . GLN A 1 65  ? 5.372   -15.436 3.315   1.00 39.24  ? 75   GLN A CD  1 
ATOM   348  O OE1 . GLN A 1 65  ? 5.529   -14.881 4.388   1.00 43.16  ? 75   GLN A OE1 1 
ATOM   349  N NE2 . GLN A 1 65  ? 4.232   -15.451 2.702   1.00 47.00  ? 75   GLN A NE2 1 
ATOM   350  N N   . GLN A 1 66  ? 9.900   -13.225 1.561   1.00 30.21  ? 76   GLN A N   1 
ATOM   351  C CA  . GLN A 1 66  ? 11.109  -12.464 1.866   1.00 32.89  ? 76   GLN A CA  1 
ATOM   352  C C   . GLN A 1 66  ? 10.855  -10.965 1.588   1.00 30.83  ? 76   GLN A C   1 
ATOM   353  O O   . GLN A 1 66  ? 11.232  -10.129 2.406   1.00 29.49  ? 76   GLN A O   1 
ATOM   354  C CB  . GLN A 1 66  ? 12.295  -12.952 1.018   1.00 33.30  ? 76   GLN A CB  1 
ATOM   355  C CG  . GLN A 1 66  ? 13.617  -12.203 1.276   1.00 33.74  ? 76   GLN A CG  1 
ATOM   356  C CD  . GLN A 1 66  ? 14.069  -12.288 2.722   1.00 37.89  ? 76   GLN A CD  1 
ATOM   357  O OE1 . GLN A 1 66  ? 13.832  -13.272 3.349   1.00 32.76  ? 76   GLN A OE1 1 
ATOM   358  N NE2 . GLN A 1 66  ? 14.763  -11.275 3.238   1.00 32.81  ? 76   GLN A NE2 1 
ATOM   359  N N   . ALA A 1 67  ? 10.266  -10.658 0.423   1.00 26.17  ? 77   ALA A N   1 
ATOM   360  C CA  . ALA A 1 67  ? 9.932   -9.294  0.099   1.00 27.37  ? 77   ALA A CA  1 
ATOM   361  C C   . ALA A 1 67  ? 9.023   -8.637  1.127   1.00 29.60  ? 77   ALA A C   1 
ATOM   362  O O   . ALA A 1 67  ? 9.307   -7.537  1.562   1.00 25.25  ? 77   ALA A O   1 
ATOM   363  C CB  . ALA A 1 67  ? 9.302   -9.264  -1.294  1.00 30.81  ? 77   ALA A CB  1 
ATOM   364  N N   . LEU A 1 68  ? 7.966   -9.332  1.578   1.00 29.12  ? 78   LEU A N   1 
ATOM   365  C CA  . LEU A 1 68  ? 7.032   -8.812  2.585   1.00 30.89  ? 78   LEU A CA  1 
ATOM   366  C C   . LEU A 1 68  ? 7.753   -8.492  3.872   1.00 29.30  ? 78   LEU A C   1 
ATOM   367  O O   . LEU A 1 68  ? 7.455   -7.490  4.516   1.00 30.26  ? 78   LEU A O   1 
ATOM   368  C CB  . LEU A 1 68  ? 6.008   -9.883  3.075   1.00 39.50  ? 78   LEU A CB  1 
ATOM   369  C CG  . LEU A 1 68  ? 5.115   -10.443 2.053   1.00 43.04  ? 78   LEU A CG  1 
ATOM   370  C CD1 . LEU A 1 68  ? 4.198   -11.508 2.632   1.00 36.83  ? 78   LEU A CD1 1 
ATOM   371  C CD2 . LEU A 1 68  ? 4.442   -9.209  1.480   1.00 47.29  ? 78   LEU A CD2 1 
ATOM   372  N N   . LYS A 1 69  ? 8.596   -9.412  4.267   1.00 28.58  ? 79   LYS A N   1 
ATOM   373  C CA  . LYS A 1 69  ? 9.369   -9.292  5.540   1.00 37.29  ? 79   LYS A CA  1 
ATOM   374  C C   . LYS A 1 69  ? 10.217  -8.012  5.543   1.00 31.55  ? 79   LYS A C   1 
ATOM   375  O O   . LYS A 1 69  ? 10.225  -7.252  6.470   1.00 31.09  ? 79   LYS A O   1 
ATOM   376  C CB  . LYS A 1 69  ? 10.331  -10.470 5.628   1.00 40.58  ? 79   LYS A CB  1 
ATOM   377  C CG  . LYS A 1 69  ? 10.492  -11.147 6.955   1.00 54.44  ? 79   LYS A CG  1 
ATOM   378  C CD  . LYS A 1 69  ? 11.186  -12.516 6.790   1.00 53.40  ? 79   LYS A CD  1 
ATOM   379  C CE  . LYS A 1 69  ? 10.192  -13.596 6.355   1.00 60.23  ? 79   LYS A CE  1 
ATOM   380  N NZ  . LYS A 1 69  ? 10.720  -14.973 6.419   1.00 57.90  ? 79   LYS A NZ  1 
ATOM   381  N N   . GLU A 1 70  ? 10.876  -7.749  4.435   1.00 27.93  ? 80   GLU A N   1 
ATOM   382  C CA  . GLU A 1 70  ? 11.664  -6.551  4.315   1.00 29.57  ? 80   GLU A CA  1 
ATOM   383  C C   . GLU A 1 70  ? 10.791  -5.322  4.235   1.00 29.24  ? 80   GLU A C   1 
ATOM   384  O O   . GLU A 1 70  ? 11.059  -4.304  4.884   1.00 27.10  ? 80   GLU A O   1 
ATOM   385  C CB  . GLU A 1 70  ? 12.566  -6.656  3.096   1.00 29.59  ? 80   GLU A CB  1 
ATOM   386  C CG  . GLU A 1 70  ? 13.590  -7.795  3.220   1.00 30.45  ? 80   GLU A CG  1 
ATOM   387  C CD  . GLU A 1 70  ? 14.543  -7.834  2.040   1.00 33.13  ? 80   GLU A CD  1 
ATOM   388  O OE1 . GLU A 1 70  ? 14.741  -6.769  1.380   1.00 34.07  ? 80   GLU A OE1 1 
ATOM   389  O OE2 . GLU A 1 70  ? 15.080  -8.921  1.699   1.00 30.76  ? 80   GLU A OE2 1 
ATOM   390  N N   . ILE A 1 71  ? 9.732   -5.361  3.435   1.00 26.56  ? 81   ILE A N   1 
ATOM   391  C CA  . ILE A 1 71  ? 8.903   -4.142  3.294   1.00 26.29  ? 81   ILE A CA  1 
ATOM   392  C C   . ILE A 1 71  ? 8.228   -3.813  4.623   1.00 26.45  ? 81   ILE A C   1 
ATOM   393  O O   . ILE A 1 71  ? 8.038   -2.655  4.956   1.00 27.57  ? 81   ILE A O   1 
ATOM   394  C CB  . ILE A 1 71  ? 7.906   -4.290  2.105   1.00 26.96  ? 81   ILE A CB  1 
ATOM   395  C CG1 . ILE A 1 71  ? 8.689   -4.291  0.789   1.00 26.54  ? 81   ILE A CG1 1 
ATOM   396  C CG2 . ILE A 1 71  ? 6.854   -3.190  2.113   1.00 26.37  ? 81   ILE A CG2 1 
ATOM   397  C CD1 . ILE A 1 71  ? 7.888   -4.778  -0.400  1.00 28.39  ? 81   ILE A CD1 1 
ATOM   398  N N   . LYS A 1 72  ? 7.945   -4.839  5.430   1.00 29.55  ? 82   LYS A N   1 
ATOM   399  C CA  . LYS A 1 72  ? 7.317   -4.672  6.777   1.00 32.85  ? 82   LYS A CA  1 
ATOM   400  C C   . LYS A 1 72  ? 8.096   -3.781  7.716   1.00 32.03  ? 82   LYS A C   1 
ATOM   401  O O   . LYS A 1 72  ? 7.487   -3.079  8.520   1.00 31.28  ? 82   LYS A O   1 
ATOM   402  C CB  . LYS A 1 72  ? 7.173   -6.057  7.492   1.00 36.71  ? 82   LYS A CB  1 
ATOM   403  C CG  . LYS A 1 72  ? 6.258   -6.085  8.721   1.00 44.29  ? 82   LYS A CG  1 
ATOM   404  C CD  . LYS A 1 72  ? 6.050   -7.517  9.284   1.00 50.05  ? 82   LYS A CD  1 
ATOM   405  C CE  . LYS A 1 72  ? 4.861   -7.671  10.290  1.00 64.74  ? 82   LYS A CE  1 
ATOM   406  N NZ  . LYS A 1 72  ? 3.436   -7.997  9.852   1.00 53.72  ? 82   LYS A NZ  1 
ATOM   407  N N   . GLY A 1 73  ? 9.426   -3.844  7.650   1.00 30.33  ? 83   GLY A N   1 
ATOM   408  C CA  . GLY A 1 73  ? 10.294  -3.021  8.499   1.00 31.44  ? 83   GLY A CA  1 
ATOM   409  C C   . GLY A 1 73  ? 10.563  -1.613  8.003   1.00 34.43  ? 83   GLY A C   1 
ATOM   410  O O   . GLY A 1 73  ? 11.077  -0.828  8.742   1.00 30.65  ? 83   GLY A O   1 
ATOM   411  N N   . LEU A 1 74  ? 10.164  -1.242  6.789   1.00 32.36  ? 84   LEU A N   1 
ATOM   412  C CA  . LEU A 1 74  ? 10.554  0.049   6.234   1.00 30.64  ? 84   LEU A CA  1 
ATOM   413  C C   . LEU A 1 74  ? 9.750   1.163   6.875   1.00 30.80  ? 84   LEU A C   1 
ATOM   414  O O   . LEU A 1 74  ? 8.584   1.018   7.117   1.00 29.08  ? 84   LEU A O   1 
ATOM   415  C CB  . LEU A 1 74  ? 10.339  0.119   4.724   1.00 31.01  ? 84   LEU A CB  1 
ATOM   416  C CG  . LEU A 1 74  ? 10.979  -0.975  3.864   1.00 30.82  ? 84   LEU A CG  1 
ATOM   417  C CD1 . LEU A 1 74  ? 10.619  -0.754  2.383   1.00 31.95  ? 84   LEU A CD1 1 
ATOM   418  C CD2 . LEU A 1 74  ? 12.469  -1.081  4.096   1.00 30.38  ? 84   LEU A CD2 1 
ATOM   419  N N   . ARG A 1 75  ? 10.402  2.273   7.167   1.00 29.01  ? 85   ARG A N   1 
ATOM   420  C CA  . ARG A 1 75  ? 9.710   3.439   7.700   1.00 28.25  ? 85   ARG A CA  1 
ATOM   421  C C   . ARG A 1 75  ? 10.323  4.710   7.162   1.00 28.01  ? 85   ARG A C   1 
ATOM   422  O O   . ARG A 1 75  ? 11.501  4.752   6.891   1.00 27.72  ? 85   ARG A O   1 
ATOM   423  C CB  . ARG A 1 75  ? 9.878   3.497   9.261   1.00 31.25  ? 85   ARG A CB  1 
ATOM   424  C CG  . ARG A 1 75  ? 9.197   2.400   10.096  1.00 30.98  ? 85   ARG A CG  1 
ATOM   425  C CD  . ARG A 1 75  ? 7.675   2.414   9.923   1.00 31.02  ? 85   ARG A CD  1 
ATOM   426  N NE  . ARG A 1 75  ? 7.043   1.444   10.834  1.00 32.02  ? 85   ARG A NE  1 
ATOM   427  C CZ  . ARG A 1 75  ? 7.007   0.136   10.639  1.00 34.22  ? 85   ARG A CZ  1 
ATOM   428  N NH1 . ARG A 1 75  ? 7.501   -0.422  9.527   1.00 29.84  ? 85   ARG A NH1 1 
ATOM   429  N NH2 . ARG A 1 75  ? 6.430   -0.633  11.547  1.00 33.61  ? 85   ARG A NH2 1 
ATOM   430  N N   . TYR A 1 76  ? 9.542   5.792   7.104   1.00 28.64  ? 86   TYR A N   1 
ATOM   431  C CA  . TYR A 1 76  ? 10.097  7.096   6.824   1.00 29.06  ? 86   TYR A CA  1 
ATOM   432  C C   . TYR A 1 76  ? 9.363   8.129   7.697   1.00 31.51  ? 86   TYR A C   1 
ATOM   433  O O   . TYR A 1 76  ? 8.279   7.825   8.228   1.00 29.07  ? 86   TYR A O   1 
ATOM   434  C CB  . TYR A 1 76  ? 10.002  7.416   5.319   1.00 26.39  ? 86   TYR A CB  1 
ATOM   435  C CG  . TYR A 1 76  ? 8.612   7.429   4.801   1.00 27.21  ? 86   TYR A CG  1 
ATOM   436  C CD1 . TYR A 1 76  ? 7.983   6.249   4.406   1.00 28.03  ? 86   TYR A CD1 1 
ATOM   437  C CD2 . TYR A 1 76  ? 7.907   8.634   4.671   1.00 27.84  ? 86   TYR A CD2 1 
ATOM   438  C CE1 . TYR A 1 76  ? 6.720   6.291   3.873   1.00 26.63  ? 86   TYR A CE1 1 
ATOM   439  C CE2 . TYR A 1 76  ? 6.596   8.676   4.186   1.00 25.77  ? 86   TYR A CE2 1 
ATOM   440  C CZ  . TYR A 1 76  ? 6.022   7.496   3.811   1.00 25.90  ? 86   TYR A CZ  1 
ATOM   441  O OH  . TYR A 1 76  ? 4.758   7.481   3.392   1.00 28.92  ? 86   TYR A OH  1 
ATOM   442  N N   . SER A 1 77  ? 9.916   9.342   7.772   1.00 33.20  ? 87   SER A N   1 
ATOM   443  C CA  . SER A 1 77  ? 9.303   10.491  8.472   1.00 38.32  ? 87   SER A CA  1 
ATOM   444  C C   . SER A 1 77  ? 8.914   10.132  9.919   1.00 40.57  ? 87   SER A C   1 
ATOM   445  O O   . SER A 1 77  ? 9.674   9.500   10.589  1.00 40.37  ? 87   SER A O   1 
ATOM   446  C CB  . SER A 1 77  ? 8.117   10.928  7.649   1.00 42.43  ? 87   SER A CB  1 
ATOM   447  O OG  . SER A 1 77  ? 7.433   11.962  8.269   1.00 43.99  ? 87   SER A OG  1 
ATOM   448  N N   . GLN A 1 78  ? 7.700   10.443  10.336  1.00 50.56  ? 88   GLN A N   1 
ATOM   449  C CA  . GLN A 1 78  ? 7.198   10.074  11.669  1.00 60.95  ? 88   GLN A CA  1 
ATOM   450  C C   . GLN A 1 78  ? 6.496   8.713   11.597  1.00 50.86  ? 88   GLN A C   1 
ATOM   451  O O   . GLN A 1 78  ? 5.252   8.624   11.587  1.00 48.47  ? 88   GLN A O   1 
ATOM   452  C CB  . GLN A 1 78  ? 6.208   11.156  12.220  1.00 68.72  ? 88   GLN A CB  1 
ATOM   453  C CG  . GLN A 1 78  ? 6.711   12.623  12.282  1.00 74.80  ? 88   GLN A CG  1 
ATOM   454  C CD  . GLN A 1 78  ? 8.061   12.824  13.005  1.00 85.76  ? 88   GLN A CD  1 
ATOM   455  O OE1 . GLN A 1 78  ? 8.194   12.559  14.198  1.00 90.00  ? 88   GLN A OE1 1 
ATOM   456  N NE2 . GLN A 1 78  ? 9.057   13.326  12.279  1.00 91.66  ? 88   GLN A NE2 1 
ATOM   457  N N   . ASN A 1 79  ? 7.296   7.659   11.612  1.00 36.37  ? 89   ASN A N   1 
ATOM   458  C CA  . ASN A 1 79  ? 6.805   6.286   11.611  1.00 36.51  ? 89   ASN A CA  1 
ATOM   459  C C   . ASN A 1 79  ? 5.748   5.953   10.503  1.00 30.87  ? 89   ASN A C   1 
ATOM   460  O O   . ASN A 1 79  ? 4.813   5.193   10.727  1.00 31.41  ? 89   ASN A O   1 
ATOM   461  C CB  . ASN A 1 79  ? 6.255   5.979   12.987  1.00 37.96  ? 89   ASN A CB  1 
ATOM   462  C CG  . ASN A 1 79  ? 6.199   4.516   13.258  1.00 42.87  ? 89   ASN A CG  1 
ATOM   463  O OD1 . ASN A 1 79  ? 7.073   3.739   12.834  1.00 49.06  ? 89   ASN A OD1 1 
ATOM   464  N ND2 . ASN A 1 79  ? 5.167   4.107   13.947  1.00 48.39  ? 89   ASN A ND2 1 
ATOM   465  N N   . ASP A 1 80  ? 5.884   6.597   9.344   1.00 29.35  ? 90   ASP A N   1 
ATOM   466  C CA  . ASP A 1 80  ? 5.095   6.259   8.189   1.00 30.97  ? 90   ASP A CA  1 
ATOM   467  C C   . ASP A 1 80  ? 5.605   4.911   7.627   1.00 29.64  ? 90   ASP A C   1 
ATOM   468  O O   . ASP A 1 80  ? 6.782   4.620   7.659   1.00 28.46  ? 90   ASP A O   1 
ATOM   469  C CB  . ASP A 1 80  ? 5.093   7.357   7.185   1.00 29.99  ? 90   ASP A CB  1 
ATOM   470  C CG  . ASP A 1 80  ? 4.378   8.609   7.705   1.00 36.90  ? 90   ASP A CG  1 
ATOM   471  O OD1 . ASP A 1 80  ? 3.245   8.534   8.231   1.00 34.04  ? 90   ASP A OD1 1 
ATOM   472  O OD2 . ASP A 1 80  ? 4.976   9.670   7.596   1.00 33.96  ? 90   ASP A OD2 1 
ATOM   473  N N   . TYR A 1 81  ? 4.662   4.110   7.183   1.00 26.17  ? 91   TYR A N   1 
ATOM   474  C CA  . TYR A 1 81  ? 4.871   2.706   6.900   1.00 29.70  ? 91   TYR A CA  1 
ATOM   475  C C   . TYR A 1 81  ? 4.208   2.326   5.561   1.00 27.13  ? 91   TYR A C   1 
ATOM   476  O O   . TYR A 1 81  ? 3.408   3.098   4.981   1.00 26.30  ? 91   TYR A O   1 
ATOM   477  C CB  . TYR A 1 81  ? 4.249   1.861   8.053   1.00 28.60  ? 91   TYR A CB  1 
ATOM   478  C CG  . TYR A 1 81  ? 2.778   1.992   8.208   1.00 29.62  ? 91   TYR A CG  1 
ATOM   479  C CD1 . TYR A 1 81  ? 1.905   1.173   7.474   1.00 27.98  ? 91   TYR A CD1 1 
ATOM   480  C CD2 . TYR A 1 81  ? 2.236   2.942   9.053   1.00 30.10  ? 91   TYR A CD2 1 
ATOM   481  C CE1 . TYR A 1 81  ? 0.542   1.273   7.622   1.00 27.70  ? 91   TYR A CE1 1 
ATOM   482  C CE2 . TYR A 1 81  ? 0.845   3.079   9.186   1.00 28.88  ? 91   TYR A CE2 1 
ATOM   483  C CZ  . TYR A 1 81  ? 0.014   2.244   8.472   1.00 28.45  ? 91   TYR A CZ  1 
ATOM   484  O OH  . TYR A 1 81  ? -1.340  2.379   8.575   1.00 28.81  ? 91   TYR A OH  1 
ATOM   485  N N   . PHE A 1 82  ? 4.450   1.090   5.163   1.00 26.03  ? 92   PHE A N   1 
ATOM   486  C CA  . PHE A 1 82  ? 3.896   0.526   3.956   1.00 26.01  ? 92   PHE A CA  1 
ATOM   487  C C   . PHE A 1 82  ? 3.016   -0.682  4.313   1.00 27.97  ? 92   PHE A C   1 
ATOM   488  O O   . PHE A 1 82  ? 3.296   -1.382  5.250   1.00 28.08  ? 92   PHE A O   1 
ATOM   489  C CB  . PHE A 1 82  ? 5.000   0.023   3.054   1.00 27.17  ? 92   PHE A CB  1 
ATOM   490  C CG  . PHE A 1 82  ? 5.945   1.130   2.626   1.00 25.58  ? 92   PHE A CG  1 
ATOM   491  C CD1 . PHE A 1 82  ? 6.994   1.472   3.423   1.00 25.08  ? 92   PHE A CD1 1 
ATOM   492  C CD2 . PHE A 1 82  ? 5.748   1.827   1.434   1.00 27.84  ? 92   PHE A CD2 1 
ATOM   493  C CE1 . PHE A 1 82  ? 7.837   2.538   3.132   1.00 24.75  ? 92   PHE A CE1 1 
ATOM   494  C CE2 . PHE A 1 82  ? 6.608   2.889   1.114   1.00 28.09  ? 92   PHE A CE2 1 
ATOM   495  C CZ  . PHE A 1 82  ? 7.637   3.243   1.968   1.00 25.77  ? 92   PHE A CZ  1 
ATOM   496  N N   . TRP A 1 83  ? 1.986   -0.956  3.497   1.00 25.38  ? 93   TRP A N   1 
ATOM   497  C CA  . TRP A 1 83  ? 1.230   -2.203  3.604   1.00 25.02  ? 93   TRP A CA  1 
ATOM   498  C C   . TRP A 1 83  ? 1.100   -2.781  2.200   1.00 24.65  ? 93   TRP A C   1 
ATOM   499  O O   . TRP A 1 83  ? 1.264   -2.082  1.221   1.00 23.84  ? 93   TRP A O   1 
ATOM   500  C CB  . TRP A 1 83  ? -0.185  -2.002  4.260   1.00 24.12  ? 93   TRP A CB  1 
ATOM   501  C CG  . TRP A 1 83  ? -1.157  -1.496  3.303   1.00 23.80  ? 93   TRP A CG  1 
ATOM   502  C CD1 . TRP A 1 83  ? -1.964  -2.244  2.518   1.00 26.87  ? 93   TRP A CD1 1 
ATOM   503  C CD2 . TRP A 1 83  ? -1.399  -0.145  2.936   1.00 24.66  ? 93   TRP A CD2 1 
ATOM   504  N NE1 . TRP A 1 83  ? -2.658  -1.458  1.678   1.00 24.21  ? 93   TRP A NE1 1 
ATOM   505  C CE2 . TRP A 1 83  ? -2.342  -0.167  1.897   1.00 23.79  ? 93   TRP A CE2 1 
ATOM   506  C CE3 . TRP A 1 83  ? -0.898  1.087   3.364   1.00 22.83  ? 93   TRP A CE3 1 
ATOM   507  C CZ2 . TRP A 1 83  ? -2.803  0.993   1.264   1.00 25.18  ? 93   TRP A CZ2 1 
ATOM   508  C CZ3 . TRP A 1 83  ? -1.382  2.267   2.758   1.00 24.34  ? 93   TRP A CZ3 1 
ATOM   509  C CH2 . TRP A 1 83  ? -2.312  2.201   1.715   1.00 24.87  ? 93   TRP A CH2 1 
ATOM   510  N N   . ILE A 1 84  ? 0.721   -4.042  2.128   1.00 24.14  ? 94   ILE A N   1 
ATOM   511  C CA  . ILE A 1 84  ? 0.389   -4.722  0.868   1.00 27.40  ? 94   ILE A CA  1 
ATOM   512  C C   . ILE A 1 84  ? -0.964  -5.444  1.017   1.00 30.69  ? 94   ILE A C   1 
ATOM   513  O O   . ILE A 1 84  ? -1.172  -6.205  1.979   1.00 26.19  ? 94   ILE A O   1 
ATOM   514  C CB  . ILE A 1 84  ? 1.477   -5.762  0.522   1.00 24.61  ? 94   ILE A CB  1 
ATOM   515  C CG1 . ILE A 1 84  ? 2.823   -5.066  0.323   1.00 24.42  ? 94   ILE A CG1 1 
ATOM   516  C CG2 . ILE A 1 84  ? 1.126   -6.536  -0.691  1.00 26.65  ? 94   ILE A CG2 1 
ATOM   517  C CD1 . ILE A 1 84  ? 4.009   -6.001  0.415   1.00 27.41  ? 94   ILE A CD1 1 
ATOM   518  N N   . ASN A 1 85  ? -1.853  -5.244  0.042   1.00 26.11  ? 95   ASN A N   1 
ATOM   519  C CA  . ASN A 1 85  ? -3.047  -6.099  -0.055  1.00 27.12  ? 95   ASN A CA  1 
ATOM   520  C C   . ASN A 1 85  ? -3.102  -6.545  -1.504  1.00 28.19  ? 95   ASN A C   1 
ATOM   521  O O   . ASN A 1 85  ? -2.463  -5.936  -2.332  1.00 28.44  ? 95   ASN A O   1 
ATOM   522  C CB  . ASN A 1 85  ? -4.354  -5.351  0.437   1.00 27.53  ? 95   ASN A CB  1 
ATOM   523  C CG  . ASN A 1 85  ? -4.728  -4.145  -0.442  1.00 25.63  ? 95   ASN A CG  1 
ATOM   524  O OD1 . ASN A 1 85  ? -4.407  -3.020  -0.146  1.00 26.52  ? 95   ASN A OD1 1 
ATOM   525  N ND2 . ASN A 1 85  ? -5.413  -4.387  -1.497  1.00 28.37  ? 95   ASN A ND2 1 
ATOM   526  N N   . ASP A 1 86  ? -3.852  -7.606  -1.810  1.00 25.50  ? 96   ASP A N   1 
ATOM   527  C CA  . ASP A 1 86  ? -3.975  -8.048  -3.189  1.00 26.17  ? 96   ASP A CA  1 
ATOM   528  C C   . ASP A 1 86  ? -5.287  -7.547  -3.832  1.00 25.84  ? 96   ASP A C   1 
ATOM   529  O O   . ASP A 1 86  ? -6.040  -6.737  -3.220  1.00 25.43  ? 96   ASP A O   1 
ATOM   530  C CB  . ASP A 1 86  ? -3.728  -9.546  -3.307  1.00 25.98  ? 96   ASP A CB  1 
ATOM   531  C CG  . ASP A 1 86  ? -4.833  -10.416 -2.710  1.00 28.00  ? 96   ASP A CG  1 
ATOM   532  O OD1 . ASP A 1 86  ? -5.984  -9.932  -2.494  1.00 27.84  ? 96   ASP A OD1 1 
ATOM   533  O OD2 . ASP A 1 86  ? -4.471  -11.586 -2.385  1.00 27.81  ? 96   ASP A OD2 1 
ATOM   534  N N   . LEU A 1 87  ? -5.587  -8.053  -5.030  1.00 25.35  ? 97   LEU A N   1 
ATOM   535  C CA  . LEU A 1 87  ? -6.765  -7.637  -5.731  1.00 26.22  ? 97   LEU A CA  1 
ATOM   536  C C   . LEU A 1 87  ? -8.011  -8.335  -5.309  1.00 28.65  ? 97   LEU A C   1 
ATOM   537  O O   . LEU A 1 87  ? -9.072  -7.984  -5.845  1.00 28.78  ? 97   LEU A O   1 
ATOM   538  C CB  . LEU A 1 87  ? -6.621  -7.804  -7.262  1.00 29.09  ? 97   LEU A CB  1 
ATOM   539  C CG  . LEU A 1 87  ? -5.419  -7.021  -7.805  1.00 32.75  ? 97   LEU A CG  1 
ATOM   540  C CD1 . LEU A 1 87  ? -5.236  -7.413  -9.263  1.00 36.76  ? 97   LEU A CD1 1 
ATOM   541  C CD2 . LEU A 1 87  ? -5.597  -5.529  -7.662  1.00 36.72  ? 97   LEU A CD2 1 
ATOM   542  N N   . ARG A 1 88  ? -7.969  -9.295  -4.380  1.00 28.38  ? 98   ARG A N   1 
ATOM   543  C CA  . ARG A 1 88  ? -9.216  -10.039 -4.076  1.00 28.30  ? 98   ARG A CA  1 
ATOM   544  C C   . ARG A 1 88  ? -10.313 -9.254  -3.321  1.00 31.59  ? 98   ARG A C   1 
ATOM   545  O O   . ARG A 1 88  ? -11.412 -9.446  -3.645  1.00 29.78  ? 98   ARG A O   1 
ATOM   546  C CB  . ARG A 1 88  ? -8.876  -11.368 -3.404  1.00 29.60  ? 98   ARG A CB  1 
ATOM   547  C CG  . ARG A 1 88  ? -8.156  -12.281 -4.390  1.00 27.28  ? 98   ARG A CG  1 
ATOM   548  C CD  . ARG A 1 88  ? -7.798  -13.601 -3.750  1.00 30.52  ? 98   ARG A CD  1 
ATOM   549  N NE  . ARG A 1 88  ? -6.672  -13.423 -2.808  1.00 29.46  ? 98   ARG A NE  1 
ATOM   550  C CZ  . ARG A 1 88  ? -6.317  -14.304 -1.862  1.00 31.37  ? 98   ARG A CZ  1 
ATOM   551  N NH1 . ARG A 1 88  ? -6.945  -15.466 -1.685  1.00 30.38  ? 98   ARG A NH1 1 
ATOM   552  N NH2 . ARG A 1 88  ? -5.293  -14.007 -1.068  1.00 29.18  ? 98   ARG A NH2 1 
ATOM   553  N N   . PRO A 1 89  ? -10.092 -8.401  -2.312  1.00 28.65  ? 99   PRO A N   1 
ATOM   554  C CA  . PRO A 1 89  ? -8.851  -8.075  -1.712  1.00 27.51  ? 99   PRO A CA  1 
ATOM   555  C C   . PRO A 1 89  ? -8.611  -8.774  -0.375  1.00 27.75  ? 99   PRO A C   1 
ATOM   556  O O   . PRO A 1 89  ? -9.520  -8.845  0.459   1.00 30.55  ? 99   PRO A O   1 
ATOM   557  C CB  . PRO A 1 89  ? -8.970  -6.564  -1.489  1.00 27.21  ? 99   PRO A CB  1 
ATOM   558  C CG  . PRO A 1 89  ? -10.437 -6.389  -1.113  1.00 30.24  ? 99   PRO A CG  1 
ATOM   559  C CD  . PRO A 1 89  ? -11.172 -7.463  -1.915  1.00 29.57  ? 99   PRO A CD  1 
ATOM   560  N N   . VAL A 1 90  ? -7.391  -9.248  -0.182  1.00 25.77  ? 100  VAL A N   1 
ATOM   561  C CA  . VAL A 1 90  ? -6.954  -9.875  1.058   1.00 24.82  ? 100  VAL A CA  1 
ATOM   562  C C   . VAL A 1 90  ? -5.692  -9.145  1.492   1.00 28.12  ? 100  VAL A C   1 
ATOM   563  O O   . VAL A 1 90  ? -4.832  -8.775  0.644   1.00 24.79  ? 100  VAL A O   1 
ATOM   564  C CB  . VAL A 1 90  ? -6.646  -11.370 0.789   1.00 26.02  ? 100  VAL A CB  1 
ATOM   565  C CG1 . VAL A 1 90  ? -5.798  -12.020 1.925   1.00 26.47  ? 100  VAL A CG1 1 
ATOM   566  C CG2 . VAL A 1 90  ? -7.966  -12.062 0.534   1.00 24.80  ? 100  VAL A CG2 1 
ATOM   567  N N   . MET A 1 91  ? -5.559  -8.927  2.791   1.00 25.23  ? 101  MET A N   1 
ATOM   568  C CA  . MET A 1 91  ? -4.398  -8.278  3.280   1.00 27.71  ? 101  MET A CA  1 
ATOM   569  C C   . MET A 1 91  ? -3.250  -9.265  3.252   1.00 29.21  ? 101  MET A C   1 
ATOM   570  O O   . MET A 1 91  ? -3.357  -10.370 3.755   1.00 28.75  ? 101  MET A O   1 
ATOM   571  C CB  . MET A 1 91  ? -4.639  -7.770  4.699   1.00 28.37  ? 101  MET A CB  1 
ATOM   572  C CG  . MET A 1 91  ? -3.497  -6.947  5.254   1.00 29.82  ? 101  MET A CG  1 
ATOM   573  S SD  . MET A 1 91  ? -3.317  -5.332  4.477   1.00 27.16  ? 101  MET A SD  1 
ATOM   574  C CE  . MET A 1 91  ? -4.660  -4.456  5.294   1.00 29.38  ? 101  MET A CE  1 
ATOM   575  N N   . ILE A 1 92  ? -2.129  -8.833  2.689   1.00 28.25  ? 102  ILE A N   1 
ATOM   576  C CA  . ILE A 1 92  ? -0.918  -9.688  2.551   1.00 28.06  ? 102  ILE A CA  1 
ATOM   577  C C   . ILE A 1 92  ? 0.076   -9.353  3.696   1.00 26.14  ? 102  ILE A C   1 
ATOM   578  O O   . ILE A 1 92  ? 0.566   -10.195 4.323   1.00 26.01  ? 102  ILE A O   1 
ATOM   579  C CB  . ILE A 1 92  ? -0.233  -9.422  1.202   1.00 29.04  ? 102  ILE A CB  1 
ATOM   580  C CG1 . ILE A 1 92  ? -1.171  -9.764  0.036   1.00 32.04  ? 102  ILE A CG1 1 
ATOM   581  C CG2 . ILE A 1 92  ? 1.081   -10.179 1.089   1.00 35.26  ? 102  ILE A CG2 1 
ATOM   582  C CD1 . ILE A 1 92  ? -1.579  -11.267 0.013   1.00 33.53  ? 102  ILE A CD1 1 
ATOM   583  N N   . MET A 1 93  ? 0.331   -8.097  3.956   1.00 27.39  ? 103  MET A N   1 
ATOM   584  C CA  . MET A 1 93  ? 1.285   -7.676  4.997   1.00 27.48  ? 103  MET A CA  1 
ATOM   585  C C   . MET A 1 93  ? 0.810   -6.304  5.467   1.00 28.14  ? 103  MET A C   1 
ATOM   586  O O   . MET A 1 93  ? 0.485   -5.397  4.676   1.00 27.48  ? 103  MET A O   1 
ATOM   587  C CB  . MET A 1 93  ? 2.696   -7.592  4.445   1.00 30.64  ? 103  MET A CB  1 
ATOM   588  C CG  . MET A 1 93  ? 3.775   -7.201  5.441   1.00 28.38  ? 103  MET A CG  1 
ATOM   589  S SD  . MET A 1 93  ? 3.793   -5.480  5.929   1.00 30.41  ? 103  MET A SD  1 
ATOM   590  C CE  . MET A 1 93  ? 4.318   -4.766  4.385   1.00 31.91  ? 103  MET A CE  1 
ATOM   591  N N   . HIS A 1 94  ? 0.720   -6.159  6.776   1.00 27.13  ? 104  HIS A N   1 
ATOM   592  C CA  . HIS A 1 94  ? 0.387   -4.880  7.391   1.00 27.02  ? 104  HIS A CA  1 
ATOM   593  C C   . HIS A 1 94  ? 1.200   -4.736  8.688   1.00 30.48  ? 104  HIS A C   1 
ATOM   594  O O   . HIS A 1 94  ? 1.042   -5.519  9.599   1.00 27.20  ? 104  HIS A O   1 
ATOM   595  C CB  . HIS A 1 94  ? -1.106  -4.759  7.736   1.00 26.08  ? 104  HIS A CB  1 
ATOM   596  C CG  . HIS A 1 94  ? -1.533  -3.339  7.843   1.00 29.00  ? 104  HIS A CG  1 
ATOM   597  N ND1 . HIS A 1 94  ? -1.096  -2.530  8.859   1.00 28.92  ? 104  HIS A ND1 1 
ATOM   598  C CD2 . HIS A 1 94  ? -2.204  -2.529  6.993   1.00 30.70  ? 104  HIS A CD2 1 
ATOM   599  C CE1 . HIS A 1 94  ? -1.581  -1.310  8.713   1.00 27.34  ? 104  HIS A CE1 1 
ATOM   600  N NE2 . HIS A 1 94  ? -2.246  -1.278  7.577   1.00 28.98  ? 104  HIS A NE2 1 
ATOM   601  N N   . PRO A 1 95  ? 2.061   -3.742  8.754   1.00 30.53  ? 105  PRO A N   1 
ATOM   602  C CA  . PRO A 1 95  ? 2.987   -3.679  9.852   1.00 32.28  ? 105  PRO A CA  1 
ATOM   603  C C   . PRO A 1 95  ? 2.413   -3.196  11.167  1.00 33.29  ? 105  PRO A C   1 
ATOM   604  O O   . PRO A 1 95  ? 2.921   -3.536  12.208  1.00 29.88  ? 105  PRO A O   1 
ATOM   605  C CB  . PRO A 1 95  ? 4.050   -2.698  9.338   1.00 32.61  ? 105  PRO A CB  1 
ATOM   606  C CG  . PRO A 1 95  ? 3.326   -1.845  8.376   1.00 32.83  ? 105  PRO A CG  1 
ATOM   607  C CD  . PRO A 1 95  ? 2.321   -2.709  7.737   1.00 31.11  ? 105  PRO A CD  1 
ATOM   608  N N   . THR A 1 96  ? 1.367   -2.434  11.140  1.00 32.26  ? 106  THR A N   1 
ATOM   609  C CA  . THR A 1 96  ? 0.765   -1.929  12.379  1.00 35.13  ? 106  THR A CA  1 
ATOM   610  C C   . THR A 1 96  ? -0.562  -2.553  12.734  1.00 36.80  ? 106  THR A C   1 
ATOM   611  O O   . THR A 1 96  ? -0.967  -2.439  13.858  1.00 33.76  ? 106  THR A O   1 
ATOM   612  C CB  . THR A 1 96  ? 0.603   -0.409  12.343  1.00 32.71  ? 106  THR A CB  1 
ATOM   613  O OG1 . THR A 1 96  ? -0.322  -0.030  11.313  1.00 35.31  ? 106  THR A OG1 1 
ATOM   614  C CG2 . THR A 1 96  ? 1.914   0.222   12.073  1.00 31.49  ? 106  THR A CG2 1 
ATOM   615  N N   . ASN A 1 97  ? -1.237  -3.195  11.782  1.00 34.39  ? 107  ASN A N   1 
ATOM   616  C CA  . ASN A 1 97  ? -2.465  -3.946  11.997  1.00 31.32  ? 107  ASN A CA  1 
ATOM   617  C C   . ASN A 1 97  ? -2.256  -5.383  11.531  1.00 28.26  ? 107  ASN A C   1 
ATOM   618  O O   . ASN A 1 97  ? -3.001  -5.879  10.696  1.00 28.67  ? 107  ASN A O   1 
ATOM   619  C CB  . ASN A 1 97  ? -3.660  -3.292  11.319  1.00 33.37  ? 107  ASN A CB  1 
ATOM   620  C CG  . ASN A 1 97  ? -3.964  -1.862  11.849  1.00 40.38  ? 107  ASN A CG  1 
ATOM   621  O OD1 . ASN A 1 97  ? -4.516  -1.086  11.165  1.00 47.45  ? 107  ASN A OD1 1 
ATOM   622  N ND2 . ASN A 1 97  ? -3.604  -1.556  13.064  1.00 46.25  ? 107  ASN A ND2 1 
ATOM   623  N N   . PRO A 1 98  ? -1.271  -6.084  12.108  1.00 33.84  ? 108  PRO A N   1 
ATOM   624  C CA  . PRO A 1 98  ? -0.952  -7.397  11.498  1.00 36.95  ? 108  PRO A CA  1 
ATOM   625  C C   . PRO A 1 98  ? -2.049  -8.425  11.616  1.00 32.50  ? 108  PRO A C   1 
ATOM   626  O O   . PRO A 1 98  ? -2.068  -9.352  10.831  1.00 29.27  ? 108  PRO A O   1 
ATOM   627  C CB  . PRO A 1 98  ? 0.264   -7.894  12.299  1.00 37.54  ? 108  PRO A CB  1 
ATOM   628  C CG  . PRO A 1 98  ? 0.054   -7.233  13.644  1.00 37.93  ? 108  PRO A CG  1 
ATOM   629  C CD  . PRO A 1 98  ? -0.407  -5.851  13.281  1.00 37.27  ? 108  PRO A CD  1 
ATOM   630  N N   . LYS A 1 99  ? -3.011  -8.243  12.494  1.00 35.74  ? 109  LYS A N   1 
ATOM   631  C CA  . LYS A 1 99  ? -4.164  -9.164  12.540  1.00 37.63  ? 109  LYS A CA  1 
ATOM   632  C C   . LYS A 1 99  ? -5.123  -9.104  11.382  1.00 36.44  ? 109  LYS A C   1 
ATOM   633  O O   . LYS A 1 99  ? -6.034  -9.922  11.273  1.00 33.10  ? 109  LYS A O   1 
ATOM   634  C CB  . LYS A 1 99  ? -4.948  -8.913  13.813  1.00 47.60  ? 109  LYS A CB  1 
ATOM   635  C CG  . LYS A 1 99  ? -4.725  -9.983  14.817  1.00 57.04  ? 109  LYS A CG  1 
ATOM   636  C CD  . LYS A 1 99  ? -3.315  -10.047 15.307  1.00 60.78  ? 109  LYS A CD  1 
ATOM   637  C CE  . LYS A 1 99  ? -3.047  -11.442 15.820  1.00 77.35  ? 109  LYS A CE  1 
ATOM   638  N NZ  . LYS A 1 99  ? -1.987  -11.386 16.863  1.00 86.63  ? 109  LYS A NZ  1 
ATOM   639  N N   . LEU A 1 100 ? -4.962  -8.125  10.493  1.00 32.18  ? 110  LEU A N   1 
ATOM   640  C CA  . LEU A 1 100 ? -5.698  -8.137  9.248   1.00 28.47  ? 110  LEU A CA  1 
ATOM   641  C C   . LEU A 1 100 ? -5.113  -9.111  8.213   1.00 26.94  ? 110  LEU A C   1 
ATOM   642  O O   . LEU A 1 100 ? -5.759  -9.450  7.230   1.00 27.32  ? 110  LEU A O   1 
ATOM   643  C CB  . LEU A 1 100 ? -5.746  -6.731  8.651   1.00 31.15  ? 110  LEU A CB  1 
ATOM   644  C CG  . LEU A 1 100 ? -6.429  -5.670  9.502   1.00 29.94  ? 110  LEU A CG  1 
ATOM   645  C CD1 . LEU A 1 100 ? -6.312  -4.370  8.763   1.00 33.52  ? 110  LEU A CD1 1 
ATOM   646  C CD2 . LEU A 1 100 ? -7.879  -6.032  9.657   1.00 33.84  ? 110  LEU A CD2 1 
ATOM   647  N N   . GLU A 1 101 ? -3.892  -9.518  8.409   1.00 26.05  ? 111  GLU A N   1 
ATOM   648  C CA  . GLU A 1 101 ? -3.206  -10.416 7.472   1.00 28.83  ? 111  GLU A CA  1 
ATOM   649  C C   . GLU A 1 101 ? -3.931  -11.750 7.203   1.00 30.05  ? 111  GLU A C   1 
ATOM   650  O O   . GLU A 1 101 ? -4.447  -12.355 8.093   1.00 30.12  ? 111  GLU A O   1 
ATOM   651  C CB  . GLU A 1 101 ? -1.786  -10.655 7.928   1.00 28.81  ? 111  GLU A CB  1 
ATOM   652  C CG  . GLU A 1 101 ? -0.939  -9.384  7.768   1.00 29.37  ? 111  GLU A CG  1 
ATOM   653  C CD  . GLU A 1 101 ? 0.514   -9.581  8.262   1.00 30.96  ? 111  GLU A CD  1 
ATOM   654  O OE1 . GLU A 1 101 ? 0.847   -10.687 8.733   1.00 33.98  ? 111  GLU A OE1 1 
ATOM   655  O OE2 . GLU A 1 101 ? 1.317   -8.655  8.181   1.00 29.34  ? 111  GLU A OE2 1 
ATOM   656  N N   . GLY A 1 102 ? -4.026  -12.123 5.925   1.00 28.33  ? 112  GLY A N   1 
ATOM   657  C CA  . GLY A 1 102 ? -4.686  -13.324 5.465   1.00 26.78  ? 112  GLY A CA  1 
ATOM   658  C C   . GLY A 1 102 ? -6.212  -13.258 5.533   1.00 27.07  ? 112  GLY A C   1 
ATOM   659  O O   . GLY A 1 102 ? -6.900  -14.264 5.333   1.00 28.44  ? 112  GLY A O   1 
ATOM   660  N N   . GLN A 1 103 ? -6.755  -12.095 5.805   1.00 29.41  ? 113  GLN A N   1 
ATOM   661  C CA  . GLN A 1 103 ? -8.216  -11.909 5.818   1.00 30.35  ? 113  GLN A CA  1 
ATOM   662  C C   . GLN A 1 103 ? -8.745  -11.192 4.587   1.00 30.23  ? 113  GLN A C   1 
ATOM   663  O O   . GLN A 1 103 ? -8.063  -10.303 4.016   1.00 25.98  ? 113  GLN A O   1 
ATOM   664  C CB  . GLN A 1 103 ? -8.595  -11.011 6.991   1.00 36.15  ? 113  GLN A CB  1 
ATOM   665  C CG  . GLN A 1 103 ? -7.998  -11.451 8.291   1.00 45.24  ? 113  GLN A CG  1 
ATOM   666  C CD  . GLN A 1 103 ? -8.837  -12.461 9.026   1.00 43.61  ? 113  GLN A CD  1 
ATOM   667  O OE1 . GLN A 1 103 ? -9.862  -12.880 8.562   1.00 51.56  ? 113  GLN A OE1 1 
ATOM   668  N NE2 . GLN A 1 103 ? -8.473  -12.706 10.226  1.00 48.55  ? 113  GLN A NE2 1 
ATOM   669  N N   A ASP A 1 104 ? -9.966  -11.555 4.191   0.50 26.14  ? 114  ASP A N   1 
ATOM   670  N N   B ASP A 1 104 ? -9.960  -11.543 4.207   0.50 27.03  ? 114  ASP A N   1 
ATOM   671  C CA  A ASP A 1 104 ? -10.734 -10.787 3.210   0.50 28.87  ? 114  ASP A CA  1 
ATOM   672  C CA  B ASP A 1 104 ? -10.742 -10.805 3.237   0.50 30.59  ? 114  ASP A CA  1 
ATOM   673  C C   A ASP A 1 104 ? -11.117 -9.441  3.809   0.50 28.50  ? 114  ASP A C   1 
ATOM   674  C C   B ASP A 1 104 ? -11.146 -9.444  3.797   0.50 29.47  ? 114  ASP A C   1 
ATOM   675  O O   A ASP A 1 104 ? -11.713 -9.372  4.890   0.50 27.81  ? 114  ASP A O   1 
ATOM   676  O O   B ASP A 1 104 ? -11.795 -9.371  4.843   0.50 29.27  ? 114  ASP A O   1 
ATOM   677  C CB  A ASP A 1 104 ? -12.022 -11.523 2.734   0.50 30.05  ? 114  ASP A CB  1 
ATOM   678  C CB  B ASP A 1 104 ? -11.993 -11.639 2.942   0.50 33.42  ? 114  ASP A CB  1 
ATOM   679  C CG  A ASP A 1 104 ? -12.701 -10.799 1.566   0.50 29.29  ? 114  ASP A CG  1 
ATOM   680  C CG  B ASP A 1 104 ? -13.027 -10.910 2.145   0.50 33.46  ? 114  ASP A CG  1 
ATOM   681  O OD1 A ASP A 1 104 ? -13.302 -9.733  1.809   0.50 26.89  ? 114  ASP A OD1 1 
ATOM   682  O OD1 B ASP A 1 104 ? -12.764 -9.850  1.525   0.50 35.54  ? 114  ASP A OD1 1 
ATOM   683  O OD2 A ASP A 1 104 ? -12.544 -11.232 0.396   0.50 32.25  ? 114  ASP A OD2 1 
ATOM   684  O OD2 B ASP A 1 104 ? -14.124 -11.471 2.121   0.50 39.04  ? 114  ASP A OD2 1 
ATOM   685  N N   . ILE A 1 105 ? -10.713 -8.375  3.127   1.00 26.23  ? 115  ILE A N   1 
ATOM   686  C CA  . ILE A 1 105 ? -10.868 -7.029  3.633   1.00 26.28  ? 115  ILE A CA  1 
ATOM   687  C C   . ILE A 1 105 ? -11.841 -6.255  2.735   1.00 27.58  ? 115  ILE A C   1 
ATOM   688  O O   . ILE A 1 105 ? -11.916 -5.020  2.815   1.00 27.60  ? 115  ILE A O   1 
ATOM   689  C CB  . ILE A 1 105 ? -9.534  -6.307  3.803   1.00 26.96  ? 115  ILE A CB  1 
ATOM   690  C CG1 . ILE A 1 105 ? -8.735  -6.204  2.450   1.00 25.20  ? 115  ILE A CG1 1 
ATOM   691  C CG2 . ILE A 1 105 ? -8.718  -6.958  4.919   1.00 27.99  ? 115  ILE A CG2 1 
ATOM   692  C CD1 . ILE A 1 105 ? -7.328  -5.637  2.576   1.00 25.48  ? 115  ILE A CD1 1 
ATOM   693  N N   . SER A 1 106 ? -12.651 -6.982  1.946   1.00 27.97  ? 116  SER A N   1 
ATOM   694  C CA  . SER A 1 106 ? -13.656 -6.361  1.093   1.00 30.36  ? 116  SER A CA  1 
ATOM   695  C C   . SER A 1 106 ? -14.740 -5.597  1.875   1.00 36.62  ? 116  SER A C   1 
ATOM   696  O O   . SER A 1 106 ? -15.315 -4.696  1.311   1.00 32.67  ? 116  SER A O   1 
ATOM   697  C CB  . SER A 1 106 ? -14.386 -7.347  0.175   1.00 31.54  ? 116  SER A CB  1 
ATOM   698  O OG  . SER A 1 106 ? -15.031 -8.362  0.928   1.00 35.93  ? 116  SER A OG  1 
ATOM   699  N N   . THR A 1 107 ? -14.991 -5.935  3.131   1.00 32.85  ? 117  THR A N   1 
ATOM   700  C CA  . THR A 1 107 ? -16.116 -5.375  3.875   1.00 36.49  ? 117  THR A CA  1 
ATOM   701  C C   . THR A 1 107 ? -15.644 -4.285  4.779   1.00 36.78  ? 117  THR A C   1 
ATOM   702  O O   . THR A 1 107 ? -16.464 -3.732  5.409   1.00 33.81  ? 117  THR A O   1 
ATOM   703  C CB  . THR A 1 107 ? -16.864 -6.451  4.719   1.00 38.15  ? 117  THR A CB  1 
ATOM   704  O OG1 . THR A 1 107 ? -15.938 -7.046  5.623   1.00 36.72  ? 117  THR A OG1 1 
ATOM   705  C CG2 . THR A 1 107 ? -17.403 -7.573  3.825   1.00 38.34  ? 117  THR A CG2 1 
ATOM   706  N N   . ILE A 1 108 ? -14.353 -3.933  4.810   1.00 30.73  ? 118  ILE A N   1 
ATOM   707  C CA  . ILE A 1 108 ? -13.876 -2.837  5.606   1.00 31.94  ? 118  ILE A CA  1 
ATOM   708  C C   . ILE A 1 108 ? -14.330 -1.445  5.024   1.00 34.21  ? 118  ILE A C   1 
ATOM   709  O O   . ILE A 1 108 ? -14.138 -1.122  3.827   1.00 31.09  ? 118  ILE A O   1 
ATOM   710  C CB  . ILE A 1 108 ? -12.337 -2.874  5.816   1.00 32.33  ? 118  ILE A CB  1 
ATOM   711  C CG1 . ILE A 1 108 ? -11.924 -4.088  6.696   1.00 32.42  ? 118  ILE A CG1 1 
ATOM   712  C CG2 . ILE A 1 108 ? -11.824 -1.513  6.394   1.00 33.16  ? 118  ILE A CG2 1 
ATOM   713  C CD1 . ILE A 1 108 ? -10.397 -4.206  6.902   1.00 33.18  ? 118  ILE A CD1 1 
ATOM   714  N N   . LYS A 1 109 ? -14.973 -0.650  5.889   1.00 31.57  ? 119  LYS A N   1 
ATOM   715  C CA  . LYS A 1 109 ? -15.323 0.725   5.563   1.00 33.51  ? 119  LYS A CA  1 
ATOM   716  C C   . LYS A 1 109 ? -14.889 1.642   6.666   1.00 32.88  ? 119  LYS A C   1 
ATOM   717  O O   . LYS A 1 109 ? -14.970 1.269   7.776   1.00 31.70  ? 119  LYS A O   1 
ATOM   718  C CB  . LYS A 1 109 ? -16.818 0.880   5.371   1.00 39.02  ? 119  LYS A CB  1 
ATOM   719  C CG  . LYS A 1 109 ? -17.359 0.110   4.174   1.00 35.03  ? 119  LYS A CG  1 
ATOM   720  C CD  . LYS A 1 109 ? -18.840 0.381   4.075   1.00 45.93  ? 119  LYS A CD  1 
ATOM   721  C CE  . LYS A 1 109 ? -19.579 -0.861  3.596   1.00 55.95  ? 119  LYS A CE  1 
ATOM   722  N NZ  . LYS A 1 109 ? -19.421 -0.817  2.127   1.00 57.07  ? 119  LYS A NZ  1 
ATOM   723  N N   . ASP A 1 110 ? -14.417 2.850   6.313   1.00 29.80  ? 120  ASP A N   1 
ATOM   724  C CA  . ASP A 1 110 ? -14.008 3.798   7.267   1.00 30.29  ? 120  ASP A CA  1 
ATOM   725  C C   . ASP A 1 110 ? -15.295 4.480   7.817   1.00 32.35  ? 120  ASP A C   1 
ATOM   726  O O   . ASP A 1 110 ? -16.405 4.167   7.345   1.00 31.24  ? 120  ASP A O   1 
ATOM   727  C CB  . ASP A 1 110 ? -12.919 4.739   6.717   1.00 29.12  ? 120  ASP A CB  1 
ATOM   728  C CG  . ASP A 1 110 ? -13.440 5.823   5.839   1.00 33.54  ? 120  ASP A CG  1 
ATOM   729  O OD1 . ASP A 1 110 ? -14.693 5.966   5.630   1.00 31.59  ? 120  ASP A OD1 1 
ATOM   730  O OD2 . ASP A 1 110 ? -12.540 6.520   5.310   1.00 31.36  ? 120  ASP A OD2 1 
ATOM   731  N N   . PRO A 1 111 ? -15.147 5.342   8.820   1.00 35.17  ? 121  PRO A N   1 
ATOM   732  C CA  . PRO A 1 111 ? -16.354 5.977   9.419   1.00 39.42  ? 121  PRO A CA  1 
ATOM   733  C C   . PRO A 1 111 ? -17.137 6.879   8.449   1.00 41.17  ? 121  PRO A C   1 
ATOM   734  O O   . PRO A 1 111 ? -18.256 7.142   8.722   1.00 40.54  ? 121  PRO A O   1 
ATOM   735  C CB  . PRO A 1 111 ? -15.783 6.826   10.561  1.00 37.52  ? 121  PRO A CB  1 
ATOM   736  C CG  . PRO A 1 111 ? -14.521 6.102   10.967  1.00 38.21  ? 121  PRO A CG  1 
ATOM   737  C CD  . PRO A 1 111 ? -13.939 5.639   9.611   1.00 35.50  ? 121  PRO A CD  1 
ATOM   738  N N   . ASP A 1 112 ? -16.585 7.281   7.304   1.00 37.68  ? 122  ASP A N   1 
ATOM   739  C CA  . ASP A 1 112 ? -17.346 8.026   6.311   1.00 34.98  ? 122  ASP A CA  1 
ATOM   740  C C   . ASP A 1 112 ? -17.992 7.048   5.423   1.00 36.49  ? 122  ASP A C   1 
ATOM   741  O O   . ASP A 1 112 ? -18.552 7.460   4.467   1.00 33.96  ? 122  ASP A O   1 
ATOM   742  C CB  . ASP A 1 112 ? -16.452 8.964   5.458   1.00 35.88  ? 122  ASP A CB  1 
ATOM   743  C CG  . ASP A 1 112 ? -15.789 10.025  6.261   1.00 38.35  ? 122  ASP A CG  1 
ATOM   744  O OD1 . ASP A 1 112 ? -16.457 10.580  7.074   1.00 41.90  ? 122  ASP A OD1 1 
ATOM   745  O OD2 . ASP A 1 112 ? -14.557 10.267  6.201   1.00 40.80  ? 122  ASP A OD2 1 
ATOM   746  N N   . GLY A 1 113 ? -17.904 5.736   5.661   1.00 33.91  ? 123  GLY A N   1 
ATOM   747  C CA  . GLY A 1 113 ? -18.536 4.821   4.666   1.00 34.94  ? 123  GLY A CA  1 
ATOM   748  C C   . GLY A 1 113 ? -17.627 4.512   3.456   1.00 35.92  ? 123  GLY A C   1 
ATOM   749  O O   . GLY A 1 113 ? -18.044 3.787   2.574   1.00 34.18  ? 123  GLY A O   1 
ATOM   750  N N   . PHE A 1 114 ? -16.363 4.993   3.448   1.00 33.38  ? 124  PHE A N   1 
ATOM   751  C CA  . PHE A 1 114 ? -15.465 4.756   2.290   1.00 30.40  ? 124  PHE A CA  1 
ATOM   752  C C   . PHE A 1 114 ? -14.935 3.316   2.344   1.00 29.73  ? 124  PHE A C   1 
ATOM   753  O O   . PHE A 1 114 ? -14.365 2.932   3.379   1.00 29.21  ? 124  PHE A O   1 
ATOM   754  C CB  . PHE A 1 114 ? -14.315 5.742   2.332   1.00 29.66  ? 124  PHE A CB  1 
ATOM   755  C CG  . PHE A 1 114 ? -13.482 5.745   1.069   1.00 32.13  ? 124  PHE A CG  1 
ATOM   756  C CD1 . PHE A 1 114 ? -13.932 6.412   -0.092  1.00 29.94  ? 124  PHE A CD1 1 
ATOM   757  C CD2 . PHE A 1 114 ? -12.293 5.028   1.014   1.00 31.66  ? 124  PHE A CD2 1 
ATOM   758  C CE1 . PHE A 1 114 ? -13.148 6.403   -1.246  1.00 31.48  ? 124  PHE A CE1 1 
ATOM   759  C CE2 . PHE A 1 114 ? -11.518 5.034   -0.148  1.00 29.17  ? 124  PHE A CE2 1 
ATOM   760  C CZ  . PHE A 1 114 ? -11.931 5.739   -1.259  1.00 30.03  ? 124  PHE A CZ  1 
ATOM   761  N N   . ALA A 1 115 ? -15.213 2.512   1.301   1.00 28.04  ? 125  ALA A N   1 
ATOM   762  C CA  . ALA A 1 115 ? -14.851 1.099   1.268   1.00 31.77  ? 125  ALA A CA  1 
ATOM   763  C C   . ALA A 1 115 ? -13.339 0.982   0.843   1.00 28.89  ? 125  ALA A C   1 
ATOM   764  O O   . ALA A 1 115 ? -13.036 0.698   -0.296  1.00 27.49  ? 125  ALA A O   1 
ATOM   765  C CB  . ALA A 1 115 ? -15.755 0.344   0.298   1.00 30.30  ? 125  ALA A CB  1 
ATOM   766  N N   . VAL A 1 116 ? -12.460 1.152   1.828   1.00 27.64  ? 126  VAL A N   1 
ATOM   767  C CA  . VAL A 1 116 ? -11.034 1.450   1.658   1.00 28.10  ? 126  VAL A CA  1 
ATOM   768  C C   . VAL A 1 116 ? -10.386 0.559   0.545   1.00 29.66  ? 126  VAL A C   1 
ATOM   769  O O   . VAL A 1 116 ? -9.888  1.081   -0.470  1.00 26.58  ? 126  VAL A O   1 
ATOM   770  C CB  . VAL A 1 116 ? -10.304 1.317   2.993   1.00 27.17  ? 126  VAL A CB  1 
ATOM   771  C CG1 . VAL A 1 116 ? -8.787  1.509   2.839   1.00 28.29  ? 126  VAL A CG1 1 
ATOM   772  C CG2 . VAL A 1 116 ? -10.778 2.362   3.968   1.00 27.38  ? 126  VAL A CG2 1 
ATOM   773  N N   . PHE A 1 117 ? -10.488 -0.774  0.718   1.00 27.07  ? 127  PHE A N   1 
ATOM   774  C CA  . PHE A 1 117 ? -9.749  -1.694  -0.128  1.00 28.61  ? 127  PHE A CA  1 
ATOM   775  C C   . PHE A 1 117 ? -10.438 -1.944  -1.457  1.00 27.71  ? 127  PHE A C   1 
ATOM   776  O O   . PHE A 1 117 ? -9.779  -2.093  -2.465  1.00 27.03  ? 127  PHE A O   1 
ATOM   777  C CB  . PHE A 1 117 ? -9.443  -2.962  0.675   1.00 28.89  ? 127  PHE A CB  1 
ATOM   778  C CG  . PHE A 1 117 ? -8.653  -2.650  1.889   1.00 26.07  ? 127  PHE A CG  1 
ATOM   779  C CD1 . PHE A 1 117 ? -7.302  -2.266  1.755   1.00 27.57  ? 127  PHE A CD1 1 
ATOM   780  C CD2 . PHE A 1 117 ? -9.225  -2.643  3.126   1.00 24.41  ? 127  PHE A CD2 1 
ATOM   781  C CE1 . PHE A 1 117 ? -6.542  -1.887  2.837   1.00 27.16  ? 127  PHE A CE1 1 
ATOM   782  C CE2 . PHE A 1 117 ? -8.473  -2.273  4.238   1.00 27.20  ? 127  PHE A CE2 1 
ATOM   783  C CZ  . PHE A 1 117 ? -7.101  -1.900  4.105   1.00 26.22  ? 127  PHE A CZ  1 
ATOM   784  N N   . ASN A 1 118 ? -11.759 -1.954  -1.464  1.00 26.45  ? 128  ASN A N   1 
ATOM   785  C CA  . ASN A 1 118 ? -12.470 -2.102  -2.716  1.00 30.34  ? 128  ASN A CA  1 
ATOM   786  C C   . ASN A 1 118 ? -12.204 -0.908  -3.577  1.00 29.02  ? 128  ASN A C   1 
ATOM   787  O O   . ASN A 1 118 ? -12.108 -1.078  -4.797  1.00 29.21  ? 128  ASN A O   1 
ATOM   788  C CB  . ASN A 1 118 ? -13.966 -2.211  -2.508  1.00 31.74  ? 128  ASN A CB  1 
ATOM   789  C CG  . ASN A 1 118 ? -14.378 -3.563  -1.917  1.00 36.94  ? 128  ASN A CG  1 
ATOM   790  O OD1 . ASN A 1 118 ? -13.604 -4.515  -1.855  1.00 36.26  ? 128  ASN A OD1 1 
ATOM   791  N ND2 . ASN A 1 118 ? -15.607 -3.623  -1.454  1.00 37.88  ? 128  ASN A ND2 1 
ATOM   792  N N   . GLU A 1 119 ? -12.093 0.275   -2.953  1.00 26.84  ? 129  GLU A N   1 
ATOM   793  C CA  . GLU A 1 119 ? -11.767 1.498   -3.738  1.00 25.86  ? 129  GLU A CA  1 
ATOM   794  C C   . GLU A 1 119 ? -10.392 1.420   -4.312  1.00 28.84  ? 129  GLU A C   1 
ATOM   795  O O   . GLU A 1 119 ? -10.145 1.776   -5.494  1.00 27.56  ? 129  GLU A O   1 
ATOM   796  C CB  . GLU A 1 119 ? -11.968 2.769   -2.917  1.00 26.48  ? 129  GLU A CB  1 
ATOM   797  C CG  . GLU A 1 119 ? -13.440 2.969   -2.534  1.00 31.92  ? 129  GLU A CG  1 
ATOM   798  C CD  . GLU A 1 119 ? -14.206 3.797   -3.550  1.00 34.28  ? 129  GLU A CD  1 
ATOM   799  O OE1 . GLU A 1 119 ? -13.676 3.972   -4.657  1.00 36.24  ? 129  GLU A OE1 1 
ATOM   800  O OE2 . GLU A 1 119 ? -15.365 4.170   -3.272  1.00 35.30  ? 129  GLU A OE2 1 
ATOM   801  N N   . MET A 1 120 ? -9.456  0.961   -3.476  1.00 28.36  ? 130  MET A N   1 
ATOM   802  C CA  . MET A 1 120 ? -8.106  0.793   -3.932  1.00 27.21  ? 130  MET A CA  1 
ATOM   803  C C   . MET A 1 120 ? -8.007  -0.191  -5.090  1.00 28.35  ? 130  MET A C   1 
ATOM   804  O O   . MET A 1 120 ? -7.247  0.091   -6.016  1.00 27.77  ? 130  MET A O   1 
ATOM   805  C CB  . MET A 1 120 ? -7.176  0.352   -2.829  1.00 27.57  ? 130  MET A CB  1 
ATOM   806  C CG  . MET A 1 120 ? -7.018  1.422   -1.755  1.00 27.64  ? 130  MET A CG  1 
ATOM   807  S SD  . MET A 1 120 ? -6.156  0.787   -0.311  1.00 27.41  ? 130  MET A SD  1 
ATOM   808  C CE  . MET A 1 120 ? -5.998  2.282   0.624   1.00 27.82  ? 130  MET A CE  1 
ATOM   809  N N   . VAL A 1 121 ? -8.684  -1.330  -5.009  1.00 24.98  ? 131  VAL A N   1 
ATOM   810  C CA  . VAL A 1 121 ? -8.636  -2.318  -6.072  1.00 27.27  ? 131  VAL A CA  1 
ATOM   811  C C   . VAL A 1 121 ? -9.222  -1.731  -7.387  1.00 27.07  ? 131  VAL A C   1 
ATOM   812  O O   . VAL A 1 121 ? -8.657  -1.882  -8.474  1.00 27.30  ? 131  VAL A O   1 
ATOM   813  C CB  . VAL A 1 121 ? -9.445  -3.563  -5.672  1.00 28.64  ? 131  VAL A CB  1 
ATOM   814  C CG1 . VAL A 1 121 ? -9.695  -4.499  -6.844  1.00 28.92  ? 131  VAL A CG1 1 
ATOM   815  C CG2 . VAL A 1 121 ? -8.729  -4.284  -4.510  1.00 30.86  ? 131  VAL A CG2 1 
ATOM   816  N N   . ALA A 1 122 ? -10.366 -1.083  -7.263  1.00 28.39  ? 132  ALA A N   1 
ATOM   817  C CA  . ALA A 1 122 ? -11.036 -0.508  -8.448  1.00 30.99  ? 132  ALA A CA  1 
ATOM   818  C C   . ALA A 1 122 ? -10.143 0.586   -9.074  1.00 29.28  ? 132  ALA A C   1 
ATOM   819  O O   . ALA A 1 122 ? -9.957  0.593   -10.261 1.00 29.32  ? 132  ALA A O   1 
ATOM   820  C CB  . ALA A 1 122 ? -12.403 -0.015  -8.124  1.00 31.67  ? 132  ALA A CB  1 
ATOM   821  N N   . LEU A 1 123 ? -9.494  1.392   -8.250  1.00 27.79  ? 133  LEU A N   1 
ATOM   822  C CA  . LEU A 1 123 ? -8.552  2.390   -8.723  1.00 31.05  ? 133  LEU A CA  1 
ATOM   823  C C   . LEU A 1 123 ? -7.395  1.781   -9.487  1.00 32.65  ? 133  LEU A C   1 
ATOM   824  O O   . LEU A 1 123 ? -7.059  2.274   -10.616 1.00 31.60  ? 133  LEU A O   1 
ATOM   825  C CB  . LEU A 1 123 ? -8.021  3.253   -7.573  1.00 32.43  ? 133  LEU A CB  1 
ATOM   826  C CG  . LEU A 1 123 ? -6.900  4.221   -7.843  1.00 35.68  ? 133  LEU A CG  1 
ATOM   827  C CD1 . LEU A 1 123 ? -7.490  5.213   -8.837  1.00 45.77  ? 133  LEU A CD1 1 
ATOM   828  C CD2 . LEU A 1 123 ? -6.541  4.963   -6.587  1.00 39.31  ? 133  LEU A CD2 1 
ATOM   829  N N   . VAL A 1 124 ? -6.727  0.775   -8.912  1.00 28.22  ? 134  VAL A N   1 
ATOM   830  C CA  . VAL A 1 124 ? -5.563  0.251   -9.620  1.00 28.91  ? 134  VAL A CA  1 
ATOM   831  C C   . VAL A 1 124 ? -5.945  -0.530  -10.876 1.00 31.02  ? 134  VAL A C   1 
ATOM   832  O O   . VAL A 1 124 ? -5.237  -0.469  -11.855 1.00 30.69  ? 134  VAL A O   1 
ATOM   833  C CB  . VAL A 1 124 ? -4.545  -0.545  -8.758  1.00 30.59  ? 134  VAL A CB  1 
ATOM   834  C CG1 . VAL A 1 124 ? -4.119  0.270   -7.554  1.00 31.21  ? 134  VAL A CG1 1 
ATOM   835  C CG2 . VAL A 1 124 ? -5.022  -1.890  -8.394  1.00 32.68  ? 134  VAL A CG2 1 
ATOM   836  N N   . LYS A 1 125 ? -7.095  -1.199  -10.854 1.00 29.80  ? 135  LYS A N   1 
ATOM   837  C CA  . LYS A 1 125 ? -7.600  -1.853  -12.054 1.00 33.71  ? 135  LYS A CA  1 
ATOM   838  C C   . LYS A 1 125 ? -7.893  -0.878  -13.169 1.00 37.68  ? 135  LYS A C   1 
ATOM   839  O O   . LYS A 1 125 ? -7.700  -1.235  -14.288 1.00 38.06  ? 135  LYS A O   1 
ATOM   840  C CB  . LYS A 1 125 ? -8.863  -2.647  -11.769 1.00 35.53  ? 135  LYS A CB  1 
ATOM   841  C CG  . LYS A 1 125 ? -8.565  -3.986  -11.134 1.00 36.39  ? 135  LYS A CG  1 
ATOM   842  C CD  . LYS A 1 125 ? -9.885  -4.643  -10.771 1.00 44.40  ? 135  LYS A CD  1 
ATOM   843  C CE  . LYS A 1 125 ? -9.648  -6.128  -10.630 1.00 49.70  ? 135  LYS A CE  1 
ATOM   844  N NZ  . LYS A 1 125 ? -10.742 -6.784  -9.875  1.00 59.14  ? 135  LYS A NZ  1 
ATOM   845  N N   . SER A 1 126 ? -8.354  0.331   -12.863 1.00 36.19  ? 136  SER A N   1 
ATOM   846  C CA  . SER A 1 126 ? -8.535  1.315   -13.900 1.00 37.67  ? 136  SER A CA  1 
ATOM   847  C C   . SER A 1 126 ? -7.275  1.984   -14.301 1.00 41.19  ? 136  SER A C   1 
ATOM   848  O O   . SER A 1 126 ? -7.136  2.313   -15.433 1.00 40.50  ? 136  SER A O   1 
ATOM   849  C CB  . SER A 1 126 ? -9.435  2.466   -13.441 1.00 39.85  ? 136  SER A CB  1 
ATOM   850  O OG  . SER A 1 126 ? -10.701 1.967   -13.161 1.00 47.53  ? 136  SER A OG  1 
ATOM   851  N N   . LYS A 1 127 ? -6.396  2.319   -13.368 1.00 38.22  ? 137  LYS A N   1 
ATOM   852  C CA  . LYS A 1 127 ? -5.303  3.232   -13.671 1.00 37.52  ? 137  LYS A CA  1 
ATOM   853  C C   . LYS A 1 127 ? -3.920  2.702   -13.305 1.00 35.41  ? 137  LYS A C   1 
ATOM   854  O O   . LYS A 1 127 ? -2.908  3.433   -13.459 1.00 31.51  ? 137  LYS A O   1 
ATOM   855  C CB  . LYS A 1 127 ? -5.479  4.496   -12.813 1.00 47.16  ? 137  LYS A CB  1 
ATOM   856  C CG  . LYS A 1 127 ? -6.559  5.468   -13.181 1.00 57.84  ? 137  LYS A CG  1 
ATOM   857  C CD  . LYS A 1 127 ? -6.782  6.548   -12.109 1.00 64.62  ? 137  LYS A CD  1 
ATOM   858  C CE  . LYS A 1 127 ? -5.467  7.001   -11.470 1.00 69.89  ? 137  LYS A CE  1 
ATOM   859  N NZ  . LYS A 1 127 ? -5.510  8.266   -10.703 1.00 76.86  ? 137  LYS A NZ  1 
ATOM   860  N N   . GLY A 1 128 ? -3.822  1.534   -12.685 1.00 30.18  ? 138  GLY A N   1 
ATOM   861  C CA  . GLY A 1 128 ? -2.490  1.082   -12.262 1.00 31.21  ? 138  GLY A CA  1 
ATOM   862  C C   . GLY A 1 128 ? -2.013  1.572   -10.888 1.00 33.86  ? 138  GLY A C   1 
ATOM   863  O O   . GLY A 1 128 ? -1.335  0.831   -10.161 1.00 32.11  ? 138  GLY A O   1 
ATOM   864  N N   . ALA A 1 129 ? -2.346  2.815   -10.539 1.00 29.88  ? 139  ALA A N   1 
ATOM   865  C CA  . ALA A 1 129 ? -1.827  3.481   -9.362  1.00 32.28  ? 139  ALA A CA  1 
ATOM   866  C C   . ALA A 1 129 ? -2.584  4.794   -9.170  1.00 34.57  ? 139  ALA A C   1 
ATOM   867  O O   . ALA A 1 129 ? -3.190  5.295   -10.113 1.00 35.07  ? 139  ALA A O   1 
ATOM   868  C CB  . ALA A 1 129 ? -0.351  3.790   -9.496  1.00 33.57  ? 139  ALA A CB  1 
ATOM   869  N N   . GLY A 1 130 ? -2.518  5.359   -7.976  1.00 30.54  ? 140  GLY A N   1 
ATOM   870  C CA  . GLY A 1 130 ? -3.049  6.705   -7.737  1.00 29.00  ? 140  GLY A CA  1 
ATOM   871  C C   . GLY A 1 130 ? -3.210  6.991   -6.259  1.00 29.04  ? 140  GLY A C   1 
ATOM   872  O O   . GLY A 1 130 ? -2.962  6.143   -5.416  1.00 27.61  ? 140  GLY A O   1 
ATOM   873  N N   . MET A 1 131 ? -3.762  8.163   -5.992  1.00 29.14  ? 141  MET A N   1 
ATOM   874  C CA  . MET A 1 131 ? -3.986  8.691   -4.672  1.00 29.38  ? 141  MET A CA  1 
ATOM   875  C C   . MET A 1 131 ? -5.376  8.353   -4.217  1.00 29.56  ? 141  MET A C   1 
ATOM   876  O O   . MET A 1 131 ? -6.263  8.274   -4.995  1.00 29.31  ? 141  MET A O   1 
ATOM   877  C CB  . MET A 1 131 ? -3.813  10.204  -4.662  1.00 34.84  ? 141  MET A CB  1 
ATOM   878  C CG  . MET A 1 131 ? -2.495  10.694  -5.254  1.00 35.47  ? 141  MET A CG  1 
ATOM   879  S SD  . MET A 1 131 ? -1.081  10.092  -4.312  1.00 38.27  ? 141  MET A SD  1 
ATOM   880  C CE  . MET A 1 131 ? -1.374  10.690  -2.657  1.00 37.83  ? 141  MET A CE  1 
ATOM   881  N N   . VAL A 1 132 ? -5.519  8.072   -2.941  1.00 25.89  ? 142  VAL A N   1 
ATOM   882  C CA  . VAL A 1 132 ? -6.815  7.795   -2.346  1.00 28.08  ? 142  VAL A CA  1 
ATOM   883  C C   . VAL A 1 132 ? -6.793  8.327   -0.906  1.00 29.36  ? 142  VAL A C   1 
ATOM   884  O O   . VAL A 1 132 ? -5.745  8.287   -0.252  1.00 30.18  ? 142  VAL A O   1 
ATOM   885  C CB  . VAL A 1 132 ? -7.068  6.306   -2.436  1.00 30.51  ? 142  VAL A CB  1 
ATOM   886  C CG1 . VAL A 1 132 ? -6.064  5.549   -1.625  1.00 35.85  ? 142  VAL A CG1 1 
ATOM   887  C CG2 . VAL A 1 132 ? -8.458  5.974   -1.998  1.00 36.40  ? 142  VAL A CG2 1 
ATOM   888  N N   . ASN A 1 133 ? -7.896  8.907   -0.457  1.00 27.48  ? 143  ASN A N   1 
ATOM   889  C CA  . ASN A 1 133 ? -8.008  9.478   0.865   1.00 26.48  ? 143  ASN A CA  1 
ATOM   890  C C   . ASN A 1 133 ? -9.044  8.655   1.665   1.00 26.71  ? 143  ASN A C   1 
ATOM   891  O O   . ASN A 1 133 ? -10.018 8.179   1.137   1.00 28.07  ? 143  ASN A O   1 
ATOM   892  C CB  . ASN A 1 133 ? -8.416  10.926  0.684   1.00 30.64  ? 143  ASN A CB  1 
ATOM   893  C CG  . ASN A 1 133 ? -8.523  11.682  1.983   1.00 32.20  ? 143  ASN A CG  1 
ATOM   894  O OD1 . ASN A 1 133 ? -7.556  12.306  2.428   1.00 34.28  ? 143  ASN A OD1 1 
ATOM   895  N ND2 . ASN A 1 133 ? -9.680  11.633  2.587   1.00 29.76  ? 143  ASN A ND2 1 
ATOM   896  N N   . TYR A 1 134 ? -8.788  8.427   2.943   1.00 28.53  ? 144  TYR A N   1 
ATOM   897  C CA  . TYR A 1 134 ? -9.697  7.618   3.789   1.00 28.73  ? 144  TYR A CA  1 
ATOM   898  C C   . TYR A 1 134 ? -9.230  7.843   5.213   1.00 29.41  ? 144  TYR A C   1 
ATOM   899  O O   . TYR A 1 134 ? -8.210  8.486   5.434   1.00 28.87  ? 144  TYR A O   1 
ATOM   900  C CB  . TYR A 1 134 ? -9.671  6.133   3.376   1.00 28.71  ? 144  TYR A CB  1 
ATOM   901  C CG  . TYR A 1 134 ? -8.268  5.584   3.421   1.00 27.34  ? 144  TYR A CG  1 
ATOM   902  C CD1 . TYR A 1 134 ? -7.417  5.749   2.333   1.00 30.84  ? 144  TYR A CD1 1 
ATOM   903  C CD2 . TYR A 1 134 ? -7.755  4.912   4.574   1.00 29.82  ? 144  TYR A CD2 1 
ATOM   904  C CE1 . TYR A 1 134 ? -6.101  5.278   2.367   1.00 29.32  ? 144  TYR A CE1 1 
ATOM   905  C CE2 . TYR A 1 134 ? -6.423  4.443   4.591   1.00 29.91  ? 144  TYR A CE2 1 
ATOM   906  C CZ  . TYR A 1 134 ? -5.598  4.644   3.486   1.00 28.67  ? 144  TYR A CZ  1 
ATOM   907  O OH  . TYR A 1 134 ? -4.270  4.231   3.471   1.00 28.33  ? 144  TYR A OH  1 
ATOM   908  N N   . ARG A 1 135 ? -9.966  7.333   6.182   1.00 30.16  ? 145  ARG A N   1 
ATOM   909  C CA  . ARG A 1 135 ? -9.576  7.467   7.589   1.00 32.46  ? 145  ARG A CA  1 
ATOM   910  C C   . ARG A 1 135 ? -9.009  6.133   8.061   1.00 30.54  ? 145  ARG A C   1 
ATOM   911  O O   . ARG A 1 135 ? -9.581  5.068   7.798   1.00 31.14  ? 145  ARG A O   1 
ATOM   912  C CB  . ARG A 1 135 ? -10.781 7.761   8.462   1.00 32.89  ? 145  ARG A CB  1 
ATOM   913  C CG  . ARG A 1 135 ? -11.374 9.131   8.237   1.00 34.63  ? 145  ARG A CG  1 
ATOM   914  C CD  . ARG A 1 135 ? -12.703 9.298   8.959   1.00 40.85  ? 145  ARG A CD  1 
ATOM   915  N NE  . ARG A 1 135 ? -13.184 10.646  8.729   1.00 41.15  ? 145  ARG A NE  1 
ATOM   916  C CZ  . ARG A 1 135 ? -12.798 11.700  9.436   1.00 46.38  ? 145  ARG A CZ  1 
ATOM   917  N NH1 . ARG A 1 135 ? -11.981 11.585  10.468  1.00 59.34  ? 145  ARG A NH1 1 
ATOM   918  N NH2 . ARG A 1 135 ? -13.248 12.882  9.107   1.00 57.77  ? 145  ARG A NH2 1 
ATOM   919  N N   . TRP A 1 136 ? -7.928  6.197   8.822   1.00 31.34  ? 146  TRP A N   1 
ATOM   920  C CA  . TRP A 1 136 ? -7.317  4.966   9.350   1.00 31.04  ? 146  TRP A CA  1 
ATOM   921  C C   . TRP A 1 136 ? -6.653  5.294   10.661  1.00 31.40  ? 146  TRP A C   1 
ATOM   922  O O   . TRP A 1 136 ? -6.172  6.372   10.800  1.00 29.66  ? 146  TRP A O   1 
ATOM   923  C CB  . TRP A 1 136 ? -6.265  4.432   8.350   1.00 27.79  ? 146  TRP A CB  1 
ATOM   924  C CG  . TRP A 1 136 ? -5.959  2.984   8.595   1.00 27.47  ? 146  TRP A CG  1 
ATOM   925  C CD1 . TRP A 1 136 ? -4.951  2.509   9.296   1.00 30.37  ? 146  TRP A CD1 1 
ATOM   926  C CD2 . TRP A 1 136 ? -6.691  1.838   8.106   1.00 31.26  ? 146  TRP A CD2 1 
ATOM   927  N NE1 . TRP A 1 136 ? -4.993  1.130   9.339   1.00 30.81  ? 146  TRP A NE1 1 
ATOM   928  C CE2 . TRP A 1 136 ? -6.069  0.693   8.626   1.00 31.53  ? 146  TRP A CE2 1 
ATOM   929  C CE3 . TRP A 1 136 ? -7.796  1.682   7.279   1.00 30.66  ? 146  TRP A CE3 1 
ATOM   930  C CZ2 . TRP A 1 136 ? -6.510  -0.605  8.357   1.00 31.68  ? 146  TRP A CZ2 1 
ATOM   931  C CZ3 . TRP A 1 136 ? -8.260  0.391   7.023   1.00 32.10  ? 146  TRP A CZ3 1 
ATOM   932  C CH2 . TRP A 1 136 ? -7.621  -0.740  7.589   1.00 33.12  ? 146  TRP A CH2 1 
ATOM   933  N N   . PRO A 1 137 ? -6.618  4.359   11.626  1.00 35.56  ? 147  PRO A N   1 
ATOM   934  C CA  . PRO A 1 137 ? -5.873  4.711   12.841  1.00 36.80  ? 147  PRO A CA  1 
ATOM   935  C C   . PRO A 1 137 ? -4.370  4.928   12.618  1.00 40.05  ? 147  PRO A C   1 
ATOM   936  O O   . PRO A 1 137 ? -3.757  4.364   11.703  1.00 36.99  ? 147  PRO A O   1 
ATOM   937  C CB  . PRO A 1 137 ? -6.164  3.518   13.778  1.00 40.39  ? 147  PRO A CB  1 
ATOM   938  C CG  . PRO A 1 137 ? -6.651  2.422   12.857  1.00 45.07  ? 147  PRO A CG  1 
ATOM   939  C CD  . PRO A 1 137 ? -7.378  3.108   11.757  1.00 33.16  ? 147  PRO A CD  1 
ATOM   940  N N   . LYS A 1 138 ? -3.754  5.731   13.469  1.00 40.83  ? 148  LYS A N   1 
ATOM   941  C CA  . LYS A 1 138 ? -2.292  5.891   13.440  1.00 42.61  ? 148  LYS A CA  1 
ATOM   942  C C   . LYS A 1 138 ? -1.680  4.712   14.128  1.00 39.57  ? 148  LYS A C   1 
ATOM   943  O O   . LYS A 1 138 ? -2.370  4.017   14.854  1.00 36.18  ? 148  LYS A O   1 
ATOM   944  C CB  . LYS A 1 138 ? -1.825  7.191   14.065  1.00 44.39  ? 148  LYS A CB  1 
ATOM   945  C CG  . LYS A 1 138 ? -2.685  8.348   13.597  1.00 49.49  ? 148  LYS A CG  1 
ATOM   946  C CD  . LYS A 1 138 ? -1.888  9.546   13.148  1.00 50.81  ? 148  LYS A CD  1 
ATOM   947  C CE  . LYS A 1 138 ? -1.102  10.179  14.237  1.00 59.92  ? 148  LYS A CE  1 
ATOM   948  N NZ  . LYS A 1 138 ? -0.760  11.589  13.881  1.00 70.19  ? 148  LYS A NZ  1 
ATOM   949  N N   . PRO A 1 139 ? -0.384  4.454   13.886  1.00 37.66  ? 149  PRO A N   1 
ATOM   950  C CA  . PRO A 1 139 ? 0.246   3.279   14.492  1.00 40.42  ? 149  PRO A CA  1 
ATOM   951  C C   . PRO A 1 139 ? 0.034   3.254   16.001  1.00 48.19  ? 149  PRO A C   1 
ATOM   952  O O   . PRO A 1 139 ? 0.298   4.231   16.653  1.00 43.50  ? 149  PRO A O   1 
ATOM   953  C CB  . PRO A 1 139 ? 1.716   3.476   14.184  1.00 40.67  ? 149  PRO A CB  1 
ATOM   954  C CG  . PRO A 1 139 ? 1.712   4.242   12.887  1.00 41.00  ? 149  PRO A CG  1 
ATOM   955  C CD  . PRO A 1 139 ? 0.552   5.194   13.014  1.00 39.27  ? 149  PRO A CD  1 
ATOM   956  N N   . GLY A 1 140 ? -0.475  2.153   16.528  1.00 48.75  ? 150  GLY A N   1 
ATOM   957  C CA  . GLY A 1 140 ? -0.559  1.989   17.953  1.00 51.77  ? 150  GLY A CA  1 
ATOM   958  C C   . GLY A 1 140 ? -1.652  2.856   18.555  1.00 52.68  ? 150  GLY A C   1 
ATOM   959  O O   . GLY A 1 140 ? -1.622  3.088   19.718  1.00 54.90  ? 150  GLY A O   1 
ATOM   960  N N   . ALA A 1 141 ? -2.597  3.350   17.767  1.00 51.83  ? 151  ALA A N   1 
ATOM   961  C CA  . ALA A 1 141 ? -3.706  4.105   18.291  1.00 48.43  ? 151  ALA A CA  1 
ATOM   962  C C   . ALA A 1 141 ? -4.953  3.507   17.685  1.00 48.38  ? 151  ALA A C   1 
ATOM   963  O O   . ALA A 1 141 ? -4.882  2.578   16.902  1.00 47.04  ? 151  ALA A O   1 
ATOM   964  C CB  . ALA A 1 141 ? -3.549  5.572   17.960  1.00 45.28  ? 151  ALA A CB  1 
ATOM   965  N N   . SER A 1 142 ? -6.121  4.016   18.033  1.00 44.96  ? 152  SER A N   1 
ATOM   966  C CA  . SER A 1 142 ? -7.323  3.473   17.455  1.00 46.43  ? 152  SER A CA  1 
ATOM   967  C C   . SER A 1 142 ? -8.291  4.474   16.850  1.00 41.92  ? 152  SER A C   1 
ATOM   968  O O   . SER A 1 142 ? -9.262  4.059   16.263  1.00 48.10  ? 152  SER A O   1 
ATOM   969  C CB  . SER A 1 142 ? -7.992  2.564   18.482  1.00 52.15  ? 152  SER A CB  1 
ATOM   970  O OG  . SER A 1 142 ? -8.205  3.307   19.637  1.00 55.21  ? 152  SER A OG  1 
ATOM   971  N N   . GLU A 1 143 ? -8.048  5.767   16.926  1.00 42.24  ? 153  GLU A N   1 
ATOM   972  C CA  . GLU A 1 143 ? -9.010  6.717   16.384  1.00 50.17  ? 153  GLU A CA  1 
ATOM   973  C C   . GLU A 1 143 ? -8.749  6.861   14.865  1.00 43.76  ? 153  GLU A C   1 
ATOM   974  O O   . GLU A 1 143 ? -7.634  7.161   14.488  1.00 41.12  ? 153  GLU A O   1 
ATOM   975  C CB  . GLU A 1 143 ? -8.883  8.082   17.074  1.00 59.06  ? 153  GLU A CB  1 
ATOM   976  C CG  . GLU A 1 143 ? -9.810  9.184   16.516  1.00 74.72  ? 153  GLU A CG  1 
ATOM   977  C CD  . GLU A 1 143 ? -11.286 9.079   16.966  1.00 88.86  ? 153  GLU A CD  1 
ATOM   978  O OE1 . GLU A 1 143 ? -11.646 8.203   17.794  1.00 104.17 ? 153  GLU A OE1 1 
ATOM   979  O OE2 . GLU A 1 143 ? -12.117 9.878   16.471  1.00 92.80  ? 153  GLU A OE2 1 
ATOM   980  N N   . PRO A 1 144 ? -9.770  6.663   14.017  1.00 43.73  ? 154  PRO A N   1 
ATOM   981  C CA  . PRO A 1 144 ? -9.427  6.778   12.583  1.00 39.71  ? 154  PRO A CA  1 
ATOM   982  C C   . PRO A 1 144 ? -9.230  8.263   12.217  1.00 46.25  ? 154  PRO A C   1 
ATOM   983  O O   . PRO A 1 144 ? -10.073 9.054   12.545  1.00 47.41  ? 154  PRO A O   1 
ATOM   984  C CB  . PRO A 1 144 ? -10.623 6.105   11.868  1.00 41.20  ? 154  PRO A CB  1 
ATOM   985  C CG  . PRO A 1 144 ? -11.382 5.311   12.924  1.00 42.96  ? 154  PRO A CG  1 
ATOM   986  C CD  . PRO A 1 144 ? -11.131 6.082   14.212  1.00 45.91  ? 154  PRO A CD  1 
ATOM   987  N N   . VAL A 1 145 ? -8.101  8.599   11.583  1.00 42.08  ? 155  VAL A N   1 
ATOM   988  C CA  . VAL A 1 145 ? -7.660  9.943   11.265  1.00 37.45  ? 155  VAL A CA  1 
ATOM   989  C C   . VAL A 1 145 ? -7.588  9.973   9.751   1.00 39.16  ? 155  VAL A C   1 
ATOM   990  O O   . VAL A 1 145 ? -7.202  8.957   9.069   1.00 32.65  ? 155  VAL A O   1 
ATOM   991  C CB  . VAL A 1 145 ? -6.262  10.144  11.898  1.00 40.01  ? 155  VAL A CB  1 
ATOM   992  C CG1 . VAL A 1 145 ? -5.604  11.441  11.459  1.00 46.86  ? 155  VAL A CG1 1 
ATOM   993  C CG2 . VAL A 1 145 ? -6.406  10.088  13.415  1.00 46.04  ? 155  VAL A CG2 1 
ATOM   994  N N   . LYS A 1 146 ? -7.896  11.120  9.199   1.00 34.21  ? 156  LYS A N   1 
ATOM   995  C CA  . LYS A 1 146 ? -7.727  11.361  7.776   1.00 33.93  ? 156  LYS A CA  1 
ATOM   996  C C   . LYS A 1 146 ? -6.278  11.048  7.268   1.00 31.34  ? 156  LYS A C   1 
ATOM   997  O O   . LYS A 1 146 ? -5.295  11.446  7.846   1.00 32.22  ? 156  LYS A O   1 
ATOM   998  C CB  . LYS A 1 146 ? -8.141  12.787  7.414   1.00 36.98  ? 156  LYS A CB  1 
ATOM   999  C CG  . LYS A 1 146 ? -9.652  13.030  7.471   1.00 41.50  ? 156  LYS A CG  1 
ATOM   1000 C CD  . LYS A 1 146 ? -10.104 14.356  6.814   1.00 44.29  ? 156  LYS A CD  1 
ATOM   1001 C CE  . LYS A 1 146 ? -11.440 14.240  6.012   1.00 56.52  ? 156  LYS A CE  1 
ATOM   1002 N NZ  . LYS A 1 146 ? -11.424 13.881  4.484   1.00 54.73  ? 156  LYS A NZ  1 
ATOM   1003 N N   . LYS A 1 147 ? -6.210  10.351  6.152   1.00 30.55  ? 157  LYS A N   1 
ATOM   1004 C CA  . LYS A 1 147 ? -4.964  9.904   5.566   1.00 29.66  ? 157  LYS A CA  1 
ATOM   1005 C C   . LYS A 1 147 ? -5.077  9.967   4.059   1.00 26.57  ? 157  LYS A C   1 
ATOM   1006 O O   . LYS A 1 147 ? -6.106  9.606   3.495   1.00 32.30  ? 157  LYS A O   1 
ATOM   1007 C CB  . LYS A 1 147 ? -4.734  8.445   6.041   1.00 31.14  ? 157  LYS A CB  1 
ATOM   1008 C CG  . LYS A 1 147 ? -3.418  7.765   5.565   1.00 29.78  ? 157  LYS A CG  1 
ATOM   1009 C CD  . LYS A 1 147 ? -3.226  6.404   6.229   1.00 27.62  ? 157  LYS A CD  1 
ATOM   1010 C CE  . LYS A 1 147 ? -1.807  5.879   6.084   1.00 29.32  ? 157  LYS A CE  1 
ATOM   1011 N NZ  . LYS A 1 147 ? -1.604  4.609   6.830   1.00 30.60  ? 157  LYS A NZ  1 
ATOM   1012 N N   . THR A 1 148 ? -4.002  10.354  3.392   1.00 28.68  ? 158  THR A N   1 
ATOM   1013 C CA  . THR A 1 148 ? -3.910  10.371  1.945   1.00 28.24  ? 158  THR A CA  1 
ATOM   1014 C C   . THR A 1 148 ? -2.729  9.447   1.500   1.00 28.37  ? 158  THR A C   1 
ATOM   1015 O O   . THR A 1 148 ? -1.595  9.679   1.852   1.00 31.39  ? 158  THR A O   1 
ATOM   1016 C CB  . THR A 1 148 ? -3.631  11.779  1.457   1.00 29.63  ? 158  THR A CB  1 
ATOM   1017 O OG1 . THR A 1 148 ? -4.607  12.665  1.977   1.00 34.08  ? 158  THR A OG1 1 
ATOM   1018 C CG2 . THR A 1 148 ? -3.709  11.828  -0.027  1.00 33.91  ? 158  THR A CG2 1 
ATOM   1019 N N   . SER A 1 149 ? -3.031  8.423   0.710   1.00 29.69  ? 159  SER A N   1 
ATOM   1020 C CA  . SER A 1 149 ? -2.111  7.356   0.373   1.00 29.09  ? 159  SER A CA  1 
ATOM   1021 C C   . SER A 1 149 ? -1.965  7.241   -1.134  1.00 28.42  ? 159  SER A C   1 
ATOM   1022 O O   . SER A 1 149 ? -2.844  7.668   -1.906  1.00 28.19  ? 159  SER A O   1 
ATOM   1023 C CB  . SER A 1 149 ? -2.633  6.024   0.948   1.00 28.66  ? 159  SER A CB  1 
ATOM   1024 O OG  . SER A 1 149 ? -2.650  6.101   2.352   1.00 28.33  ? 159  SER A OG  1 
ATOM   1025 N N   . TYR A 1 150 ? -0.796  6.761   -1.557  1.00 29.92  ? 160  TYR A N   1 
ATOM   1026 C CA  . TYR A 1 150 ? -0.562  6.409   -2.947  1.00 28.48  ? 160  TYR A CA  1 
ATOM   1027 C C   . TYR A 1 150 ? -0.526  4.908   -2.918  1.00 27.29  ? 160  TYR A C   1 
ATOM   1028 O O   . TYR A 1 150 ? 0.145   4.315   -2.045  1.00 25.64  ? 160  TYR A O   1 
ATOM   1029 C CB  . TYR A 1 150 ? 0.776   6.952   -3.484  1.00 26.64  ? 160  TYR A CB  1 
ATOM   1030 C CG  . TYR A 1 150 ? 1.122   6.540   -4.893  1.00 26.50  ? 160  TYR A CG  1 
ATOM   1031 C CD1 . TYR A 1 150 ? 0.579   7.171   -6.016  1.00 32.88  ? 160  TYR A CD1 1 
ATOM   1032 C CD2 . TYR A 1 150 ? 2.085   5.622   -5.114  1.00 28.10  ? 160  TYR A CD2 1 
ATOM   1033 C CE1 . TYR A 1 150 ? 0.951   6.797   -7.318  1.00 33.40  ? 160  TYR A CE1 1 
ATOM   1034 C CE2 . TYR A 1 150 ? 2.455   5.241   -6.380  1.00 31.70  ? 160  TYR A CE2 1 
ATOM   1035 C CZ  . TYR A 1 150 ? 1.905   5.824   -7.488  1.00 35.89  ? 160  TYR A CZ  1 
ATOM   1036 O OH  . TYR A 1 150 ? 2.412   5.364   -8.688  1.00 42.94  ? 160  TYR A OH  1 
ATOM   1037 N N   . VAL A 1 151 ? -1.241  4.294   -3.859  1.00 27.39  ? 161  VAL A N   1 
ATOM   1038 C CA  . VAL A 1 151 ? -1.227  2.828   -3.996  1.00 26.70  ? 161  VAL A CA  1 
ATOM   1039 C C   . VAL A 1 151 ? -0.754  2.520   -5.381  1.00 29.42  ? 161  VAL A C   1 
ATOM   1040 O O   . VAL A 1 151 ? -1.114  3.257   -6.347  1.00 27.23  ? 161  VAL A O   1 
ATOM   1041 C CB  . VAL A 1 151 ? -2.601  2.183   -3.694  1.00 26.87  ? 161  VAL A CB  1 
ATOM   1042 C CG1 . VAL A 1 151 ? -2.941  2.367   -2.194  1.00 26.61  ? 161  VAL A CG1 1 
ATOM   1043 C CG2 . VAL A 1 151 ? -3.698  2.726   -4.656  1.00 27.42  ? 161  VAL A CG2 1 
ATOM   1044 N N   . GLN A 1 152 ? -0.065  1.391   -5.518  1.00 26.78  ? 162  GLN A N   1 
ATOM   1045 C CA  . GLN A 1 152 ? 0.499   1.030   -6.823  1.00 28.70  ? 162  GLN A CA  1 
ATOM   1046 C C   . GLN A 1 152 ? 0.450   -0.483  -6.994  1.00 29.16  ? 162  GLN A C   1 
ATOM   1047 O O   . GLN A 1 152 ? 0.933   -1.246  -6.154  1.00 27.19  ? 162  GLN A O   1 
ATOM   1048 C CB  . GLN A 1 152 ? 1.949   1.526   -6.957  1.00 29.23  ? 162  GLN A CB  1 
ATOM   1049 C CG  . GLN A 1 152 ? 2.690   1.128   -8.216  1.00 35.28  ? 162  GLN A CG  1 
ATOM   1050 C CD  . GLN A 1 152 ? 4.056   1.833   -8.331  1.00 35.55  ? 162  GLN A CD  1 
ATOM   1051 O OE1 . GLN A 1 152 ? 4.164   3.056   -8.282  1.00 39.81  ? 162  GLN A OE1 1 
ATOM   1052 N NE2 . GLN A 1 152 ? 5.085   1.041   -8.425  1.00 37.59  ? 162  GLN A NE2 1 
ATOM   1053 N N   . LEU A 1 153 ? -0.129  -0.891  -8.093  1.00 25.09  ? 163  LEU A N   1 
ATOM   1054 C CA  . LEU A 1 153 ? -0.182  -2.299  -8.430  1.00 29.21  ? 163  LEU A CA  1 
ATOM   1055 C C   . LEU A 1 153 ? 1.201   -2.811  -8.855  1.00 30.08  ? 163  LEU A C   1 
ATOM   1056 O O   . LEU A 1 153 ? 1.875   -2.229  -9.675  1.00 32.24  ? 163  LEU A O   1 
ATOM   1057 C CB  . LEU A 1 153 ? -1.190  -2.531  -9.574  1.00 34.20  ? 163  LEU A CB  1 
ATOM   1058 C CG  . LEU A 1 153 ? -1.386  -3.976  -10.149 1.00 38.38  ? 163  LEU A CG  1 
ATOM   1059 C CD1 . LEU A 1 153 ? -1.872  -4.977  -9.117  1.00 37.75  ? 163  LEU A CD1 1 
ATOM   1060 C CD2 . LEU A 1 153 ? -2.362  -3.968  -11.315 1.00 38.99  ? 163  LEU A CD2 1 
ATOM   1061 N N   . PHE A 1 154 ? 1.596   -3.935  -8.293  1.00 27.03  ? 164  PHE A N   1 
ATOM   1062 C CA  . PHE A 1 154 ? 2.725   -4.687  -8.730  1.00 27.48  ? 164  PHE A CA  1 
ATOM   1063 C C   . PHE A 1 154 ? 2.174   -5.902  -9.509  1.00 30.73  ? 164  PHE A C   1 
ATOM   1064 O O   . PHE A 1 154 ? 1.776   -6.975  -8.970  1.00 28.73  ? 164  PHE A O   1 
ATOM   1065 C CB  . PHE A 1 154 ? 3.603   -5.128  -7.591  1.00 27.57  ? 164  PHE A CB  1 
ATOM   1066 C CG  . PHE A 1 154 ? 4.809   -5.892  -8.056  1.00 27.97  ? 164  PHE A CG  1 
ATOM   1067 C CD1 . PHE A 1 154 ? 5.815   -5.252  -8.772  1.00 31.10  ? 164  PHE A CD1 1 
ATOM   1068 C CD2 . PHE A 1 154 ? 4.930   -7.229  -7.801  1.00 32.04  ? 164  PHE A CD2 1 
ATOM   1069 C CE1 . PHE A 1 154 ? 6.924   -5.951  -9.224  1.00 33.39  ? 164  PHE A CE1 1 
ATOM   1070 C CE2 . PHE A 1 154 ? 6.065   -7.964  -8.243  1.00 32.46  ? 164  PHE A CE2 1 
ATOM   1071 C CZ  . PHE A 1 154 ? 7.041   -7.317  -8.961  1.00 31.66  ? 164  PHE A CZ  1 
ATOM   1072 N N   A GLN A 1 155 ? 2.147   -5.727  -10.828 0.50 32.55  ? 165  GLN A N   1 
ATOM   1073 N N   B GLN A 1 155 ? 2.171   -5.712  -10.810 0.50 32.17  ? 165  GLN A N   1 
ATOM   1074 C CA  A GLN A 1 155 ? 1.346   -6.587  -11.734 0.50 35.20  ? 165  GLN A CA  1 
ATOM   1075 C CA  B GLN A 1 155 ? 1.372   -6.537  -11.701 0.50 34.87  ? 165  GLN A CA  1 
ATOM   1076 C C   A GLN A 1 155 ? 1.728   -8.062  -11.700 0.50 31.21  ? 165  GLN A C   1 
ATOM   1077 C C   B GLN A 1 155 ? 1.735   -8.038  -11.673 0.50 30.85  ? 165  GLN A C   1 
ATOM   1078 O O   A GLN A 1 155 ? 0.868   -8.894  -11.693 0.50 30.97  ? 165  GLN A O   1 
ATOM   1079 O O   B GLN A 1 155 ? 0.867   -8.865  -11.610 0.50 29.90  ? 165  GLN A O   1 
ATOM   1080 C CB  A GLN A 1 155 ? 1.414   -6.049  -13.184 0.50 39.57  ? 165  GLN A CB  1 
ATOM   1081 C CB  B GLN A 1 155 ? 1.447   -5.925  -13.110 0.50 39.05  ? 165  GLN A CB  1 
ATOM   1082 C CG  A GLN A 1 155 ? 0.520   -6.789  -14.183 0.50 43.58  ? 165  GLN A CG  1 
ATOM   1083 C CG  B GLN A 1 155 ? 0.146   -6.097  -13.853 0.50 43.08  ? 165  GLN A CG  1 
ATOM   1084 C CD  A GLN A 1 155 ? 1.101   -8.086  -14.737 0.50 44.18  ? 165  GLN A CD  1 
ATOM   1085 C CD  B GLN A 1 155 ? -0.053  -5.188  -15.060 0.50 46.06  ? 165  GLN A CD  1 
ATOM   1086 O OE1 A GLN A 1 155 ? 2.325   -8.295  -14.790 0.50 40.47  ? 165  GLN A OE1 1 
ATOM   1087 O OE1 B GLN A 1 155 ? 0.638   -4.156  -15.275 0.50 41.91  ? 165  GLN A OE1 1 
ATOM   1088 N NE2 A GLN A 1 155 ? 0.209   -8.960  -15.189 0.50 46.21  ? 165  GLN A NE2 1 
ATOM   1089 N NE2 B GLN A 1 155 ? -1.040  -5.565  -15.858 0.50 47.29  ? 165  GLN A NE2 1 
ATOM   1090 N N   . PRO A 1 156 ? 3.022   -8.398  -11.620 1.00 31.51  ? 166  PRO A N   1 
ATOM   1091 C CA  . PRO A 1 156 ? 3.291   -9.852  -11.659 1.00 32.34  ? 166  PRO A CA  1 
ATOM   1092 C C   . PRO A 1 156 ? 2.722   -10.685 -10.527 1.00 34.08  ? 166  PRO A C   1 
ATOM   1093 O O   . PRO A 1 156 ? 2.409   -11.878 -10.689 1.00 32.62  ? 166  PRO A O   1 
ATOM   1094 C CB  . PRO A 1 156 ? 4.807   -9.915  -11.656 1.00 33.48  ? 166  PRO A CB  1 
ATOM   1095 C CG  . PRO A 1 156 ? 5.250   -8.645  -12.297 1.00 31.25  ? 166  PRO A CG  1 
ATOM   1096 C CD  . PRO A 1 156 ? 4.257   -7.613  -11.815 1.00 34.31  ? 166  PRO A CD  1 
ATOM   1097 N N   . TRP A 1 157 ? 2.537   -10.076 -9.371  1.00 33.27  ? 167  TRP A N   1 
ATOM   1098 C CA  . TRP A 1 157 ? 1.993   -10.796 -8.234  1.00 30.49  ? 167  TRP A CA  1 
ATOM   1099 C C   . TRP A 1 157 ? 0.580   -10.444 -7.857  1.00 30.13  ? 167  TRP A C   1 
ATOM   1100 O O   . TRP A 1 157 ? 0.054   -11.027 -6.913  1.00 30.72  ? 167  TRP A O   1 
ATOM   1101 C CB  . TRP A 1 157 ? 2.925   -10.590 -7.038  1.00 30.80  ? 167  TRP A CB  1 
ATOM   1102 C CG  . TRP A 1 157 ? 4.247   -11.246 -7.170  1.00 31.11  ? 167  TRP A CG  1 
ATOM   1103 C CD1 . TRP A 1 157 ? 4.611   -12.207 -8.086  1.00 34.20  ? 167  TRP A CD1 1 
ATOM   1104 C CD2 . TRP A 1 157 ? 5.364   -11.075 -6.304  1.00 31.28  ? 167  TRP A CD2 1 
ATOM   1105 N NE1 . TRP A 1 157 ? 5.883   -12.626 -7.840  1.00 34.75  ? 167  TRP A NE1 1 
ATOM   1106 C CE2 . TRP A 1 157 ? 6.374   -11.977 -6.741  1.00 32.54  ? 167  TRP A CE2 1 
ATOM   1107 C CE3 . TRP A 1 157 ? 5.600   -10.295 -5.174  1.00 26.72  ? 167  TRP A CE3 1 
ATOM   1108 C CZ2 . TRP A 1 157 ? 7.631   -12.078 -6.107  1.00 33.85  ? 167  TRP A CZ2 1 
ATOM   1109 C CZ3 . TRP A 1 157 ? 6.836   -10.414 -4.530  1.00 29.46  ? 167  TRP A CZ3 1 
ATOM   1110 C CH2 . TRP A 1 157 ? 7.825   -11.321 -4.986  1.00 32.20  ? 167  TRP A CH2 1 
ATOM   1111 N N   . GLY A 1 158 ? -0.010  -9.466  -8.521  1.00 28.14  ? 168  GLY A N   1 
ATOM   1112 C CA  . GLY A 1 158 ? -1.362  -8.991  -8.185  1.00 27.95  ? 168  GLY A CA  1 
ATOM   1113 C C   . GLY A 1 158 ? -1.405  -8.290  -6.823  1.00 28.01  ? 168  GLY A C   1 
ATOM   1114 O O   . GLY A 1 158 ? -2.408  -8.382  -6.105  1.00 29.67  ? 168  GLY A O   1 
ATOM   1115 N N   . TRP A 1 159 ? -0.320  -7.605  -6.458  1.00 27.64  ? 169  TRP A N   1 
ATOM   1116 C CA  . TRP A 1 159 ? -0.218  -6.974  -5.155  1.00 26.16  ? 169  TRP A CA  1 
ATOM   1117 C C   . TRP A 1 159 ? -0.342  -5.461  -5.267  1.00 29.13  ? 169  TRP A C   1 
ATOM   1118 O O   . TRP A 1 159 ? 0.198   -4.850  -6.202  1.00 31.78  ? 169  TRP A O   1 
ATOM   1119 C CB  . TRP A 1 159 ? 1.130   -7.264  -4.550  1.00 27.34  ? 169  TRP A CB  1 
ATOM   1120 C CG  . TRP A 1 159 ? 1.266   -8.602  -3.968  1.00 27.97  ? 169  TRP A CG  1 
ATOM   1121 C CD1 . TRP A 1 159 ? 0.377   -9.625  -4.014  1.00 27.14  ? 169  TRP A CD1 1 
ATOM   1122 C CD2 . TRP A 1 159 ? 2.350   -9.057  -3.172  1.00 26.70  ? 169  TRP A CD2 1 
ATOM   1123 N NE1 . TRP A 1 159 ? 0.858   -10.711 -3.329  1.00 26.95  ? 169  TRP A NE1 1 
ATOM   1124 C CE2 . TRP A 1 159 ? 2.052   -10.387 -2.781  1.00 28.28  ? 169  TRP A CE2 1 
ATOM   1125 C CE3 . TRP A 1 159 ? 3.526   -8.458  -2.711  1.00 29.98  ? 169  TRP A CE3 1 
ATOM   1126 C CZ2 . TRP A 1 159 ? 2.912   -11.151 -2.009  1.00 29.33  ? 169  TRP A CZ2 1 
ATOM   1127 C CZ3 . TRP A 1 159 ? 4.379   -9.182  -1.936  1.00 29.57  ? 169  TRP A CZ3 1 
ATOM   1128 C CH2 . TRP A 1 159 ? 4.070   -10.546 -1.573  1.00 30.08  ? 169  TRP A CH2 1 
ATOM   1129 N N   . ILE A 1 160 ? -1.070  -4.848  -4.343  1.00 26.08  ? 170  ILE A N   1 
ATOM   1130 C CA  . ILE A 1 160 ? -1.099  -3.398  -4.244  1.00 27.63  ? 170  ILE A CA  1 
ATOM   1131 C C   . ILE A 1 160 ? -0.170  -2.972  -3.094  1.00 27.05  ? 170  ILE A C   1 
ATOM   1132 O O   . ILE A 1 160 ? -0.388  -3.402  -1.933  1.00 24.14  ? 170  ILE A O   1 
ATOM   1133 C CB  . ILE A 1 160 ? -2.514  -2.902  -3.979  1.00 28.48  ? 170  ILE A CB  1 
ATOM   1134 C CG1 . ILE A 1 160 ? -3.398  -3.200  -5.176  1.00 31.18  ? 170  ILE A CG1 1 
ATOM   1135 C CG2 . ILE A 1 160 ? -2.476  -1.406  -3.663  1.00 29.42  ? 170  ILE A CG2 1 
ATOM   1136 C CD1 . ILE A 1 160 ? -4.916  -3.084  -4.903  1.00 34.01  ? 170  ILE A CD1 1 
ATOM   1137 N N   . LEU A 1 161 ? 0.856   -2.180  -3.391  1.00 25.09  ? 171  LEU A N   1 
ATOM   1138 C CA  . LEU A 1 161 ? 1.699   -1.602  -2.341  1.00 26.10  ? 171  LEU A CA  1 
ATOM   1139 C C   . LEU A 1 161 ? 1.207   -0.212  -2.064  1.00 26.42  ? 171  LEU A C   1 
ATOM   1140 O O   . LEU A 1 161 ? 1.056   0.615   -2.969  1.00 26.09  ? 171  LEU A O   1 
ATOM   1141 C CB  . LEU A 1 161 ? 3.182   -1.538  -2.777  1.00 25.41  ? 171  LEU A CB  1 
ATOM   1142 C CG  . LEU A 1 161 ? 4.239   -0.927  -1.886  1.00 29.13  ? 171  LEU A CG  1 
ATOM   1143 C CD1 . LEU A 1 161 ? 4.389   -1.762  -0.667  1.00 27.29  ? 171  LEU A CD1 1 
ATOM   1144 C CD2 . LEU A 1 161 ? 5.570   -0.922  -2.647  1.00 30.97  ? 171  LEU A CD2 1 
ATOM   1145 N N   . GLY A 1 162 ? 1.102   0.127   -0.794  1.00 24.16  ? 172  GLY A N   1 
ATOM   1146 C CA  . GLY A 1 162 ? 0.547   1.421   -0.397  1.00 23.45  ? 172  GLY A CA  1 
ATOM   1147 C C   . GLY A 1 162 ? 1.348   2.050   0.731   1.00 27.04  ? 172  GLY A C   1 
ATOM   1148 O O   . GLY A 1 162 ? 1.991   1.359   1.532   1.00 24.84  ? 172  GLY A O   1 
ATOM   1149 N N   . SER A 1 163 ? 1.323   3.380   0.752   1.00 25.37  ? 173  SER A N   1 
ATOM   1150 C CA  . SER A 1 163 ? 1.776   4.157   1.895   1.00 26.74  ? 173  SER A CA  1 
ATOM   1151 C C   . SER A 1 163 ? 1.010   5.480   1.896   1.00 27.35  ? 173  SER A C   1 
ATOM   1152 O O   . SER A 1 163 ? 0.617   5.968   0.849   1.00 26.19  ? 173  SER A O   1 
ATOM   1153 C CB  . SER A 1 163 ? 3.269   4.438   1.874   1.00 27.30  ? 173  SER A CB  1 
ATOM   1154 O OG  . SER A 1 163 ? 3.653   5.053   3.100   1.00 26.17  ? 173  SER A OG  1 
ATOM   1155 N N   . GLY A 1 164 ? 0.778   6.027   3.075   1.00 26.45  ? 174  GLY A N   1 
ATOM   1156 C CA  . GLY A 1 164 ? 0.191   7.353   3.157   1.00 29.29  ? 174  GLY A CA  1 
ATOM   1157 C C   . GLY A 1 164 ? 0.653   8.193   4.326   1.00 30.80  ? 174  GLY A C   1 
ATOM   1158 O O   . GLY A 1 164 ? 1.437   7.742   5.213   1.00 30.79  ? 174  GLY A O   1 
ATOM   1159 N N   . VAL A 1 165 ? 0.147   9.421   4.315   1.00 31.91  ? 175  VAL A N   1 
ATOM   1160 C CA  . VAL A 1 165 ? 0.427   10.360  5.402   1.00 32.99  ? 175  VAL A CA  1 
ATOM   1161 C C   . VAL A 1 165 ? -0.838  10.904  6.048   1.00 32.18  ? 175  VAL A C   1 
ATOM   1162 O O   . VAL A 1 165 ? -1.805  11.239  5.342   1.00 28.73  ? 175  VAL A O   1 
ATOM   1163 C CB  . VAL A 1 165 ? 1.350   11.526  4.924   1.00 41.50  ? 175  VAL A CB  1 
ATOM   1164 C CG1 . VAL A 1 165 ? 2.727   10.975  4.554   1.00 45.35  ? 175  VAL A CG1 1 
ATOM   1165 C CG2 . VAL A 1 165 ? 0.775   12.252  3.740   1.00 43.02  ? 175  VAL A CG2 1 
ATOM   1166 N N   . TYR A 1 166 ? -0.798  11.039  7.375   1.00 34.14  ? 176  TYR A N   1 
ATOM   1167 C CA  . TYR A 1 166 ? -1.954  11.453  8.167   1.00 37.09  ? 176  TYR A CA  1 
ATOM   1168 C C   . TYR A 1 166 ? -2.069  12.985  8.160   1.00 40.15  ? 176  TYR A C   1 
ATOM   1169 O O   . TYR A 1 166 ? -1.062  13.701  8.182   1.00 41.09  ? 176  TYR A O   1 
ATOM   1170 C CB  . TYR A 1 166 ? -1.837  10.924  9.602   1.00 34.62  ? 176  TYR A CB  1 
ATOM   1171 C CG  . TYR A 1 166 ? -1.910  9.409   9.658   1.00 34.00  ? 176  TYR A CG  1 
ATOM   1172 C CD1 . TYR A 1 166 ? -3.128  8.775   9.711   1.00 32.82  ? 176  TYR A CD1 1 
ATOM   1173 C CD2 . TYR A 1 166 ? -0.752  8.618   9.671   1.00 32.38  ? 176  TYR A CD2 1 
ATOM   1174 C CE1 . TYR A 1 166 ? -3.225  7.395   9.803   1.00 33.00  ? 176  TYR A CE1 1 
ATOM   1175 C CE2 . TYR A 1 166 ? -0.839  7.239   9.715   1.00 31.26  ? 176  TYR A CE2 1 
ATOM   1176 C CZ  . TYR A 1 166 ? -2.079  6.638   9.741   1.00 31.94  ? 176  TYR A CZ  1 
ATOM   1177 O OH  . TYR A 1 166 ? -2.195  5.282   9.814   1.00 33.43  ? 176  TYR A OH  1 
ATOM   1178 N N   . VAL A 1 167 ? -3.293  13.475  8.146   1.00 45.77  ? 177  VAL A N   1 
ATOM   1179 C CA  . VAL A 1 167 ? -3.545  14.922  8.034   1.00 54.03  ? 177  VAL A CA  1 
ATOM   1180 C C   . VAL A 1 167 ? -2.816  15.772  9.084   1.00 52.54  ? 177  VAL A C   1 
ATOM   1181 O O   . VAL A 1 167 ? -2.380  16.845  8.781   1.00 56.44  ? 177  VAL A O   1 
ATOM   1182 C CB  . VAL A 1 167 ? -5.034  15.222  8.136   1.00 56.32  ? 177  VAL A CB  1 
ATOM   1183 C CG1 . VAL A 1 167 ? -5.578  14.843  9.527   1.00 51.74  ? 177  VAL A CG1 1 
ATOM   1184 C CG2 . VAL A 1 167 ? -5.281  16.695  7.833   1.00 57.52  ? 177  VAL A CG2 1 
ATOM   1185 N N   . ASP A 1 168 ? -2.659  15.254  10.287  1.00 58.84  ? 178  ASP A N   1 
ATOM   1186 C CA  . ASP A 1 168 ? -1.646  15.775  11.231  1.00 74.07  ? 178  ASP A CA  1 
ATOM   1187 C C   . ASP A 1 168 ? -0.446  14.817  11.387  1.00 69.41  ? 178  ASP A C   1 
ATOM   1188 O O   . ASP A 1 168 ? 0.647   15.070  10.883  1.00 73.52  ? 178  ASP A O   1 
ATOM   1189 C CB  . ASP A 1 168 ? -2.273  15.986  12.597  1.00 77.60  ? 178  ASP A CB  1 
ATOM   1190 C CG  . ASP A 1 168 ? -3.046  14.748  13.077  1.00 85.25  ? 178  ASP A CG  1 
ATOM   1191 O OD1 . ASP A 1 168 ? -2.431  13.723  13.435  1.00 84.68  ? 178  ASP A OD1 1 
ATOM   1192 O OD2 . ASP A 1 168 ? -4.285  14.779  13.041  1.00 87.19  ? 178  ASP A OD2 1 
HETATM 1193 C C3  . UNL B 2 .   ? -3.463  1.816   5.875   1.00 29.06  ? 1179 UNL A C3  1 
HETATM 1194 C C1  . UNL B 2 .   ? -4.141  -0.331  5.017   1.00 36.39  ? 1179 UNL A C1  1 
HETATM 1195 C C2  . UNL B 2 .   ? -4.483  1.115   4.975   1.00 30.51  ? 1179 UNL A C2  1 
HETATM 1196 O O5  . UNL B 2 .   ? -2.738  1.246   6.760   1.00 28.02  ? 1179 UNL A O5  1 
HETATM 1197 O O4  . UNL B 2 .   ? -3.455  3.039   5.596   1.00 28.63  ? 1179 UNL A O4  1 
HETATM 1198 C C1  . PGE C 3 .   ? 19.193  -15.444 4.243   0.50 66.06  ? 1180 PGE A C1  1 
HETATM 1199 O O1  . PGE C 3 .   ? 18.920  -15.924 5.563   0.50 66.29  ? 1180 PGE A O1  1 
HETATM 1200 C C2  . PGE C 3 .   ? 18.113  -14.458 3.810   0.50 66.42  ? 1180 PGE A C2  1 
HETATM 1201 O O2  . PGE C 3 .   ? 17.897  -14.598 2.403   0.50 62.68  ? 1180 PGE A O2  1 
HETATM 1202 C C3  . PGE C 3 .   ? 17.893  -13.359 1.691   0.50 58.20  ? 1180 PGE A C3  1 
HETATM 1203 C C4  . PGE C 3 .   ? 18.545  -13.501 0.297   0.50 57.10  ? 1180 PGE A C4  1 
HETATM 1204 O O4  . PGE C 3 .   ? 18.507  -16.918 -2.930  0.50 58.93  ? 1180 PGE A O4  1 
HETATM 1205 C C6  . PGE C 3 .   ? 18.231  -16.302 -1.665  0.50 58.17  ? 1180 PGE A C6  1 
HETATM 1206 C C5  . PGE C 3 .   ? 18.453  -14.787 -1.718  0.50 58.66  ? 1180 PGE A C5  1 
HETATM 1207 O O3  . PGE C 3 .   ? 17.709  -14.142 -0.666  0.50 52.54  ? 1180 PGE A O3  1 
HETATM 1208 O O   . HOH D 4 .   ? -6.079  27.323  -1.338  1.00 41.95  ? 2001 HOH A O   1 
HETATM 1209 O O   . HOH D 4 .   ? -2.104  17.345  -14.690 1.00 50.46  ? 2002 HOH A O   1 
HETATM 1210 O O   . HOH D 4 .   ? 4.679   10.159  1.757   1.00 42.11  ? 2003 HOH A O   1 
HETATM 1211 O O   . HOH D 4 .   ? 0.128   11.275  0.390   1.00 31.88  ? 2004 HOH A O   1 
HETATM 1212 O O   . HOH D 4 .   ? 6.537   -2.284  -10.918 1.00 52.66  ? 2005 HOH A O   1 
HETATM 1213 O O   . HOH D 4 .   ? 12.280  0.788   -7.000  1.00 27.11  ? 2006 HOH A O   1 
HETATM 1214 O O   . HOH D 4 .   ? 10.201  2.580   -9.441  1.00 41.63  ? 2007 HOH A O   1 
HETATM 1215 O O   . HOH D 4 .   ? 9.202   -1.633  -8.782  1.00 44.88  ? 2008 HOH A O   1 
HETATM 1216 O O   . HOH D 4 .   ? 7.585   1.916   -9.352  1.00 42.20  ? 2009 HOH A O   1 
HETATM 1217 O O   . HOH D 4 .   ? 16.454  -9.778  -9.074  1.00 35.24  ? 2010 HOH A O   1 
HETATM 1218 O O   . HOH D 4 .   ? 12.728  -20.800 -3.006  1.00 44.40  ? 2011 HOH A O   1 
HETATM 1219 O O   . HOH D 4 .   ? 6.704   -22.370 -3.179  1.00 40.90  ? 2012 HOH A O   1 
HETATM 1220 O O   . HOH D 4 .   ? 7.716   -20.522 -8.227  1.00 50.55  ? 2013 HOH A O   1 
HETATM 1221 O O   . HOH D 4 .   ? 0.666   -13.380 -5.819  1.00 37.79  ? 2014 HOH A O   1 
HETATM 1222 O O   . HOH D 4 .   ? 2.985   -21.480 -7.067  1.00 46.42  ? 2015 HOH A O   1 
HETATM 1223 O O   . HOH D 4 .   ? 11.337  -16.765 1.915   1.00 43.60  ? 2016 HOH A O   1 
HETATM 1224 O O   . HOH D 4 .   ? -11.482 7.760   -4.061  1.00 42.30  ? 2017 HOH A O   1 
HETATM 1225 O O   . HOH D 4 .   ? 15.294  -13.187 5.623   1.00 45.42  ? 2018 HOH A O   1 
HETATM 1226 O O   . HOH D 4 .   ? 12.996  -3.708  6.727   1.00 36.52  ? 2019 HOH A O   1 
HETATM 1227 O O   . HOH D 4 .   ? -4.200  9.133   17.030  1.00 52.06  ? 2020 HOH A O   1 
HETATM 1228 O O   . HOH D 4 .   ? 6.484   -0.539  6.311   1.00 27.74  ? 2021 HOH A O   1 
HETATM 1229 O O   . HOH D 4 .   ? 7.103   -3.498  11.429  1.00 39.74  ? 2022 HOH A O   1 
HETATM 1230 O O   . HOH D 4 .   ? 1.855   6.082   7.264   1.00 29.75  ? 2023 HOH A O   1 
HETATM 1231 O O   . HOH D 4 .   ? 1.933   10.740  8.609   1.00 34.16  ? 2024 HOH A O   1 
HETATM 1232 O O   . HOH D 4 .   ? 0.944   4.295   5.582   1.00 29.40  ? 2025 HOH A O   1 
HETATM 1233 O O   . HOH D 4 .   ? -1.519  2.362   11.526  1.00 35.39  ? 2026 HOH A O   1 
HETATM 1234 O O   . HOH D 4 .   ? -2.332  -12.775 -3.645  1.00 40.99  ? 2027 HOH A O   1 
HETATM 1235 O O   . HOH D 4 .   ? -4.667  -10.501 -6.451  1.00 35.45  ? 2028 HOH A O   1 
HETATM 1236 O O   . HOH D 4 .   ? -10.215 -8.762  -8.399  1.00 51.41  ? 2029 HOH A O   1 
HETATM 1237 O O   . HOH D 4 .   ? -1.272  -0.175  15.535  1.00 46.90  ? 2030 HOH A O   1 
HETATM 1238 O O   . HOH D 4 .   ? -11.447 -13.190 6.069   1.00 34.52  ? 2031 HOH A O   1 
HETATM 1239 O O   . HOH D 4 .   ? -12.868 -2.294  1.676   1.00 29.83  ? 2032 HOH A O   1 
HETATM 1240 O O   . HOH D 4 .   ? -17.571 -8.581  0.115   1.00 51.53  ? 2033 HOH A O   1 
HETATM 1241 O O   . HOH D 4 .   ? -15.323 2.341   10.481  1.00 51.89  ? 2034 HOH A O   1 
HETATM 1242 O O   . HOH D 4 .   ? -12.851 8.947   4.427   1.00 29.61  ? 2035 HOH A O   1 
HETATM 1243 O O   . HOH D 4 .   ? -17.284 8.373   1.351   1.00 54.55  ? 2036 HOH A O   1 
HETATM 1244 O O   . HOH D 4 .   ? -17.811 6.052   -0.252  1.00 49.92  ? 2037 HOH A O   1 
HETATM 1245 O O   . HOH D 4 .   ? -16.513 3.713   -0.892  1.00 31.14  ? 2038 HOH A O   1 
HETATM 1246 O O   . HOH D 4 .   ? -13.225 -3.327  -5.956  1.00 36.29  ? 2039 HOH A O   1 
HETATM 1247 O O   . HOH D 4 .   ? -11.656 3.879   -6.262  1.00 37.20  ? 2040 HOH A O   1 
HETATM 1248 O O   . HOH D 4 .   ? -14.711 3.431   -7.146  1.00 40.13  ? 2041 HOH A O   1 
HETATM 1249 O O   . HOH D 4 .   ? -14.013 6.876   -4.812  1.00 39.99  ? 2042 HOH A O   1 
HETATM 1250 O O   . HOH D 4 .   ? -12.081 -0.470  -11.797 1.00 43.22  ? 2043 HOH A O   1 
HETATM 1251 O O   . HOH D 4 .   ? -12.037 4.920   -13.854 1.00 44.03  ? 2044 HOH A O   1 
HETATM 1252 O O   . HOH D 4 .   ? 0.657   4.068   -13.621 1.00 60.07  ? 2045 HOH A O   1 
HETATM 1253 O O   . HOH D 4 .   ? -4.792  9.521   -8.360  1.00 40.41  ? 2046 HOH A O   1 
HETATM 1254 O O   . HOH D 4 .   ? -7.486  9.009   -9.851  1.00 46.88  ? 2047 HOH A O   1 
HETATM 1255 O O   . HOH D 4 .   ? -7.915  8.595   -7.037  1.00 51.49  ? 2048 HOH A O   1 
HETATM 1256 O O   . HOH D 4 .   ? -10.536 8.729   -1.725  1.00 28.97  ? 2049 HOH A O   1 
HETATM 1257 O O   . HOH D 4 .   ? -10.819 10.880  4.938   1.00 33.95  ? 2050 HOH A O   1 
HETATM 1258 O O   . HOH D 4 .   ? -11.021 3.062   9.205   1.00 41.62  ? 2051 HOH A O   1 
HETATM 1259 O O   . HOH D 4 .   ? -5.259  7.144   15.416  1.00 44.05  ? 2052 HOH A O   1 
HETATM 1260 O O   . HOH D 4 .   ? 1.509   11.452  11.507  1.00 48.19  ? 2053 HOH A O   1 
HETATM 1261 O O   . HOH D 4 .   ? -8.694  13.333  10.922  1.00 39.70  ? 2054 HOH A O   1 
HETATM 1262 O O   . HOH D 4 .   ? 4.675   -1.753  -9.029  1.00 36.60  ? 2055 HOH A O   1 
HETATM 1263 O O   . HOH D 4 .   ? 3.754   -3.768  -11.984 1.00 35.12  ? 2056 HOH A O   1 
HETATM 1264 O O   . HOH D 4 .   ? -1.817  -8.151  -11.472 1.00 43.65  ? 2057 HOH A O   1 
HETATM 1265 O O   . HOH D 4 .   ? -2.621  -12.153 -6.226  1.00 38.33  ? 2058 HOH A O   1 
HETATM 1266 O O   . HOH D 4 .   ? -0.201  -13.564 -2.440  1.00 41.97  ? 2059 HOH A O   1 
# 
